data_5AA2
#
_entry.id   5AA2
#
_cell.length_a   65.585
_cell.length_b   135.652
_cell.length_c   137.459
_cell.angle_alpha   90.00
_cell.angle_beta   92.06
_cell.angle_gamma   90.00
#
_symmetry.space_group_name_H-M   'P 1 21 1'
#
loop_
_entity.id
_entity.type
_entity.pdbx_description
1 polymer 'MEMBRANE-BOUND LYTIC MUREIN TRANSGLYCOSYLASE F'
2 polymer 'MEMBRANE-BOUND LYTIC MUREIN TRANSGLYCOSYLASE F'
3 polymer 'MEMBRANE-BOUND LYTIC MUREIN TRANSGLYCOSYLASE F'
4 polymer 'N-ACETYLGLUCOSAMINE-1,6-ANHYDRO-N-ACETYLMURAMIC ACID L-ALA-D-GLU-M-DAP-D-ALA-D-ALA'
5 non-polymer 'CHLORIDE ION'
6 water water
#
loop_
_entity_poly.entity_id
_entity_poly.type
_entity_poly.pdbx_seq_one_letter_code
_entity_poly.pdbx_strand_id
1 'polypeptide(L)'
;MAPSRLCVYCADVCPDRLRCAAWLLATGIFLLLAGCSEAKAPTALERVQKEGVLRVITRNSPATYFQDRNGETGFEYELA
KRFAERLGVELKIETADNLDDLYAQLSREGGPALAAAGLTPGREDDASVRYSHTYLDVTPQIIYRNGQQRPTRPEDLVGK
RIMVLKGSSHAEQLAELKKQYPELKYEESDAVEVVDLLRMVDVGDIDLTLVDSNELAMNQVYFPNVRVAFDFGEARGLAW
ALPGGDDDSLMNEVNAFLDQAKKEGLLQRLKDRYYGHVDVLGYVGAYTFTQHLQQRLPRYESHFKQSGKQKDTDWRLLAA
IGYQESLWQPGATSKTGVRGLMMLTNRTAQAMGVSNRLDPKQSIQGGSKYFVQIRSELPESIKEPDRSWFALAAYNIGGA
HLEDARKMAEKEGLNPNKWLDVKKMLPRLAQKQWYAKTRYGYARGGETVHFVQNVRRYYDILTWVTQSQMEGSQIAESGL
HLPGVNKTRPEEDSGDEKL
;
A,C
2 'polypeptide(L)'
;MAPSRLCVYCADVCPDRLRCAAWLLATGIFLLLAGCSEAKAPTALERVQKEGVLRVITRNSPATYFQDRNGETGFEYELA
KRFAERLGVELKIETADNLDDLYAQLSREGGPALAAAGLTPGREDDASVRYSHTYLDVTPQIIYRNGQQRPTRPEDLVGK
RIMVLKGSSHAEQLAELKKQYPPLKYEESDAVEVVDLLRMVDVGDIDLTLVDSNELAMNQVYFPNVRVAFDFGEARGLAW
ALPGGDDDSLMNEVNAFLDQAKKEGLLQRLKDRYYGHVDVLGYVGAYTFTQHLQQRLPRYESHFKQSGKQKDTDWRLLAA
IGYQESLWQPGATSKTGVRGLMMLTNRTAQAMGVSNRLDPKQSIQGGSKYFVQIRSELPESIKEPDRSWFALAAYNIGGA
HLEDARKMAEKEGLNPNKWLDVKKMLPRLAQKQWYAKTRYGYARGGETVHFVQNVRRYYDILTWVTQPQMEGSQIAESGL
HLPGVNKTRPEEDSGDEKL
;
B
3 'polypeptide(L)'
;MAPSRLCVYCADVCPDRLRCAAWLLATGIFLLLAGCSEAKAPTALERVQKEGVLRVITRNSPATYFQDRNGETGFEYELA
KRFAERLGVELKIETADNLDDLYAQLSREGGPALAAAGLTPGRDDDASVRYSHTYLDVTPQIIYRNGQQRPTRPEDLVGK
RIMVLKGSSHAEQLAELKKQYPELKYEESDAVEVVDLLRMVDVGDIDLTLVDSNELAMNQVYFPNVRVAFDFGEARGLAW
ALPGGDDDSLMNEVNAFLDQAKKEGLLQRLKDRYYGHVDVLGYVGAYTFTQHLQQRLPRYESHFKQSGKQKDTDWRLLAA
IGYQESLWQPGATSKTGVRGLMMLTNRTAQAMGVSNRLDPKQSIQGGSKYFVQIRSELPESIKEPDRSWFALAAYNIGGA
HLEDARKMAEKEGLNPNKWLDVKKMLPRLAQKQWYAKTRYGYARGGETVHFVQNVRRYYDILTWVTQPQMEGSQIAESGL
HLPGVNKTRPEEDSGDEKL
;
D
4 'polypeptide(L)' (AH0)A(DGL)(API)(DAL)(DAL) E
#
loop_
_chem_comp.id
_chem_comp.type
_chem_comp.name
_chem_comp.formula
AH0 non-polymer '2-(2-ACETYLAMINO-4-HYDROXY-6,8-DIOXA-BICYCLO[3.2.1]OCT-3-YLOXY)-PROPIONIC ACID' 'C11 H17 N O7'
CL non-polymer 'CHLORIDE ION' 'Cl -1'
#
# COMPACT_ATOMS: atom_id res chain seq x y z
N LYS A 50 44.31 2.64 -9.84
CA LYS A 50 44.52 1.26 -10.24
C LYS A 50 43.56 0.87 -11.37
N GLU A 51 44.03 0.09 -12.34
CA GLU A 51 43.16 -0.41 -13.39
C GLU A 51 42.30 -1.53 -12.79
N GLY A 52 42.51 -2.78 -13.21
CA GLY A 52 41.75 -3.89 -12.69
C GLY A 52 40.33 -3.86 -13.22
N VAL A 53 40.12 -3.07 -14.27
CA VAL A 53 38.81 -2.99 -14.91
C VAL A 53 38.96 -3.21 -16.41
N LEU A 54 38.17 -4.15 -16.93
CA LEU A 54 38.14 -4.40 -18.37
C LEU A 54 37.03 -3.57 -18.98
N ARG A 55 37.41 -2.59 -19.80
CA ARG A 55 36.44 -1.75 -20.47
C ARG A 55 35.99 -2.39 -21.79
N VAL A 56 34.73 -2.82 -21.84
CA VAL A 56 34.21 -3.47 -23.05
C VAL A 56 33.10 -2.65 -23.70
N ILE A 57 33.34 -2.23 -24.94
CA ILE A 57 32.35 -1.45 -25.68
C ILE A 57 31.41 -2.40 -26.48
N THR A 58 30.11 -2.12 -26.42
CA THR A 58 29.14 -2.96 -27.09
C THR A 58 27.95 -2.15 -27.57
N ARG A 59 26.97 -2.84 -28.13
CA ARG A 59 25.69 -2.21 -28.52
C ARG A 59 24.67 -2.41 -27.42
N ASN A 60 23.85 -1.41 -27.17
CA ASN A 60 22.68 -1.62 -26.35
C ASN A 60 21.57 -2.16 -27.25
N SER A 61 21.38 -3.47 -27.16
CA SER A 61 20.50 -4.23 -28.04
C SER A 61 20.17 -5.56 -27.38
N PRO A 62 19.00 -6.13 -27.71
CA PRO A 62 18.55 -7.42 -27.14
C PRO A 62 19.55 -8.58 -27.29
N ALA A 63 20.43 -8.54 -28.28
CA ALA A 63 21.37 -9.63 -28.51
C ALA A 63 22.71 -9.43 -27.81
N THR A 64 23.13 -8.19 -27.63
CA THR A 64 24.44 -7.95 -27.10
C THR A 64 24.41 -7.62 -25.62
N TYR A 65 23.71 -6.55 -25.27
CA TYR A 65 23.69 -6.09 -23.89
C TYR A 65 22.50 -5.18 -23.63
N PHE A 66 21.92 -5.31 -22.45
CA PHE A 66 20.78 -4.48 -22.08
C PHE A 66 20.39 -4.73 -20.63
N GLN A 67 19.46 -3.92 -20.13
CA GLN A 67 19.01 -4.03 -18.76
C GLN A 67 17.60 -4.67 -18.64
N ASP A 68 17.48 -5.73 -17.85
CA ASP A 68 16.16 -6.28 -17.56
C ASP A 68 15.81 -6.05 -16.09
N ARG A 69 14.74 -6.67 -15.63
CA ARG A 69 14.27 -6.40 -14.28
C ARG A 69 15.30 -6.82 -13.22
N ASN A 70 16.32 -7.58 -13.63
CA ASN A 70 17.30 -8.09 -12.67
C ASN A 70 18.68 -7.46 -12.82
N GLY A 71 18.80 -6.45 -13.69
CA GLY A 71 20.08 -5.85 -13.99
C GLY A 71 20.68 -6.38 -15.28
N GLU A 72 21.93 -6.03 -15.56
CA GLU A 72 22.56 -6.27 -16.87
C GLU A 72 22.47 -7.73 -17.33
N THR A 73 22.33 -7.91 -18.62
CA THR A 73 22.18 -9.23 -19.23
C THR A 73 22.48 -9.13 -20.73
N GLY A 74 22.48 -10.28 -21.39
CA GLY A 74 22.76 -10.31 -22.82
C GLY A 74 23.89 -11.29 -23.11
N PHE A 75 23.78 -11.99 -24.23
CA PHE A 75 24.83 -12.91 -24.68
C PHE A 75 26.22 -12.27 -24.59
N GLU A 76 26.39 -11.12 -25.23
CA GLU A 76 27.67 -10.41 -25.15
C GLU A 76 28.09 -10.09 -23.72
N TYR A 77 27.22 -9.44 -22.96
CA TYR A 77 27.51 -9.11 -21.59
C TYR A 77 27.97 -10.30 -20.78
N GLU A 78 27.20 -11.38 -20.80
CA GLU A 78 27.51 -12.50 -19.93
C GLU A 78 28.85 -13.12 -20.32
N LEU A 79 29.06 -13.29 -21.62
CA LEU A 79 30.31 -13.82 -22.11
C LEU A 79 31.48 -12.95 -21.70
N ALA A 80 31.34 -11.63 -21.80
CA ALA A 80 32.40 -10.71 -21.40
C ALA A 80 32.62 -10.68 -19.88
N LYS A 81 31.58 -10.93 -19.09
CA LYS A 81 31.78 -10.94 -17.63
C LYS A 81 32.52 -12.21 -17.23
N ARG A 82 32.15 -13.35 -17.82
CA ARG A 82 32.86 -14.62 -17.58
C ARG A 82 34.34 -14.45 -17.87
N PHE A 83 34.65 -13.74 -18.95
CA PHE A 83 36.03 -13.38 -19.29
C PHE A 83 36.70 -12.50 -18.23
N ALA A 84 36.06 -11.38 -17.88
CA ALA A 84 36.56 -10.52 -16.80
C ALA A 84 36.83 -11.29 -15.51
N GLU A 85 35.92 -12.20 -15.17
CA GLU A 85 36.09 -13.07 -14.01
C GLU A 85 37.36 -13.90 -14.17
N ARG A 86 37.60 -14.43 -15.37
CA ARG A 86 38.81 -15.17 -15.62
C ARG A 86 40.06 -14.34 -15.32
N LEU A 87 40.11 -13.11 -15.81
CA LEU A 87 41.26 -12.23 -15.65
C LEU A 87 41.42 -11.65 -14.25
N GLY A 88 40.37 -11.73 -13.44
CA GLY A 88 40.41 -11.21 -12.08
C GLY A 88 40.40 -9.70 -12.06
N VAL A 89 39.45 -9.13 -12.81
CA VAL A 89 39.27 -7.71 -12.95
C VAL A 89 37.78 -7.42 -12.94
N GLU A 90 37.40 -6.15 -12.83
CA GLU A 90 35.98 -5.79 -12.84
C GLU A 90 35.54 -5.34 -14.22
N LEU A 91 34.38 -5.81 -14.66
CA LEU A 91 33.87 -5.46 -15.99
C LEU A 91 33.22 -4.08 -16.03
N LYS A 92 33.56 -3.27 -17.01
CA LYS A 92 32.88 -2.00 -17.20
C LYS A 92 32.29 -1.96 -18.61
N ILE A 93 30.97 -2.05 -18.70
CA ILE A 93 30.36 -1.95 -20.01
C ILE A 93 30.20 -0.52 -20.44
N GLU A 94 30.58 -0.23 -21.69
CA GLU A 94 30.32 1.04 -22.32
C GLU A 94 29.55 0.77 -23.61
N THR A 95 28.52 1.56 -23.89
CA THR A 95 27.72 1.36 -25.10
C THR A 95 28.05 2.44 -26.13
N ALA A 96 27.87 2.12 -27.40
CA ALA A 96 28.21 3.06 -28.46
C ALA A 96 26.93 3.53 -29.14
N ASP A 97 26.94 4.76 -29.65
CA ASP A 97 25.75 5.35 -30.24
C ASP A 97 25.35 4.60 -31.50
N ASN A 98 26.34 4.28 -32.32
CA ASN A 98 26.18 3.56 -33.56
C ASN A 98 27.42 2.74 -33.78
N LEU A 99 27.46 1.95 -34.84
CA LEU A 99 28.67 1.20 -35.14
C LEU A 99 29.85 2.09 -35.53
N ASP A 100 29.61 3.19 -36.23
CA ASP A 100 30.73 4.06 -36.60
C ASP A 100 31.40 4.58 -35.32
N ASP A 101 30.58 4.92 -34.33
CA ASP A 101 31.08 5.40 -33.06
C ASP A 101 31.77 4.29 -32.30
N LEU A 102 31.20 3.08 -32.36
CA LEU A 102 31.81 1.95 -31.71
C LEU A 102 33.24 1.77 -32.19
N TYR A 103 33.43 1.77 -33.51
CA TYR A 103 34.78 1.61 -34.06
C TYR A 103 35.65 2.86 -33.81
N ALA A 104 35.08 4.04 -33.93
CA ALA A 104 35.82 5.25 -33.56
C ALA A 104 36.35 5.15 -32.13
N GLN A 105 35.48 4.75 -31.21
CA GLN A 105 35.87 4.57 -29.83
C GLN A 105 36.99 3.55 -29.70
N LEU A 106 36.87 2.45 -30.44
CA LEU A 106 37.72 1.29 -30.19
C LEU A 106 39.16 1.53 -30.58
N SER A 107 39.41 2.51 -31.44
CA SER A 107 40.75 2.64 -32.01
C SER A 107 41.43 3.94 -31.64
N ARG A 108 40.75 4.79 -30.88
CA ARG A 108 41.41 6.00 -30.40
C ARG A 108 41.98 5.71 -29.01
N GLU A 109 43.23 6.10 -28.80
CA GLU A 109 43.75 6.04 -27.44
C GLU A 109 43.02 7.15 -26.69
N GLY A 110 42.47 6.83 -25.52
CA GLY A 110 42.38 5.48 -25.00
C GLY A 110 41.26 5.50 -23.98
N GLY A 111 40.21 4.71 -24.20
CA GLY A 111 40.15 3.83 -25.35
C GLY A 111 39.93 2.43 -24.80
N PRO A 112 38.74 1.87 -25.03
CA PRO A 112 38.27 0.56 -24.61
C PRO A 112 39.19 -0.59 -25.01
N ALA A 113 39.19 -1.63 -24.20
CA ALA A 113 40.04 -2.79 -24.39
C ALA A 113 39.56 -3.65 -25.54
N LEU A 114 38.27 -3.62 -25.79
CA LEU A 114 37.74 -4.54 -26.76
C LEU A 114 36.25 -4.33 -27.01
N ALA A 115 35.79 -4.82 -28.14
CA ALA A 115 34.41 -4.65 -28.55
C ALA A 115 33.75 -6.02 -28.66
N ALA A 116 32.72 -6.21 -27.84
CA ALA A 116 31.91 -7.41 -27.86
C ALA A 116 30.51 -6.98 -28.30
N ALA A 117 30.10 -7.33 -29.51
CA ALA A 117 28.99 -6.65 -30.17
C ALA A 117 28.42 -7.46 -31.33
N GLY A 118 28.72 -8.74 -31.31
CA GLY A 118 28.37 -9.60 -32.41
C GLY A 118 28.85 -9.05 -33.73
N LEU A 119 30.12 -8.70 -33.80
CA LEU A 119 30.72 -8.14 -35.02
C LEU A 119 31.27 -9.21 -35.95
N THR A 120 31.27 -8.93 -37.24
CA THR A 120 31.90 -9.81 -38.22
C THR A 120 33.33 -9.35 -38.53
N PRO A 121 34.27 -10.29 -38.58
CA PRO A 121 35.61 -9.83 -39.02
C PRO A 121 35.62 -9.19 -40.41
N GLY A 122 36.61 -8.34 -40.68
CA GLY A 122 36.71 -7.67 -41.96
C GLY A 122 38.12 -7.27 -42.40
N ARG A 123 38.66 -7.99 -43.39
CA ARG A 123 40.01 -7.76 -43.93
C ARG A 123 41.08 -8.11 -42.91
N GLU A 124 42.09 -8.89 -43.31
CA GLU A 124 43.02 -9.40 -42.30
C GLU A 124 44.45 -9.82 -42.69
N ASP A 125 45.34 -8.93 -43.18
CA ASP A 125 45.11 -7.56 -43.66
C ASP A 125 44.46 -6.56 -42.66
N ASP A 126 44.55 -5.27 -43.00
CA ASP A 126 44.25 -4.15 -42.08
C ASP A 126 44.35 -4.51 -40.61
N ALA A 127 45.57 -4.49 -40.07
CA ALA A 127 45.79 -4.82 -38.67
C ALA A 127 45.32 -3.70 -37.75
N SER A 128 44.69 -2.68 -38.33
CA SER A 128 44.20 -1.51 -37.61
C SER A 128 43.10 -1.88 -36.61
N VAL A 129 42.24 -2.81 -37.01
CA VAL A 129 41.42 -3.50 -36.03
C VAL A 129 41.76 -5.00 -36.07
N ARG A 130 42.08 -5.58 -34.91
CA ARG A 130 42.25 -7.01 -34.72
C ARG A 130 40.92 -7.72 -34.37
N TYR A 131 40.72 -8.95 -34.84
CA TYR A 131 39.57 -9.76 -34.38
C TYR A 131 39.95 -11.09 -33.69
N SER A 132 39.07 -11.57 -32.82
CA SER A 132 39.34 -12.76 -32.03
C SER A 132 39.06 -14.05 -32.81
N HIS A 133 39.22 -15.19 -32.12
CA HIS A 133 38.64 -16.42 -32.62
C HIS A 133 37.11 -16.26 -32.55
N THR A 134 36.39 -16.99 -33.40
CA THR A 134 34.96 -16.74 -33.49
C THR A 134 34.17 -17.56 -32.46
N TYR A 135 33.07 -16.99 -31.98
CA TYR A 135 32.32 -17.62 -30.90
C TYR A 135 30.92 -18.05 -31.33
N LEU A 136 30.41 -17.45 -32.40
CA LEU A 136 29.06 -17.76 -32.87
C LEU A 136 28.97 -17.72 -34.40
N ASP A 137 28.49 -18.82 -34.99
CA ASP A 137 28.37 -18.90 -36.43
C ASP A 137 27.03 -18.38 -36.89
N VAL A 138 27.06 -17.39 -37.78
CA VAL A 138 25.82 -16.82 -38.32
C VAL A 138 25.82 -16.73 -39.83
N THR A 139 24.65 -16.36 -40.36
CA THR A 139 24.45 -16.16 -41.79
C THR A 139 23.56 -14.94 -42.06
N PRO A 140 24.04 -13.99 -42.87
CA PRO A 140 23.18 -12.85 -43.22
C PRO A 140 22.02 -13.30 -44.09
N GLN A 141 20.81 -12.87 -43.77
CA GLN A 141 19.65 -13.23 -44.57
C GLN A 141 18.85 -11.99 -44.95
N ILE A 142 18.40 -11.93 -46.20
CA ILE A 142 17.42 -10.91 -46.58
C ILE A 142 16.07 -11.24 -45.95
N ILE A 143 15.44 -10.20 -45.41
CA ILE A 143 14.20 -10.33 -44.66
C ILE A 143 13.08 -9.57 -45.34
N TYR A 144 11.99 -10.25 -45.67
CA TYR A 144 10.84 -9.58 -46.30
C TYR A 144 9.59 -9.70 -45.44
N ARG A 145 8.46 -9.30 -45.99
CA ARG A 145 7.25 -9.32 -45.18
C ARG A 145 6.20 -10.23 -45.77
N ASN A 146 5.72 -11.15 -44.95
CA ASN A 146 4.66 -12.06 -45.35
C ASN A 146 3.45 -11.28 -45.85
N GLY A 147 2.99 -11.60 -47.05
CA GLY A 147 1.96 -10.82 -47.69
C GLY A 147 2.48 -10.22 -48.99
N GLN A 148 3.63 -9.58 -48.92
CA GLN A 148 4.30 -9.08 -50.12
C GLN A 148 5.14 -10.21 -50.72
N GLN A 149 5.68 -9.99 -51.93
CA GLN A 149 6.24 -11.11 -52.68
C GLN A 149 7.69 -11.47 -52.32
N ARG A 150 7.93 -12.76 -52.14
CA ARG A 150 9.24 -13.25 -51.76
C ARG A 150 10.26 -13.02 -52.87
N PRO A 151 11.21 -12.11 -52.64
CA PRO A 151 12.36 -11.95 -53.54
C PRO A 151 13.25 -13.18 -53.49
N THR A 152 13.69 -13.68 -54.65
CA THR A 152 14.41 -14.95 -54.71
C THR A 152 15.87 -14.79 -55.07
N ARG A 153 16.16 -13.84 -55.94
CA ARG A 153 17.53 -13.59 -56.38
C ARG A 153 17.93 -12.20 -55.90
N PRO A 154 19.19 -12.03 -55.44
CA PRO A 154 19.70 -10.71 -54.99
C PRO A 154 19.19 -9.57 -55.86
N GLU A 155 19.24 -9.74 -57.18
CA GLU A 155 18.69 -8.77 -58.13
C GLU A 155 17.25 -8.32 -57.83
N ASP A 156 16.46 -9.19 -57.20
CA ASP A 156 15.08 -8.85 -56.87
C ASP A 156 14.98 -7.66 -55.90
N LEU A 157 16.09 -7.35 -55.24
CA LEU A 157 16.14 -6.26 -54.26
C LEU A 157 15.88 -4.87 -54.83
N VAL A 158 16.00 -4.72 -56.15
CA VAL A 158 15.92 -3.42 -56.76
C VAL A 158 14.51 -2.84 -56.71
N GLY A 159 14.44 -1.53 -56.51
CA GLY A 159 13.16 -0.85 -56.38
C GLY A 159 12.31 -1.24 -55.18
N LYS A 160 12.96 -1.68 -54.12
CA LYS A 160 12.26 -1.94 -52.86
C LYS A 160 12.88 -1.01 -51.82
N ARG A 161 12.12 -0.61 -50.80
CA ARG A 161 12.72 0.19 -49.76
C ARG A 161 13.50 -0.70 -48.77
N ILE A 162 14.82 -0.53 -48.74
CA ILE A 162 15.70 -1.31 -47.84
C ILE A 162 16.35 -0.44 -46.76
N MET A 163 16.40 -0.89 -45.52
CA MET A 163 17.16 -0.16 -44.49
C MET A 163 18.05 -1.09 -43.71
N VAL A 164 19.28 -0.65 -43.48
CA VAL A 164 20.25 -1.38 -42.66
C VAL A 164 20.93 -0.45 -41.67
N LEU A 165 21.69 -1.02 -40.73
CA LEU A 165 22.48 -0.18 -39.85
C LEU A 165 23.61 0.52 -40.61
N LYS A 166 23.65 1.84 -40.46
CA LYS A 166 24.76 2.65 -40.92
C LYS A 166 26.08 2.08 -40.38
N GLY A 167 27.08 1.95 -41.24
CA GLY A 167 28.38 1.50 -40.80
C GLY A 167 28.50 0.01 -40.58
N SER A 168 27.55 -0.73 -41.10
CA SER A 168 27.52 -2.16 -40.85
C SER A 168 28.13 -3.01 -41.96
N SER A 169 28.42 -4.26 -41.62
CA SER A 169 28.82 -5.25 -42.60
C SER A 169 27.74 -5.40 -43.68
N HIS A 170 26.49 -5.24 -43.29
CA HIS A 170 25.41 -5.47 -44.22
C HIS A 170 25.25 -4.32 -45.20
N ALA A 171 25.52 -3.10 -44.72
CA ALA A 171 25.53 -1.95 -45.59
C ALA A 171 26.63 -2.16 -46.62
N GLU A 172 27.65 -2.91 -46.24
CA GLU A 172 28.77 -3.08 -47.13
C GLU A 172 28.48 -4.18 -48.13
N GLN A 173 27.60 -5.10 -47.76
CA GLN A 173 27.21 -6.17 -48.66
C GLN A 173 26.38 -5.60 -49.81
N LEU A 174 25.54 -4.63 -49.45
CA LEU A 174 24.68 -3.95 -50.39
C LEU A 174 25.50 -2.97 -51.25
N ALA A 175 26.50 -2.34 -50.64
CA ALA A 175 27.35 -1.41 -51.37
C ALA A 175 28.07 -2.14 -52.49
N GLU A 176 28.58 -3.34 -52.18
CA GLU A 176 29.18 -4.24 -53.16
C GLU A 176 28.18 -4.62 -54.24
N LEU A 177 27.01 -5.05 -53.78
CA LEU A 177 25.94 -5.48 -54.66
C LEU A 177 25.51 -4.38 -55.63
N LYS A 178 25.61 -3.13 -55.19
CA LYS A 178 25.13 -2.00 -55.98
C LYS A 178 26.02 -1.75 -57.18
N LYS A 179 27.19 -2.38 -57.19
CA LYS A 179 28.06 -2.29 -58.34
C LYS A 179 27.57 -3.27 -59.39
N GLN A 180 27.26 -4.49 -58.97
CA GLN A 180 26.65 -5.44 -59.87
C GLN A 180 25.31 -4.91 -60.40
N TYR A 181 24.49 -4.31 -59.53
CA TYR A 181 23.21 -3.74 -59.99
C TYR A 181 23.06 -2.27 -59.64
N PRO A 182 23.62 -1.40 -60.49
CA PRO A 182 23.78 0.04 -60.26
C PRO A 182 22.53 0.73 -59.74
N GLU A 183 21.34 0.25 -60.08
CA GLU A 183 20.15 0.95 -59.66
C GLU A 183 19.56 0.37 -58.37
N LEU A 184 20.36 -0.43 -57.69
CA LEU A 184 20.01 -0.81 -56.32
C LEU A 184 20.05 0.42 -55.41
N LYS A 185 19.02 0.59 -54.59
CA LYS A 185 18.95 1.69 -53.62
C LYS A 185 18.60 1.15 -52.23
N TYR A 186 19.34 1.59 -51.22
CA TYR A 186 19.06 1.18 -49.84
C TYR A 186 19.35 2.34 -48.92
N GLU A 187 18.64 2.41 -47.79
CA GLU A 187 18.90 3.42 -46.75
C GLU A 187 19.76 2.89 -45.58
N GLU A 188 20.47 3.79 -44.90
CA GLU A 188 21.24 3.40 -43.73
C GLU A 188 21.20 4.51 -42.68
N SER A 189 20.95 4.10 -41.44
CA SER A 189 20.68 5.04 -40.36
C SER A 189 21.49 4.72 -39.08
N ASP A 190 21.75 5.75 -38.29
CA ASP A 190 22.35 5.60 -36.98
C ASP A 190 21.30 5.49 -35.87
N ALA A 191 20.06 5.87 -36.19
CA ALA A 191 19.02 5.96 -35.18
C ALA A 191 18.21 4.70 -35.16
N VAL A 192 18.88 3.60 -35.43
CA VAL A 192 18.19 2.36 -35.66
C VAL A 192 19.06 1.16 -35.32
N GLU A 193 18.51 0.28 -34.50
CA GLU A 193 19.13 -0.98 -34.19
C GLU A 193 18.44 -2.05 -35.03
N VAL A 194 18.84 -3.31 -34.86
CA VAL A 194 18.29 -4.39 -35.67
C VAL A 194 16.88 -4.69 -35.31
N VAL A 195 16.62 -4.60 -34.01
CA VAL A 195 15.27 -4.82 -33.53
C VAL A 195 14.32 -3.79 -34.14
N ASP A 196 14.84 -2.61 -34.50
CA ASP A 196 14.07 -1.60 -35.24
C ASP A 196 13.79 -2.06 -36.67
N LEU A 197 14.84 -2.48 -37.37
CA LEU A 197 14.67 -2.96 -38.72
C LEU A 197 13.57 -4.01 -38.79
N LEU A 198 13.61 -4.98 -37.88
CA LEU A 198 12.63 -6.06 -37.87
C LEU A 198 11.24 -5.53 -37.62
N ARG A 199 11.09 -4.68 -36.61
CA ARG A 199 9.83 -3.95 -36.40
C ARG A 199 9.32 -3.27 -37.69
N MET A 200 10.19 -2.55 -38.38
CA MET A 200 9.78 -1.78 -39.56
C MET A 200 9.28 -2.69 -40.67
N VAL A 201 9.92 -3.84 -40.87
CA VAL A 201 9.46 -4.75 -41.90
C VAL A 201 8.12 -5.39 -41.55
N ASP A 202 7.96 -5.74 -40.28
CA ASP A 202 6.77 -6.40 -39.79
C ASP A 202 5.57 -5.48 -39.99
N VAL A 203 5.69 -4.20 -39.61
CA VAL A 203 4.58 -3.24 -39.74
C VAL A 203 4.44 -2.65 -41.13
N GLY A 204 5.47 -2.82 -41.97
CA GLY A 204 5.43 -2.38 -43.36
C GLY A 204 6.01 -1.03 -43.72
N ASP A 205 6.83 -0.45 -42.84
CA ASP A 205 7.44 0.85 -43.11
C ASP A 205 8.65 0.78 -44.05
N ILE A 206 9.20 -0.42 -44.21
CA ILE A 206 10.23 -0.69 -45.21
C ILE A 206 9.93 -2.07 -45.77
N ASP A 207 10.57 -2.44 -46.88
CA ASP A 207 10.13 -3.66 -47.57
C ASP A 207 11.07 -4.78 -47.26
N LEU A 208 12.37 -4.46 -47.24
CA LEU A 208 13.40 -5.44 -46.98
C LEU A 208 14.41 -4.96 -45.95
N THR A 209 15.17 -5.89 -45.38
CA THR A 209 16.40 -5.54 -44.66
C THR A 209 17.39 -6.70 -44.73
N LEU A 210 18.58 -6.48 -44.19
CA LEU A 210 19.63 -7.46 -44.25
C LEU A 210 20.24 -7.60 -42.88
N VAL A 211 20.03 -8.74 -42.23
CA VAL A 211 20.49 -8.94 -40.85
C VAL A 211 21.17 -10.30 -40.65
N ASP A 212 21.99 -10.43 -39.62
CA ASP A 212 22.62 -11.73 -39.32
C ASP A 212 21.56 -12.74 -38.88
N SER A 213 21.67 -13.99 -39.35
CA SER A 213 20.70 -15.07 -39.06
C SER A 213 20.30 -15.18 -37.60
N ASN A 214 21.25 -14.87 -36.72
CA ASN A 214 21.04 -15.02 -35.28
C ASN A 214 20.09 -13.98 -34.73
N GLU A 215 20.19 -12.78 -35.27
CA GLU A 215 19.32 -11.71 -34.85
C GLU A 215 17.87 -12.10 -35.11
N LEU A 216 17.67 -12.94 -36.11
CA LEU A 216 16.34 -13.47 -36.33
C LEU A 216 15.98 -14.49 -35.27
N ALA A 217 16.89 -15.44 -35.05
CA ALA A 217 16.67 -16.50 -34.08
C ALA A 217 16.23 -15.98 -32.72
N MET A 218 16.45 -14.69 -32.47
CA MET A 218 16.11 -14.09 -31.18
C MET A 218 14.87 -13.19 -31.22
N ASN A 219 14.60 -12.56 -32.34
CA ASN A 219 13.50 -11.60 -32.42
C ASN A 219 12.31 -12.06 -33.25
N GLN A 220 12.53 -13.06 -34.08
CA GLN A 220 11.51 -13.50 -35.03
C GLN A 220 10.17 -13.70 -34.35
N VAL A 221 10.18 -14.29 -33.17
CA VAL A 221 8.96 -14.61 -32.45
C VAL A 221 8.13 -13.40 -32.09
N TYR A 222 8.79 -12.24 -31.96
CA TYR A 222 8.09 -10.99 -31.66
C TYR A 222 7.66 -10.25 -32.92
N PHE A 223 7.79 -10.90 -34.07
CA PHE A 223 7.51 -10.26 -35.34
C PHE A 223 6.85 -11.24 -36.29
N PRO A 224 5.57 -11.51 -36.07
CA PRO A 224 4.89 -12.63 -36.70
C PRO A 224 4.83 -12.52 -38.23
N ASN A 225 5.17 -11.35 -38.77
CA ASN A 225 5.05 -11.09 -40.20
C ASN A 225 6.36 -11.23 -40.95
N VAL A 226 7.45 -11.29 -40.21
CA VAL A 226 8.76 -11.35 -40.84
C VAL A 226 9.05 -12.73 -41.42
N ARG A 227 9.83 -12.77 -42.50
CA ARG A 227 10.18 -14.01 -43.17
C ARG A 227 11.58 -13.98 -43.76
N VAL A 228 12.29 -15.09 -43.73
CA VAL A 228 13.54 -15.12 -44.46
C VAL A 228 13.29 -15.33 -45.94
N ALA A 229 13.79 -14.41 -46.75
CA ALA A 229 13.76 -14.58 -48.19
C ALA A 229 14.87 -15.58 -48.62
N PHE A 230 16.11 -15.21 -48.37
CA PHE A 230 17.22 -16.10 -48.64
C PHE A 230 18.50 -15.73 -47.89
N ASP A 231 19.36 -16.72 -47.68
CA ASP A 231 20.71 -16.49 -47.16
C ASP A 231 21.50 -15.66 -48.18
N PHE A 232 22.30 -14.72 -47.68
CA PHE A 232 22.99 -13.78 -48.55
C PHE A 232 24.43 -13.64 -48.06
N GLY A 233 25.26 -14.59 -48.49
CA GLY A 233 26.59 -14.75 -47.94
C GLY A 233 26.79 -16.17 -47.45
N GLU A 234 28.05 -16.50 -47.18
CA GLU A 234 28.37 -17.78 -46.56
C GLU A 234 28.19 -17.60 -45.07
N ALA A 235 28.05 -18.72 -44.37
CA ALA A 235 28.19 -18.72 -42.92
C ALA A 235 29.53 -18.10 -42.52
N ARG A 236 29.51 -17.27 -41.49
CA ARG A 236 30.73 -16.69 -40.96
C ARG A 236 30.65 -16.71 -39.43
N GLY A 237 31.79 -16.58 -38.78
CA GLY A 237 31.80 -16.51 -37.33
C GLY A 237 31.79 -15.06 -36.85
N LEU A 238 31.18 -14.84 -35.70
CA LEU A 238 31.27 -13.53 -35.08
C LEU A 238 32.51 -13.52 -34.19
N ALA A 239 33.04 -12.33 -34.00
CA ALA A 239 34.24 -12.21 -33.21
C ALA A 239 34.31 -10.89 -32.49
N TRP A 240 35.02 -10.89 -31.38
CA TRP A 240 35.38 -9.67 -30.69
C TRP A 240 36.44 -8.85 -31.44
N ALA A 241 36.39 -7.53 -31.31
CA ALA A 241 37.41 -6.69 -31.93
C ALA A 241 38.28 -5.97 -30.89
N LEU A 242 39.60 -6.07 -31.04
CA LEU A 242 40.50 -5.23 -30.25
C LEU A 242 41.17 -4.25 -31.19
N PRO A 243 41.74 -3.17 -30.64
CA PRO A 243 42.58 -2.26 -31.43
C PRO A 243 43.91 -2.91 -31.82
N GLY A 244 44.48 -2.51 -32.95
CA GLY A 244 45.86 -2.89 -33.24
C GLY A 244 46.72 -1.80 -32.63
N GLY A 245 47.83 -2.18 -31.99
CA GLY A 245 48.29 -3.55 -31.90
C GLY A 245 49.80 -3.65 -31.99
N ASP A 246 50.47 -3.72 -30.85
CA ASP A 246 51.85 -4.18 -30.81
C ASP A 246 51.97 -5.16 -29.68
N ASP A 247 51.11 -4.99 -28.69
CA ASP A 247 51.01 -5.90 -27.58
C ASP A 247 49.90 -6.90 -27.86
N ASP A 248 50.27 -8.17 -27.88
CA ASP A 248 49.35 -9.26 -28.15
C ASP A 248 48.94 -9.96 -26.86
N SER A 249 49.17 -9.27 -25.73
CA SER A 249 48.86 -9.85 -24.42
C SER A 249 47.35 -10.04 -24.25
N LEU A 250 46.62 -8.93 -24.34
CA LEU A 250 45.16 -8.94 -24.24
C LEU A 250 44.52 -9.93 -25.20
N MET A 251 44.90 -9.87 -26.48
CA MET A 251 44.35 -10.76 -27.51
C MET A 251 44.66 -12.22 -27.23
N ASN A 252 45.87 -12.51 -26.79
CA ASN A 252 46.22 -13.90 -26.57
C ASN A 252 45.33 -14.49 -25.50
N GLU A 253 45.01 -13.67 -24.51
CA GLU A 253 44.14 -14.09 -23.42
C GLU A 253 42.68 -14.16 -23.83
N VAL A 254 42.20 -13.17 -24.61
CA VAL A 254 40.86 -13.28 -25.17
C VAL A 254 40.66 -14.63 -25.84
N ASN A 255 41.52 -14.93 -26.82
CA ASN A 255 41.40 -16.16 -27.59
C ASN A 255 41.63 -17.42 -26.74
N ALA A 256 42.51 -17.35 -25.75
CA ALA A 256 42.63 -18.45 -24.79
C ALA A 256 41.26 -18.74 -24.14
N PHE A 257 40.56 -17.69 -23.76
CA PHE A 257 39.22 -17.78 -23.16
C PHE A 257 38.22 -18.43 -24.11
N LEU A 258 38.06 -17.86 -25.30
CA LEU A 258 37.08 -18.32 -26.27
C LEU A 258 37.34 -19.75 -26.71
N ASP A 259 38.60 -20.16 -26.75
CA ASP A 259 38.93 -21.54 -27.10
C ASP A 259 38.41 -22.49 -26.05
N GLN A 260 38.83 -22.29 -24.81
CA GLN A 260 38.39 -23.15 -23.73
C GLN A 260 36.88 -23.04 -23.50
N ALA A 261 36.34 -21.83 -23.60
CA ALA A 261 34.90 -21.62 -23.40
C ALA A 261 34.09 -22.37 -24.44
N LYS A 262 34.69 -22.66 -25.59
CA LYS A 262 34.00 -23.46 -26.59
C LYS A 262 34.03 -24.94 -26.22
N LYS A 263 35.05 -25.39 -25.49
CA LYS A 263 35.09 -26.80 -25.12
C LYS A 263 34.37 -27.09 -23.78
N GLU A 264 34.37 -26.15 -22.84
CA GLU A 264 33.51 -26.23 -21.66
C GLU A 264 32.03 -26.33 -22.06
N GLY A 265 31.72 -25.94 -23.29
CA GLY A 265 30.34 -25.89 -23.76
C GLY A 265 29.66 -24.57 -23.43
N LEU A 266 30.44 -23.65 -22.86
CA LEU A 266 29.95 -22.36 -22.37
C LEU A 266 29.27 -21.54 -23.48
N LEU A 267 29.81 -21.61 -24.70
CA LEU A 267 29.19 -20.96 -25.84
C LEU A 267 27.84 -21.57 -26.22
N GLN A 268 27.74 -22.90 -26.20
CA GLN A 268 26.48 -23.53 -26.55
C GLN A 268 25.43 -23.23 -25.47
N ARG A 269 25.84 -23.22 -24.21
CA ARG A 269 24.93 -22.87 -23.11
C ARG A 269 24.38 -21.47 -23.34
N LEU A 270 25.29 -20.52 -23.55
CA LEU A 270 24.94 -19.15 -23.89
C LEU A 270 24.03 -19.08 -25.10
N LYS A 271 24.43 -19.78 -26.17
CA LYS A 271 23.63 -19.83 -27.37
C LYS A 271 22.21 -20.30 -27.06
N ASP A 272 22.07 -21.25 -26.14
CA ASP A 272 20.73 -21.77 -25.85
C ASP A 272 19.94 -20.85 -24.93
N ARG A 273 20.60 -20.30 -23.91
CA ARG A 273 19.92 -19.46 -22.94
C ARG A 273 19.37 -18.14 -23.53
N TYR A 274 19.89 -17.69 -24.67
CA TYR A 274 19.38 -16.44 -25.24
C TYR A 274 18.69 -16.65 -26.58
N TYR A 275 19.25 -17.52 -27.42
N TYR A 275 19.27 -17.47 -27.46
CA TYR A 275 18.61 -17.82 -28.68
CA TYR A 275 18.62 -17.86 -28.73
C TYR A 275 17.75 -19.08 -28.53
C TYR A 275 17.20 -18.33 -28.46
N GLY A 276 17.07 -19.11 -27.39
CA GLY A 276 15.89 -19.92 -27.16
C GLY A 276 14.73 -19.00 -26.83
N HIS A 277 13.99 -18.60 -27.88
CA HIS A 277 12.80 -17.77 -27.77
C HIS A 277 11.96 -18.07 -26.53
N VAL A 278 11.40 -17.02 -25.91
CA VAL A 278 10.54 -17.19 -24.75
C VAL A 278 9.79 -15.90 -24.37
N ASP A 279 10.01 -15.44 -23.12
CA ASP A 279 9.59 -14.13 -22.57
C ASP A 279 8.21 -14.13 -21.91
N VAL A 280 7.27 -13.39 -22.50
CA VAL A 280 5.91 -13.31 -21.95
C VAL A 280 4.96 -14.28 -22.67
N LEU A 281 4.34 -15.20 -21.91
CA LEU A 281 3.42 -16.20 -22.49
C LEU A 281 2.18 -15.56 -23.13
N GLY A 282 1.72 -16.13 -24.25
CA GLY A 282 0.55 -15.62 -24.96
C GLY A 282 -0.79 -15.99 -24.32
N TYR A 283 -1.80 -15.12 -24.46
CA TYR A 283 -3.10 -15.33 -23.84
C TYR A 283 -3.78 -16.62 -24.32
N VAL A 284 -4.16 -17.50 -23.41
CA VAL A 284 -4.56 -18.87 -23.78
C VAL A 284 -5.99 -19.08 -24.28
N GLY A 285 -6.85 -18.08 -24.09
CA GLY A 285 -8.23 -18.21 -24.51
C GLY A 285 -9.08 -18.68 -23.35
N ALA A 286 -10.39 -18.47 -23.42
CA ALA A 286 -11.22 -18.82 -22.29
C ALA A 286 -11.44 -20.32 -22.22
N TYR A 287 -11.40 -21.02 -23.36
CA TYR A 287 -11.50 -22.47 -23.31
C TYR A 287 -10.42 -23.07 -22.40
N THR A 288 -9.17 -22.80 -22.70
CA THR A 288 -8.11 -23.34 -21.90
C THR A 288 -8.18 -22.84 -20.47
N PHE A 289 -8.45 -21.56 -20.31
CA PHE A 289 -8.44 -20.96 -18.98
C PHE A 289 -9.46 -21.62 -18.05
N THR A 290 -10.69 -21.78 -18.51
CA THR A 290 -11.73 -22.36 -17.66
C THR A 290 -11.46 -23.82 -17.36
N GLN A 291 -10.79 -24.50 -18.28
CA GLN A 291 -10.38 -25.87 -18.01
C GLN A 291 -9.40 -25.88 -16.82
N HIS A 292 -8.56 -24.87 -16.74
CA HIS A 292 -7.59 -24.79 -15.66
C HIS A 292 -8.22 -24.23 -14.39
N LEU A 293 -9.31 -23.48 -14.53
CA LEU A 293 -10.10 -23.15 -13.34
C LEU A 293 -10.51 -24.44 -12.65
N GLN A 294 -10.90 -25.44 -13.42
CA GLN A 294 -11.43 -26.67 -12.85
C GLN A 294 -10.33 -27.63 -12.45
N GLN A 295 -9.29 -27.71 -13.27
CA GLN A 295 -8.24 -28.71 -13.09
C GLN A 295 -7.07 -28.28 -12.19
N ARG A 296 -6.72 -27.01 -12.20
CA ARG A 296 -5.52 -26.54 -11.54
C ARG A 296 -5.80 -25.60 -10.36
N LEU A 297 -6.74 -24.65 -10.52
CA LEU A 297 -6.94 -23.64 -9.48
C LEU A 297 -7.27 -24.24 -8.11
N PRO A 298 -8.12 -25.28 -8.07
CA PRO A 298 -8.52 -25.86 -6.78
C PRO A 298 -7.36 -26.25 -5.88
N ARG A 299 -6.22 -26.61 -6.46
CA ARG A 299 -5.07 -26.97 -5.64
C ARG A 299 -4.39 -25.74 -5.01
N TYR A 300 -4.64 -24.55 -5.55
CA TYR A 300 -3.88 -23.37 -5.13
C TYR A 300 -4.73 -22.20 -4.61
N GLU A 301 -6.03 -22.24 -4.88
CA GLU A 301 -6.96 -21.21 -4.44
C GLU A 301 -6.81 -20.80 -2.97
N SER A 302 -6.50 -21.74 -2.10
CA SER A 302 -6.41 -21.42 -0.68
C SER A 302 -5.10 -20.73 -0.34
N HIS A 303 -4.02 -21.10 -1.04
CA HIS A 303 -2.74 -20.38 -0.90
C HIS A 303 -2.91 -18.96 -1.40
N PHE A 304 -3.64 -18.78 -2.50
CA PHE A 304 -3.84 -17.45 -3.02
C PHE A 304 -4.64 -16.61 -2.03
N LYS A 305 -5.70 -17.22 -1.50
CA LYS A 305 -6.57 -16.53 -0.54
C LYS A 305 -5.80 -16.09 0.72
N GLN A 306 -5.04 -17.00 1.32
CA GLN A 306 -4.28 -16.70 2.54
C GLN A 306 -3.28 -15.54 2.31
N SER A 307 -2.56 -15.57 1.19
CA SER A 307 -1.66 -14.47 0.86
C SER A 307 -2.43 -13.15 0.70
N GLY A 308 -3.61 -13.21 0.10
CA GLY A 308 -4.42 -12.02 -0.07
C GLY A 308 -4.76 -11.43 1.28
N LYS A 309 -5.33 -12.27 2.15
CA LYS A 309 -5.62 -11.91 3.53
C LYS A 309 -4.41 -11.24 4.15
N GLN A 310 -3.26 -11.94 4.09
CA GLN A 310 -2.03 -11.51 4.76
C GLN A 310 -1.47 -10.18 4.30
N LYS A 311 -1.81 -9.78 3.10
CA LYS A 311 -1.20 -8.61 2.50
C LYS A 311 -2.21 -7.59 2.06
N ASP A 312 -3.46 -7.86 2.41
CA ASP A 312 -4.55 -6.95 2.14
C ASP A 312 -4.66 -6.61 0.65
N THR A 313 -4.80 -7.62 -0.19
CA THR A 313 -5.03 -7.36 -1.62
C THR A 313 -5.92 -8.44 -2.17
N ASP A 314 -6.58 -8.13 -3.30
CA ASP A 314 -7.49 -9.06 -3.96
C ASP A 314 -6.73 -10.30 -4.34
N TRP A 315 -7.18 -11.46 -3.84
CA TRP A 315 -6.45 -12.70 -4.09
C TRP A 315 -6.56 -13.19 -5.55
N ARG A 316 -7.47 -12.61 -6.32
CA ARG A 316 -7.67 -13.06 -7.69
C ARG A 316 -6.71 -12.35 -8.62
N LEU A 317 -6.20 -11.21 -8.19
CA LEU A 317 -5.17 -10.54 -8.97
C LEU A 317 -3.89 -11.36 -8.82
N LEU A 318 -3.62 -11.83 -7.61
CA LEU A 318 -2.47 -12.68 -7.34
C LEU A 318 -2.52 -13.94 -8.20
N ALA A 319 -3.68 -14.57 -8.23
CA ALA A 319 -3.92 -15.76 -9.04
C ALA A 319 -3.77 -15.49 -10.53
N ALA A 320 -4.22 -14.33 -10.99
CA ALA A 320 -4.04 -13.96 -12.39
C ALA A 320 -2.56 -13.91 -12.74
N ILE A 321 -1.77 -13.31 -11.85
CA ILE A 321 -0.33 -13.21 -12.02
C ILE A 321 0.27 -14.61 -12.12
N GLY A 322 -0.14 -15.46 -11.19
CA GLY A 322 0.33 -16.82 -11.19
C GLY A 322 -0.06 -17.56 -12.44
N TYR A 323 -1.23 -17.25 -12.98
CA TYR A 323 -1.61 -17.92 -14.21
C TYR A 323 -0.81 -17.45 -15.40
N GLN A 324 -0.67 -16.14 -15.57
CA GLN A 324 0.12 -15.61 -16.67
C GLN A 324 1.58 -16.03 -16.56
N GLU A 325 2.01 -16.40 -15.35
CA GLU A 325 3.41 -16.77 -15.11
C GLU A 325 3.71 -18.24 -15.40
N SER A 326 2.91 -19.14 -14.85
CA SER A 326 3.18 -20.57 -14.90
C SER A 326 2.01 -21.42 -15.36
N LEU A 327 0.90 -20.79 -15.71
CA LEU A 327 -0.30 -21.52 -16.01
C LEU A 327 -0.67 -22.37 -14.79
N TRP A 328 -0.37 -21.85 -13.61
CA TRP A 328 -0.60 -22.55 -12.35
C TRP A 328 0.07 -23.92 -12.37
N GLN A 329 1.35 -23.91 -12.67
CA GLN A 329 2.17 -25.10 -12.62
C GLN A 329 3.35 -24.84 -11.70
N PRO A 330 3.38 -25.53 -10.56
CA PRO A 330 4.40 -25.25 -9.55
C PRO A 330 5.77 -25.73 -9.93
N GLY A 331 5.90 -26.58 -10.95
CA GLY A 331 7.20 -27.02 -11.41
C GLY A 331 7.71 -26.32 -12.64
N ALA A 332 7.09 -25.23 -13.07
CA ALA A 332 7.51 -24.56 -14.30
C ALA A 332 8.89 -23.91 -14.19
N THR A 333 9.64 -23.96 -15.31
CA THR A 333 10.95 -23.31 -15.39
C THR A 333 11.24 -22.67 -16.73
N SER A 334 12.17 -21.72 -16.67
CA SER A 334 12.75 -21.10 -17.84
C SER A 334 14.25 -21.24 -17.72
N LYS A 335 14.97 -21.24 -18.83
CA LYS A 335 16.43 -21.20 -18.76
C LYS A 335 16.86 -19.75 -18.50
N THR A 336 15.88 -18.86 -18.35
CA THR A 336 16.16 -17.49 -17.96
C THR A 336 16.37 -17.34 -16.48
N GLY A 337 16.15 -18.41 -15.74
CA GLY A 337 16.45 -18.41 -14.32
C GLY A 337 15.29 -18.22 -13.37
N VAL A 338 14.06 -18.15 -13.90
CA VAL A 338 12.88 -18.12 -13.06
C VAL A 338 12.32 -19.52 -12.87
N ARG A 339 11.71 -19.77 -11.71
CA ARG A 339 11.15 -21.07 -11.43
C ARG A 339 9.96 -20.98 -10.47
N GLY A 340 9.03 -21.92 -10.60
CA GLY A 340 7.94 -21.99 -9.67
C GLY A 340 6.68 -21.35 -10.19
N LEU A 341 5.61 -21.51 -9.43
CA LEU A 341 4.29 -21.06 -9.80
C LEU A 341 4.27 -19.56 -10.13
N MET A 342 5.11 -18.78 -9.46
CA MET A 342 5.12 -17.36 -9.70
C MET A 342 6.40 -16.93 -10.45
N MET A 343 7.08 -17.92 -11.01
CA MET A 343 8.31 -17.74 -11.79
C MET A 343 9.24 -16.66 -11.20
N LEU A 344 9.85 -17.03 -10.09
CA LEU A 344 10.75 -16.20 -9.32
C LEU A 344 12.19 -16.53 -9.64
N THR A 345 13.05 -15.52 -9.56
CA THR A 345 14.49 -15.74 -9.68
C THR A 345 15.04 -16.22 -8.36
N ASN A 346 16.21 -16.86 -8.40
CA ASN A 346 16.76 -17.39 -7.16
C ASN A 346 17.04 -16.27 -6.19
N ARG A 347 17.56 -15.17 -6.71
CA ARG A 347 17.79 -13.97 -5.92
C ARG A 347 16.50 -13.40 -5.30
N THR A 348 15.43 -13.27 -6.09
CA THR A 348 14.18 -12.72 -5.58
C THR A 348 13.52 -13.67 -4.60
N ALA A 349 13.57 -14.97 -4.93
CA ALA A 349 13.05 -15.99 -4.03
C ALA A 349 13.66 -15.86 -2.64
N GLN A 350 15.00 -15.76 -2.61
CA GLN A 350 15.73 -15.63 -1.36
C GLN A 350 15.19 -14.46 -0.53
N ALA A 351 14.93 -13.35 -1.20
CA ALA A 351 14.58 -12.10 -0.55
C ALA A 351 13.15 -12.07 -0.06
N MET A 352 12.35 -13.08 -0.43
CA MET A 352 10.97 -13.12 0.03
C MET A 352 10.67 -14.28 1.00
N GLY A 353 11.74 -14.95 1.47
CA GLY A 353 11.57 -16.03 2.41
C GLY A 353 11.30 -17.37 1.76
N VAL A 354 11.74 -17.52 0.52
CA VAL A 354 11.38 -18.70 -0.23
C VAL A 354 12.57 -19.66 -0.30
N SER A 355 12.49 -20.68 0.53
CA SER A 355 13.54 -21.67 0.68
C SER A 355 13.36 -22.80 -0.33
N ASN A 356 12.21 -22.82 -0.99
CA ASN A 356 11.98 -23.78 -2.06
C ASN A 356 11.03 -23.26 -3.16
N ARG A 357 11.59 -22.78 -4.27
CA ARG A 357 10.80 -22.18 -5.34
C ARG A 357 9.73 -23.09 -5.90
N LEU A 358 9.81 -24.36 -5.54
CA LEU A 358 8.94 -25.37 -6.12
C LEU A 358 7.76 -25.66 -5.20
N ASP A 359 7.82 -25.20 -3.96
CA ASP A 359 6.65 -25.25 -3.10
C ASP A 359 5.63 -24.19 -3.53
N PRO A 360 4.48 -24.65 -4.01
CA PRO A 360 3.58 -23.64 -4.57
C PRO A 360 3.16 -22.64 -3.52
N LYS A 361 3.05 -23.08 -2.28
CA LYS A 361 2.64 -22.17 -1.21
C LYS A 361 3.71 -21.11 -0.97
N GLN A 362 4.97 -21.53 -0.91
CA GLN A 362 6.06 -20.57 -0.79
C GLN A 362 6.17 -19.67 -2.00
N SER A 363 5.95 -20.22 -3.19
CA SER A 363 6.09 -19.41 -4.39
C SER A 363 5.01 -18.36 -4.41
N ILE A 364 3.81 -18.76 -4.06
CA ILE A 364 2.68 -17.85 -4.10
C ILE A 364 2.79 -16.74 -3.05
N GLN A 365 3.26 -17.08 -1.85
CA GLN A 365 3.54 -16.04 -0.85
C GLN A 365 4.68 -15.14 -1.34
N GLY A 366 5.77 -15.76 -1.80
CA GLY A 366 6.93 -14.99 -2.23
C GLY A 366 6.64 -13.98 -3.33
N GLY A 367 5.91 -14.41 -4.34
CA GLY A 367 5.60 -13.56 -5.48
C GLY A 367 4.55 -12.52 -5.14
N SER A 368 3.59 -12.90 -4.31
CA SER A 368 2.55 -11.96 -3.89
C SER A 368 3.15 -10.84 -3.05
N LYS A 369 4.00 -11.23 -2.11
CA LYS A 369 4.79 -10.28 -1.32
C LYS A 369 5.55 -9.32 -2.24
N TYR A 370 6.22 -9.89 -3.25
CA TYR A 370 7.02 -9.09 -4.18
C TYR A 370 6.12 -8.12 -4.93
N PHE A 371 4.96 -8.58 -5.38
CA PHE A 371 4.09 -7.74 -6.17
C PHE A 371 3.55 -6.57 -5.33
N VAL A 372 3.17 -6.86 -4.10
CA VAL A 372 2.59 -5.83 -3.27
C VAL A 372 3.64 -4.83 -2.80
N GLN A 373 4.86 -5.30 -2.58
CA GLN A 373 5.92 -4.37 -2.22
C GLN A 373 6.26 -3.48 -3.41
N ILE A 374 6.30 -4.07 -4.60
CA ILE A 374 6.55 -3.28 -5.80
C ILE A 374 5.52 -2.15 -5.87
N ARG A 375 4.27 -2.49 -5.57
CA ARG A 375 3.19 -1.52 -5.62
C ARG A 375 3.23 -0.46 -4.52
N SER A 376 3.79 -0.80 -3.36
CA SER A 376 3.90 0.19 -2.29
C SER A 376 5.02 1.19 -2.59
N GLU A 377 6.01 0.75 -3.35
CA GLU A 377 7.15 1.58 -3.69
C GLU A 377 6.91 2.55 -4.83
N LEU A 378 5.82 2.36 -5.57
CA LEU A 378 5.45 3.30 -6.62
C LEU A 378 5.22 4.69 -6.05
N PRO A 379 5.60 5.74 -6.80
CA PRO A 379 5.30 7.13 -6.43
C PRO A 379 3.85 7.33 -5.99
N GLU A 380 3.67 8.00 -4.85
CA GLU A 380 2.34 8.29 -4.31
C GLU A 380 1.41 8.92 -5.35
N SER A 381 2.00 9.58 -6.35
CA SER A 381 1.26 10.21 -7.43
C SER A 381 0.27 9.26 -8.12
N ILE A 382 0.65 7.99 -8.21
CA ILE A 382 -0.13 7.00 -8.95
C ILE A 382 -1.21 6.37 -8.09
N LYS A 383 -2.47 6.62 -8.43
CA LYS A 383 -3.59 6.13 -7.64
C LYS A 383 -4.17 4.84 -8.18
N GLU A 384 -4.97 4.14 -7.37
CA GLU A 384 -5.66 2.95 -7.85
C GLU A 384 -6.84 3.37 -8.71
N PRO A 385 -7.25 2.52 -9.66
CA PRO A 385 -6.70 1.21 -10.03
C PRO A 385 -5.40 1.26 -10.86
N ASP A 386 -5.01 2.44 -11.35
CA ASP A 386 -3.84 2.53 -12.22
C ASP A 386 -2.61 2.01 -11.49
N ARG A 387 -2.55 2.22 -10.18
CA ARG A 387 -1.42 1.79 -9.38
C ARG A 387 -1.10 0.30 -9.58
N SER A 388 -2.13 -0.51 -9.58
CA SER A 388 -1.91 -1.93 -9.72
C SER A 388 -1.42 -2.25 -11.12
N TRP A 389 -1.95 -1.59 -12.14
CA TRP A 389 -1.49 -1.91 -13.48
C TRP A 389 0.01 -1.57 -13.59
N PHE A 390 0.39 -0.38 -13.15
CA PHE A 390 1.80 -0.02 -13.02
C PHE A 390 2.59 -1.09 -12.26
N ALA A 391 1.98 -1.66 -11.22
CA ALA A 391 2.70 -2.62 -10.39
C ALA A 391 2.95 -3.90 -11.20
N LEU A 392 1.94 -4.33 -11.97
CA LEU A 392 2.17 -5.43 -12.89
C LEU A 392 3.26 -5.10 -13.91
N ALA A 393 3.27 -3.88 -14.44
CA ALA A 393 4.30 -3.52 -15.40
C ALA A 393 5.70 -3.62 -14.78
N ALA A 394 5.85 -3.15 -13.56
CA ALA A 394 7.15 -3.23 -12.91
C ALA A 394 7.51 -4.66 -12.58
N TYR A 395 6.55 -5.43 -12.10
CA TYR A 395 6.75 -6.86 -11.85
C TYR A 395 7.47 -7.53 -13.03
N ASN A 396 7.17 -7.09 -14.24
CA ASN A 396 7.73 -7.67 -15.44
C ASN A 396 8.98 -7.00 -16.00
N ILE A 397 8.92 -5.68 -16.18
CA ILE A 397 9.93 -4.95 -16.94
C ILE A 397 10.98 -4.33 -16.05
N GLY A 398 10.70 -4.31 -14.75
CA GLY A 398 11.53 -3.62 -13.79
C GLY A 398 11.11 -2.18 -13.54
N GLY A 399 11.22 -1.72 -12.30
CA GLY A 399 10.89 -0.35 -11.97
C GLY A 399 11.61 0.72 -12.77
N ALA A 400 12.89 0.47 -13.07
CA ALA A 400 13.73 1.50 -13.68
C ALA A 400 13.25 1.84 -15.08
N HIS A 401 13.11 0.83 -15.93
CA HIS A 401 12.49 1.02 -17.23
C HIS A 401 11.10 1.67 -17.08
N LEU A 402 10.30 1.15 -16.15
CA LEU A 402 8.96 1.69 -15.99
C LEU A 402 9.03 3.18 -15.69
N GLU A 403 10.05 3.62 -14.95
CA GLU A 403 10.23 5.03 -14.68
C GLU A 403 10.68 5.78 -15.94
N ASP A 404 11.53 5.14 -16.74
CA ASP A 404 11.85 5.66 -18.05
C ASP A 404 10.55 6.00 -18.78
N ALA A 405 9.63 5.05 -18.85
CA ALA A 405 8.38 5.29 -19.60
C ALA A 405 7.55 6.43 -19.02
N ARG A 406 7.53 6.55 -17.70
CA ARG A 406 6.80 7.63 -17.07
C ARG A 406 7.38 9.00 -17.47
N LYS A 407 8.72 9.10 -17.51
CA LYS A 407 9.38 10.35 -17.88
C LYS A 407 9.12 10.67 -19.36
N MET A 408 9.28 9.67 -20.22
CA MET A 408 9.00 9.79 -21.65
C MET A 408 7.56 10.25 -21.87
N ALA A 409 6.65 9.73 -21.05
CA ALA A 409 5.24 10.12 -21.05
C ALA A 409 5.04 11.59 -20.69
N GLU A 410 5.68 12.01 -19.60
CA GLU A 410 5.65 13.39 -19.15
C GLU A 410 6.09 14.33 -20.28
N LYS A 411 7.32 14.14 -20.76
CA LYS A 411 7.89 14.98 -21.80
C LYS A 411 6.98 15.03 -23.02
N GLU A 412 6.22 13.96 -23.24
CA GLU A 412 5.34 13.85 -24.39
C GLU A 412 4.01 14.55 -24.14
N GLY A 413 3.90 15.26 -23.02
CA GLY A 413 2.66 15.91 -22.64
C GLY A 413 1.54 15.01 -22.09
N LEU A 414 1.83 13.73 -21.87
CA LEU A 414 0.84 12.85 -21.27
C LEU A 414 0.95 12.80 -19.75
N ASN A 415 0.04 12.06 -19.12
CA ASN A 415 -0.01 11.95 -17.67
C ASN A 415 0.72 10.69 -17.25
N PRO A 416 1.84 10.85 -16.51
CA PRO A 416 2.69 9.76 -16.05
C PRO A 416 2.01 8.90 -14.96
N ASN A 417 0.89 9.37 -14.46
CA ASN A 417 0.16 8.63 -13.46
C ASN A 417 -1.04 7.89 -14.04
N LYS A 418 -1.14 7.87 -15.37
CA LYS A 418 -2.22 7.16 -16.03
C LYS A 418 -1.68 5.95 -16.79
N TRP A 419 -2.19 4.77 -16.47
CA TRP A 419 -1.67 3.58 -17.07
C TRP A 419 -1.94 3.59 -18.59
N LEU A 420 -3.03 4.23 -19.00
CA LEU A 420 -3.34 4.32 -20.42
C LEU A 420 -2.30 5.07 -21.24
N ASP A 421 -1.67 6.05 -20.59
CA ASP A 421 -0.71 6.90 -21.25
C ASP A 421 0.66 6.26 -21.29
N VAL A 422 1.16 5.91 -20.11
CA VAL A 422 2.45 5.24 -19.99
C VAL A 422 2.52 3.96 -20.82
N LYS A 423 1.41 3.22 -20.89
CA LYS A 423 1.42 1.98 -21.65
C LYS A 423 1.57 2.24 -23.16
N LYS A 424 1.42 3.49 -23.59
CA LYS A 424 1.64 3.84 -25.00
C LYS A 424 3.14 4.11 -25.18
N MET A 425 3.78 4.58 -24.11
CA MET A 425 5.20 4.86 -24.14
C MET A 425 6.03 3.59 -24.04
N LEU A 426 5.53 2.61 -23.31
CA LEU A 426 6.29 1.39 -23.04
C LEU A 426 6.89 0.73 -24.28
N PRO A 427 6.10 0.58 -25.37
CA PRO A 427 6.64 -0.06 -26.58
C PRO A 427 7.79 0.69 -27.23
N ARG A 428 7.88 1.98 -26.99
CA ARG A 428 8.95 2.76 -27.62
C ARG A 428 10.34 2.43 -27.07
N LEU A 429 10.40 1.81 -25.90
CA LEU A 429 11.65 1.35 -25.30
C LEU A 429 12.37 0.31 -26.18
N ALA A 430 11.70 -0.13 -27.24
CA ALA A 430 12.29 -1.08 -28.16
C ALA A 430 12.72 -0.39 -29.46
N GLN A 431 12.70 0.94 -29.44
CA GLN A 431 13.10 1.74 -30.59
C GLN A 431 14.29 2.60 -30.25
N LYS A 432 15.39 2.37 -30.97
CA LYS A 432 16.66 3.04 -30.68
C LYS A 432 16.52 4.54 -30.57
N GLN A 433 15.81 5.14 -31.52
CA GLN A 433 15.59 6.57 -31.55
C GLN A 433 14.98 7.04 -30.26
N TRP A 434 14.17 6.20 -29.64
CA TRP A 434 13.54 6.57 -28.38
C TRP A 434 14.34 6.10 -27.17
N TYR A 435 14.70 4.82 -27.14
CA TYR A 435 15.34 4.34 -25.92
C TYR A 435 16.74 4.94 -25.68
N ALA A 436 17.42 5.36 -26.75
CA ALA A 436 18.77 5.93 -26.62
C ALA A 436 18.74 7.20 -25.80
N LYS A 437 17.59 7.87 -25.81
CA LYS A 437 17.39 9.06 -25.02
C LYS A 437 16.88 8.73 -23.61
N THR A 438 17.02 7.48 -23.18
CA THR A 438 16.62 7.13 -21.83
C THR A 438 17.78 6.58 -20.99
N ARG A 439 17.61 6.60 -19.68
CA ARG A 439 18.68 6.26 -18.76
C ARG A 439 19.09 4.80 -18.86
N TYR A 440 18.12 3.90 -19.01
CA TYR A 440 18.45 2.48 -19.00
C TYR A 440 18.37 1.81 -20.35
N GLY A 441 17.91 2.54 -21.35
CA GLY A 441 18.04 2.12 -22.74
C GLY A 441 17.00 1.11 -23.14
N TYR A 442 17.42 0.15 -23.97
CA TYR A 442 16.51 -0.84 -24.58
C TYR A 442 15.77 -1.74 -23.59
N ALA A 443 14.53 -2.06 -23.94
CA ALA A 443 13.66 -2.96 -23.18
C ALA A 443 12.49 -3.35 -24.08
N ARG A 444 12.15 -4.63 -24.09
CA ARG A 444 11.12 -5.08 -25.01
C ARG A 444 9.77 -4.76 -24.39
N GLY A 445 9.49 -3.47 -24.30
CA GLY A 445 8.32 -3.00 -23.58
C GLY A 445 6.97 -3.45 -24.09
N GLY A 446 6.85 -3.74 -25.37
CA GLY A 446 5.60 -4.26 -25.88
C GLY A 446 5.18 -5.55 -25.20
N GLU A 447 6.16 -6.38 -24.81
CA GLU A 447 5.86 -7.61 -24.11
C GLU A 447 5.38 -7.33 -22.71
N THR A 448 5.85 -6.22 -22.14
CA THR A 448 5.36 -5.82 -20.84
C THR A 448 3.90 -5.39 -20.91
N VAL A 449 3.54 -4.71 -21.98
CA VAL A 449 2.14 -4.37 -22.23
C VAL A 449 1.29 -5.63 -22.34
N HIS A 450 1.75 -6.60 -23.13
CA HIS A 450 1.04 -7.88 -23.29
C HIS A 450 0.87 -8.53 -21.94
N PHE A 451 1.97 -8.54 -21.18
CA PHE A 451 1.95 -9.10 -19.84
C PHE A 451 0.82 -8.54 -19.02
N VAL A 452 0.77 -7.21 -18.96
CA VAL A 452 -0.18 -6.54 -18.07
C VAL A 452 -1.59 -6.79 -18.52
N GLN A 453 -1.82 -6.61 -19.81
CA GLN A 453 -3.16 -6.74 -20.32
C GLN A 453 -3.61 -8.20 -20.15
N ASN A 454 -2.72 -9.15 -20.41
CA ASN A 454 -3.04 -10.57 -20.16
C ASN A 454 -3.46 -10.86 -18.73
N VAL A 455 -2.74 -10.32 -17.75
CA VAL A 455 -3.05 -10.60 -16.36
C VAL A 455 -4.42 -10.01 -16.09
N ARG A 456 -4.68 -8.86 -16.70
CA ARG A 456 -5.91 -8.18 -16.46
C ARG A 456 -7.10 -8.93 -17.04
N ARG A 457 -6.92 -9.64 -18.14
CA ARG A 457 -8.04 -10.42 -18.69
C ARG A 457 -8.35 -11.57 -17.74
N TYR A 458 -7.32 -12.30 -17.33
CA TYR A 458 -7.49 -13.39 -16.40
C TYR A 458 -8.11 -12.88 -15.13
N TYR A 459 -7.70 -11.69 -14.71
CA TYR A 459 -8.25 -11.06 -13.54
C TYR A 459 -9.75 -10.84 -13.69
N ASP A 460 -10.18 -10.37 -14.86
CA ASP A 460 -11.60 -10.11 -15.10
C ASP A 460 -12.43 -11.40 -15.08
N ILE A 461 -11.97 -12.41 -15.79
CA ILE A 461 -12.65 -13.69 -15.79
C ILE A 461 -12.74 -14.27 -14.37
N LEU A 462 -11.67 -14.20 -13.59
CA LEU A 462 -11.72 -14.70 -12.21
C LEU A 462 -12.67 -13.88 -11.35
N THR A 463 -12.76 -12.59 -11.62
CA THR A 463 -13.65 -11.74 -10.84
C THR A 463 -15.09 -12.08 -11.17
N TRP A 464 -15.35 -12.33 -12.44
CA TRP A 464 -16.69 -12.65 -12.91
C TRP A 464 -17.15 -13.99 -12.36
N VAL A 465 -16.23 -14.94 -12.32
CA VAL A 465 -16.56 -16.32 -11.97
C VAL A 465 -16.70 -16.53 -10.47
N THR A 466 -16.07 -15.64 -9.69
CA THR A 466 -16.33 -15.55 -8.25
C THR A 466 -17.53 -14.64 -8.10
N GLN A 467 -17.49 -13.71 -7.14
CA GLN A 467 -18.45 -12.61 -7.12
C GLN A 467 -19.88 -13.13 -7.19
N SER A 468 -20.42 -13.55 -6.05
CA SER A 468 -21.76 -14.12 -6.11
C SER A 468 -22.79 -13.01 -6.28
N GLY B 52 -28.46 -34.15 10.00
CA GLY B 52 -27.75 -32.93 9.65
C GLY B 52 -26.47 -32.67 10.43
N VAL B 53 -26.60 -32.07 11.61
CA VAL B 53 -25.45 -31.64 12.44
C VAL B 53 -25.78 -31.63 13.95
N LEU B 54 -24.76 -31.65 14.81
CA LEU B 54 -24.95 -31.56 16.26
C LEU B 54 -24.38 -30.27 16.88
N ARG B 55 -25.26 -29.46 17.44
CA ARG B 55 -24.84 -28.20 18.07
C ARG B 55 -24.57 -28.36 19.56
N VAL B 56 -23.41 -27.88 19.99
CA VAL B 56 -22.94 -28.02 21.37
C VAL B 56 -22.64 -26.64 21.94
N ILE B 57 -23.21 -26.34 23.10
CA ILE B 57 -22.95 -25.04 23.71
C ILE B 57 -21.99 -25.23 24.88
N THR B 58 -21.05 -24.30 25.02
CA THR B 58 -20.05 -24.42 26.08
C THR B 58 -19.46 -23.07 26.48
N ARG B 59 -18.56 -23.10 27.46
CA ARG B 59 -17.82 -21.92 27.87
C ARG B 59 -16.51 -21.78 27.09
N ASN B 60 -16.13 -20.54 26.73
CA ASN B 60 -14.78 -20.28 26.25
C ASN B 60 -13.89 -20.17 27.45
N SER B 61 -13.14 -21.23 27.69
CA SER B 61 -12.28 -21.30 28.86
C SER B 61 -11.36 -22.47 28.64
N PRO B 62 -10.30 -22.56 29.45
CA PRO B 62 -9.27 -23.58 29.26
C PRO B 62 -9.69 -24.95 29.79
N ALA B 63 -10.72 -24.97 30.63
CA ALA B 63 -11.16 -26.20 31.24
C ALA B 63 -12.10 -26.97 30.34
N THR B 64 -12.58 -26.27 29.32
CA THR B 64 -13.72 -26.72 28.52
C THR B 64 -13.50 -26.66 26.99
N TYR B 65 -13.28 -25.46 26.44
CA TYR B 65 -13.11 -25.28 24.99
C TYR B 65 -12.46 -23.95 24.66
N PHE B 66 -11.48 -23.98 23.75
CA PHE B 66 -10.87 -22.75 23.26
C PHE B 66 -10.02 -23.01 22.03
N GLN B 67 -9.50 -21.94 21.45
CA GLN B 67 -8.53 -22.04 20.38
C GLN B 67 -7.08 -21.85 20.85
N ASP B 68 -6.20 -22.74 20.40
CA ASP B 68 -4.76 -22.51 20.56
C ASP B 68 -4.15 -22.37 19.17
N ARG B 69 -2.83 -22.58 19.05
CA ARG B 69 -2.15 -22.33 17.78
C ARG B 69 -2.42 -23.39 16.74
N ASN B 70 -3.01 -24.51 17.14
CA ASN B 70 -3.33 -25.63 16.23
C ASN B 70 -4.83 -25.81 15.95
N GLY B 71 -5.66 -24.87 16.37
CA GLY B 71 -7.08 -24.99 16.14
C GLY B 71 -7.91 -25.13 17.40
N GLU B 72 -9.08 -25.73 17.27
CA GLU B 72 -9.96 -25.93 18.41
C GLU B 72 -9.38 -26.98 19.37
N THR B 73 -9.63 -26.81 20.66
CA THR B 73 -9.08 -27.73 21.65
C THR B 73 -9.81 -27.57 22.96
N GLY B 74 -9.49 -28.41 23.94
CA GLY B 74 -10.14 -28.38 25.24
C GLY B 74 -10.81 -29.70 25.58
N PHE B 75 -10.93 -29.99 26.87
CA PHE B 75 -11.57 -31.22 27.34
C PHE B 75 -12.99 -31.43 26.77
N GLU B 76 -13.88 -30.48 26.97
CA GLU B 76 -15.25 -30.66 26.53
C GLU B 76 -15.31 -30.77 25.01
N TYR B 77 -14.51 -29.98 24.31
CA TYR B 77 -14.42 -30.05 22.86
C TYR B 77 -14.13 -31.45 22.36
N GLU B 78 -13.01 -32.02 22.78
CA GLU B 78 -12.63 -33.36 22.34
C GLU B 78 -13.72 -34.39 22.61
N LEU B 79 -14.17 -34.45 23.85
CA LEU B 79 -15.24 -35.35 24.23
C LEU B 79 -16.46 -35.16 23.32
N ALA B 80 -16.85 -33.92 23.07
CA ALA B 80 -18.03 -33.64 22.23
C ALA B 80 -17.75 -34.00 20.79
N LYS B 81 -16.55 -33.65 20.33
CA LYS B 81 -16.14 -33.85 18.95
C LYS B 81 -16.21 -35.32 18.56
N ARG B 82 -15.72 -36.20 19.44
CA ARG B 82 -15.69 -37.61 19.10
C ARG B 82 -17.05 -38.26 19.34
N PHE B 83 -17.86 -37.63 20.20
CA PHE B 83 -19.24 -38.03 20.33
C PHE B 83 -19.96 -37.68 19.03
N ALA B 84 -19.51 -36.61 18.39
CA ALA B 84 -20.04 -36.24 17.08
C ALA B 84 -19.72 -37.29 16.02
N GLU B 85 -18.48 -37.81 16.02
CA GLU B 85 -18.10 -38.79 15.01
C GLU B 85 -18.59 -40.21 15.35
N ARG B 86 -19.08 -40.42 16.57
CA ARG B 86 -19.75 -41.68 16.88
C ARG B 86 -21.20 -41.64 16.41
N LEU B 87 -21.70 -40.43 16.20
CA LEU B 87 -23.06 -40.23 15.70
C LEU B 87 -23.04 -40.09 14.20
N GLY B 88 -21.84 -39.93 13.64
CA GLY B 88 -21.67 -39.66 12.23
C GLY B 88 -22.28 -38.32 11.85
N VAL B 89 -21.94 -37.29 12.60
CA VAL B 89 -22.44 -35.96 12.31
C VAL B 89 -21.42 -34.89 12.67
N GLU B 90 -21.46 -33.77 11.95
CA GLU B 90 -20.51 -32.69 12.14
C GLU B 90 -20.79 -31.89 13.42
N LEU B 91 -19.74 -31.63 14.20
CA LEU B 91 -19.88 -30.90 15.45
C LEU B 91 -19.80 -29.39 15.27
N LYS B 92 -20.79 -28.67 15.79
CA LYS B 92 -20.78 -27.20 15.72
C LYS B 92 -20.76 -26.61 17.13
N ILE B 93 -19.60 -26.12 17.56
CA ILE B 93 -19.49 -25.56 18.91
C ILE B 93 -20.00 -24.13 18.98
N GLU B 94 -20.70 -23.81 20.06
CA GLU B 94 -21.23 -22.46 20.25
C GLU B 94 -20.95 -21.95 21.67
N THR B 95 -20.45 -20.72 21.76
CA THR B 95 -19.97 -20.16 23.02
C THR B 95 -21.04 -19.34 23.73
N ALA B 96 -21.20 -19.57 25.03
CA ALA B 96 -22.13 -18.77 25.82
C ALA B 96 -21.44 -17.57 26.45
N ASP B 97 -22.11 -16.40 26.41
CA ASP B 97 -21.61 -15.17 27.03
C ASP B 97 -21.25 -15.33 28.50
N ASN B 98 -22.02 -16.15 29.19
CA ASN B 98 -21.91 -16.35 30.63
C ASN B 98 -22.73 -17.58 30.97
N LEU B 99 -22.79 -17.94 32.25
CA LEU B 99 -23.56 -19.11 32.64
C LEU B 99 -25.04 -18.93 32.33
N ASP B 100 -25.66 -17.90 32.90
CA ASP B 100 -27.09 -17.66 32.71
C ASP B 100 -27.49 -17.77 31.24
N ASP B 101 -26.65 -17.26 30.35
CA ASP B 101 -26.91 -17.36 28.93
C ASP B 101 -26.87 -18.81 28.45
N LEU B 102 -25.99 -19.61 29.04
CA LEU B 102 -25.82 -21.01 28.62
C LEU B 102 -27.12 -21.77 28.84
N TYR B 103 -27.80 -21.49 29.95
CA TYR B 103 -29.05 -22.15 30.23
C TYR B 103 -30.24 -21.51 29.49
N ALA B 104 -30.20 -20.19 29.33
CA ALA B 104 -31.19 -19.51 28.50
C ALA B 104 -31.18 -20.09 27.08
N GLN B 105 -29.96 -20.23 26.53
CA GLN B 105 -29.76 -20.80 25.20
C GLN B 105 -30.21 -22.25 25.13
N LEU B 106 -29.81 -23.03 26.13
CA LEU B 106 -30.07 -24.46 26.14
C LEU B 106 -31.55 -24.74 26.04
N SER B 107 -32.33 -23.90 26.69
CA SER B 107 -33.75 -24.15 26.91
C SER B 107 -34.62 -23.37 25.95
N ARG B 108 -34.00 -22.56 25.10
CA ARG B 108 -34.75 -21.89 24.05
C ARG B 108 -35.11 -22.88 22.94
N GLU B 109 -36.34 -22.79 22.46
CA GLU B 109 -36.80 -23.58 21.32
C GLU B 109 -35.89 -23.39 20.12
N GLY B 110 -35.52 -24.50 19.49
CA GLY B 110 -34.65 -24.46 18.32
C GLY B 110 -33.25 -24.00 18.69
N GLY B 111 -32.82 -24.42 19.88
CA GLY B 111 -31.50 -24.11 20.38
C GLY B 111 -30.55 -25.30 20.27
N PRO B 112 -29.36 -25.17 20.87
CA PRO B 112 -28.35 -26.23 20.83
C PRO B 112 -28.83 -27.55 21.43
N ALA B 113 -28.17 -28.64 21.05
CA ALA B 113 -28.60 -29.97 21.44
C ALA B 113 -28.30 -30.26 22.91
N LEU B 114 -27.11 -29.86 23.35
CA LEU B 114 -26.68 -30.12 24.71
C LEU B 114 -25.63 -29.10 25.14
N ALA B 115 -25.36 -29.03 26.44
CA ALA B 115 -24.27 -28.21 26.93
C ALA B 115 -23.19 -29.09 27.56
N ALA B 116 -21.96 -28.93 27.07
CA ALA B 116 -20.78 -29.56 27.63
C ALA B 116 -19.88 -28.46 28.16
N ALA B 117 -19.66 -28.42 29.46
CA ALA B 117 -19.12 -27.20 30.05
C ALA B 117 -18.79 -27.34 31.54
N GLY B 118 -18.46 -28.54 31.98
CA GLY B 118 -18.10 -28.76 33.37
C GLY B 118 -19.20 -28.35 34.34
N LEU B 119 -20.43 -28.66 33.93
CA LEU B 119 -21.59 -28.29 34.71
C LEU B 119 -21.87 -29.32 35.80
N THR B 120 -22.25 -28.81 36.97
CA THR B 120 -22.70 -29.67 38.04
C THR B 120 -24.19 -29.86 37.90
N PRO B 121 -24.65 -31.11 37.86
CA PRO B 121 -26.09 -31.30 37.81
C PRO B 121 -26.70 -30.93 39.17
N GLY B 122 -27.69 -30.05 39.19
CA GLY B 122 -28.29 -29.71 40.47
C GLY B 122 -29.79 -29.89 40.48
N ARG B 123 -30.29 -30.67 41.43
CA ARG B 123 -31.72 -30.98 41.56
C ARG B 123 -32.24 -31.68 40.30
N GLU B 124 -33.01 -32.76 40.39
CA GLU B 124 -33.57 -33.46 41.56
C GLU B 124 -35.06 -33.27 41.44
N ASP B 125 -35.62 -32.34 42.20
CA ASP B 125 -37.02 -31.97 41.99
C ASP B 125 -37.16 -30.98 40.84
N ASP B 126 -36.13 -30.90 39.99
CA ASP B 126 -36.15 -29.98 38.85
C ASP B 126 -35.91 -30.70 37.54
N ALA B 127 -36.77 -30.43 36.56
CA ALA B 127 -36.74 -31.12 35.29
C ALA B 127 -36.59 -30.17 34.11
N SER B 128 -36.42 -28.88 34.37
CA SER B 128 -36.34 -27.89 33.30
C SER B 128 -35.11 -28.16 32.43
N VAL B 129 -34.03 -28.67 33.04
CA VAL B 129 -32.91 -29.22 32.28
C VAL B 129 -32.57 -30.62 32.79
N ARG B 130 -32.12 -31.49 31.89
CA ARG B 130 -31.69 -32.84 32.26
C ARG B 130 -30.17 -32.98 32.16
N TYR B 131 -29.61 -33.81 33.01
CA TYR B 131 -28.18 -34.09 33.02
C TYR B 131 -27.84 -35.52 32.62
N SER B 132 -26.77 -35.68 31.83
CA SER B 132 -26.20 -36.98 31.49
C SER B 132 -25.57 -37.60 32.72
N HIS B 133 -24.71 -38.59 32.56
CA HIS B 133 -24.02 -39.03 33.77
C HIS B 133 -22.60 -38.51 33.87
N THR B 134 -22.10 -38.55 35.10
CA THR B 134 -20.75 -38.18 35.46
C THR B 134 -19.70 -38.61 34.45
N TYR B 135 -18.76 -37.72 34.16
CA TYR B 135 -17.66 -38.06 33.30
C TYR B 135 -16.39 -37.54 33.93
N LEU B 136 -16.54 -37.01 35.13
CA LEU B 136 -15.43 -36.40 35.87
C LEU B 136 -15.84 -36.01 37.29
N ASP B 137 -15.16 -36.58 38.29
CA ASP B 137 -15.44 -36.25 39.67
C ASP B 137 -14.59 -35.07 40.09
N VAL B 138 -15.20 -34.09 40.75
CA VAL B 138 -14.47 -32.94 41.26
C VAL B 138 -15.00 -32.59 42.64
N THR B 139 -14.33 -31.67 43.31
CA THR B 139 -14.78 -31.15 44.59
C THR B 139 -14.65 -29.62 44.60
N PRO B 140 -15.68 -28.91 45.09
CA PRO B 140 -15.46 -27.47 45.07
C PRO B 140 -14.52 -27.06 46.21
N GLN B 141 -13.62 -26.11 45.99
CA GLN B 141 -12.62 -25.76 46.98
C GLN B 141 -12.56 -24.26 47.21
N ILE B 142 -12.31 -23.87 48.46
CA ILE B 142 -12.14 -22.46 48.79
C ILE B 142 -10.68 -22.03 48.58
N ILE B 143 -10.48 -21.06 47.71
CA ILE B 143 -9.12 -20.62 47.41
C ILE B 143 -8.74 -19.37 48.16
N TYR B 144 -7.56 -19.39 48.78
CA TYR B 144 -7.05 -18.20 49.40
C TYR B 144 -5.65 -17.92 48.90
N ARG B 145 -5.13 -16.75 49.25
CA ARG B 145 -3.83 -16.31 48.76
C ARG B 145 -2.73 -16.57 49.77
N ASN B 146 -1.56 -17.00 49.29
CA ASN B 146 -0.49 -17.43 50.18
C ASN B 146 -0.03 -16.34 51.16
N GLY B 147 0.14 -16.76 52.41
CA GLY B 147 0.57 -15.89 53.50
C GLY B 147 -0.50 -14.91 53.93
N GLN B 148 -1.71 -15.39 54.17
CA GLN B 148 -2.81 -14.45 54.33
C GLN B 148 -3.78 -14.88 55.41
N GLN B 149 -3.98 -16.18 55.55
CA GLN B 149 -4.81 -16.70 56.63
C GLN B 149 -4.96 -18.20 56.56
N ARG B 150 -5.63 -18.64 55.50
CA ARG B 150 -6.08 -20.03 55.34
C ARG B 150 -7.28 -20.28 56.22
N PRO B 151 -8.46 -19.87 55.76
CA PRO B 151 -9.71 -20.21 56.44
C PRO B 151 -9.83 -21.72 56.65
N THR B 152 -10.48 -22.11 57.74
CA THR B 152 -10.63 -23.53 58.08
C THR B 152 -12.09 -23.92 58.16
N ARG B 153 -12.86 -23.14 58.92
CA ARG B 153 -14.29 -23.35 58.99
C ARG B 153 -14.94 -22.37 58.03
N PRO B 154 -16.05 -22.78 57.41
CA PRO B 154 -16.87 -21.86 56.62
C PRO B 154 -17.20 -20.52 57.31
N GLU B 155 -17.08 -20.42 58.62
CA GLU B 155 -17.30 -19.14 59.30
C GLU B 155 -16.26 -18.10 58.86
N ASP B 156 -15.02 -18.55 58.63
CA ASP B 156 -13.89 -17.66 58.36
C ASP B 156 -14.05 -16.84 57.06
N LEU B 157 -15.01 -17.23 56.23
CA LEU B 157 -15.30 -16.50 55.00
C LEU B 157 -16.04 -15.20 55.25
N VAL B 158 -16.39 -14.95 56.51
CA VAL B 158 -17.31 -13.88 56.87
C VAL B 158 -16.88 -12.44 56.51
N GLY B 159 -15.60 -12.11 56.68
CA GLY B 159 -15.17 -10.74 56.44
C GLY B 159 -14.24 -10.51 55.26
N LYS B 160 -14.44 -11.27 54.19
CA LYS B 160 -13.48 -11.25 53.10
C LYS B 160 -14.12 -10.81 51.78
N ARG B 161 -13.32 -10.30 50.87
CA ARG B 161 -13.88 -10.07 49.54
C ARG B 161 -13.98 -11.41 48.84
N ILE B 162 -15.19 -11.76 48.41
CA ILE B 162 -15.36 -12.99 47.66
C ILE B 162 -16.03 -12.74 46.31
N MET B 163 -15.51 -13.40 45.29
CA MET B 163 -16.12 -13.36 43.98
C MET B 163 -16.21 -14.79 43.46
N VAL B 164 -17.31 -15.07 42.77
CA VAL B 164 -17.58 -16.36 42.13
C VAL B 164 -18.29 -16.05 40.82
N LEU B 165 -18.36 -17.03 39.93
CA LEU B 165 -19.14 -16.86 38.68
C LEU B 165 -20.65 -16.74 38.95
N LYS B 166 -21.29 -15.80 38.27
CA LYS B 166 -22.71 -15.56 38.50
C LYS B 166 -23.55 -16.62 37.84
N GLY B 167 -24.55 -17.09 38.58
CA GLY B 167 -25.42 -18.17 38.14
C GLY B 167 -24.75 -19.52 38.22
N SER B 168 -23.73 -19.63 39.06
CA SER B 168 -23.03 -20.89 39.22
C SER B 168 -23.53 -21.63 40.45
N SER B 169 -23.33 -22.93 40.47
CA SER B 169 -23.56 -23.75 41.65
C SER B 169 -22.72 -23.23 42.83
N HIS B 170 -21.53 -22.73 42.56
CA HIS B 170 -20.70 -22.17 43.63
C HIS B 170 -21.31 -20.93 44.22
N ALA B 171 -22.03 -20.17 43.40
CA ALA B 171 -22.74 -19.00 43.89
C ALA B 171 -23.87 -19.44 44.84
N GLU B 172 -24.61 -20.47 44.48
CA GLU B 172 -25.71 -20.88 45.33
C GLU B 172 -25.19 -21.62 46.55
N GLN B 173 -24.04 -22.29 46.41
CA GLN B 173 -23.37 -22.85 47.59
C GLN B 173 -23.16 -21.76 48.63
N LEU B 174 -22.60 -20.64 48.19
CA LEU B 174 -22.39 -19.50 49.06
C LEU B 174 -23.73 -18.88 49.47
N ALA B 175 -24.75 -19.05 48.64
CA ALA B 175 -26.06 -18.50 48.91
C ALA B 175 -26.74 -19.28 50.03
N GLU B 176 -26.39 -20.56 50.14
CA GLU B 176 -26.91 -21.43 51.19
C GLU B 176 -26.21 -21.14 52.51
N LEU B 177 -24.96 -20.69 52.42
CA LEU B 177 -24.20 -20.26 53.59
C LEU B 177 -24.80 -18.99 54.18
N LYS B 178 -25.34 -18.13 53.32
CA LYS B 178 -25.85 -16.82 53.74
C LYS B 178 -27.19 -16.94 54.46
N LYS B 179 -27.86 -18.07 54.27
CA LYS B 179 -29.05 -18.37 55.05
C LYS B 179 -28.58 -18.67 56.47
N GLN B 180 -27.52 -19.47 56.57
CA GLN B 180 -26.90 -19.79 57.85
C GLN B 180 -26.15 -18.58 58.40
N TYR B 181 -24.84 -18.51 58.14
CA TYR B 181 -24.02 -17.40 58.63
C TYR B 181 -24.45 -16.13 57.92
N PRO B 182 -25.17 -15.28 58.66
CA PRO B 182 -25.98 -14.25 58.03
C PRO B 182 -25.21 -13.04 57.46
N PRO B 183 -24.08 -12.63 58.06
CA PRO B 183 -23.41 -11.41 57.59
C PRO B 183 -22.33 -11.62 56.52
N LEU B 184 -22.25 -12.84 56.01
CA LEU B 184 -21.39 -13.16 54.87
C LEU B 184 -21.76 -12.32 53.64
N LYS B 185 -20.76 -11.70 53.02
CA LYS B 185 -20.95 -10.98 51.75
C LYS B 185 -20.13 -11.67 50.66
N TYR B 186 -20.65 -11.69 49.44
CA TYR B 186 -19.93 -12.22 48.28
C TYR B 186 -20.43 -11.56 46.98
N GLU B 187 -19.56 -11.41 45.99
CA GLU B 187 -19.98 -10.78 44.72
C GLU B 187 -20.15 -11.79 43.58
N GLU B 188 -21.06 -11.50 42.66
CA GLU B 188 -21.27 -12.31 41.46
C GLU B 188 -20.92 -11.48 40.25
N SER B 189 -20.50 -12.13 39.16
CA SER B 189 -20.10 -11.40 37.96
C SER B 189 -20.23 -12.22 36.68
N ASP B 190 -20.70 -11.58 35.62
CA ASP B 190 -20.78 -12.21 34.31
C ASP B 190 -19.52 -11.92 33.48
N ALA B 191 -18.67 -11.00 33.94
CA ALA B 191 -17.50 -10.65 33.14
C ALA B 191 -16.22 -11.29 33.66
N VAL B 192 -16.35 -12.36 34.45
CA VAL B 192 -15.20 -13.15 34.86
C VAL B 192 -15.43 -14.64 34.66
N GLU B 193 -14.35 -15.32 34.28
CA GLU B 193 -14.32 -16.78 34.22
C GLU B 193 -13.47 -17.31 35.37
N VAL B 194 -13.44 -18.62 35.55
CA VAL B 194 -12.68 -19.22 36.66
C VAL B 194 -11.23 -18.77 36.65
N VAL B 195 -10.64 -18.68 35.46
CA VAL B 195 -9.27 -18.17 35.35
C VAL B 195 -9.13 -16.83 36.03
N ASP B 196 -10.03 -15.89 35.71
CA ASP B 196 -10.05 -14.57 36.31
C ASP B 196 -10.08 -14.61 37.86
N LEU B 197 -10.95 -15.46 38.42
CA LEU B 197 -11.03 -15.61 39.86
C LEU B 197 -9.65 -15.94 40.44
N LEU B 198 -9.07 -17.08 40.06
CA LEU B 198 -7.73 -17.47 40.50
C LEU B 198 -6.73 -16.33 40.39
N ARG B 199 -6.71 -15.67 39.23
CA ARG B 199 -5.85 -14.51 39.00
C ARG B 199 -6.04 -13.46 40.07
N MET B 200 -7.31 -13.13 40.31
CA MET B 200 -7.67 -12.06 41.19
C MET B 200 -7.18 -12.37 42.60
N VAL B 201 -7.16 -13.64 42.98
CA VAL B 201 -6.68 -13.93 44.34
C VAL B 201 -5.16 -14.08 44.35
N ASP B 202 -4.60 -14.56 43.25
CA ASP B 202 -3.14 -14.63 43.10
C ASP B 202 -2.56 -13.22 43.20
N VAL B 203 -3.17 -12.31 42.46
CA VAL B 203 -2.78 -10.92 42.38
C VAL B 203 -3.10 -10.13 43.64
N GLY B 204 -4.16 -10.51 44.33
CA GLY B 204 -4.53 -9.90 45.60
C GLY B 204 -5.72 -8.97 45.51
N ASP B 205 -6.35 -8.94 44.35
CA ASP B 205 -7.49 -8.06 44.13
C ASP B 205 -8.72 -8.54 44.91
N ILE B 206 -8.89 -9.85 45.02
CA ILE B 206 -9.89 -10.42 45.94
C ILE B 206 -9.23 -11.43 46.86
N ASP B 207 -9.87 -11.73 47.98
CA ASP B 207 -9.25 -12.60 48.98
C ASP B 207 -9.56 -14.08 48.79
N LEU B 208 -10.79 -14.37 48.40
CA LEU B 208 -11.28 -15.74 48.33
C LEU B 208 -12.13 -16.00 47.12
N THR B 209 -12.01 -17.20 46.57
CA THR B 209 -12.96 -17.62 45.55
C THR B 209 -13.34 -19.07 45.80
N LEU B 210 -14.34 -19.54 45.07
CA LEU B 210 -14.83 -20.91 45.19
C LEU B 210 -14.96 -21.53 43.79
N VAL B 211 -14.30 -22.65 43.59
CA VAL B 211 -14.13 -23.23 42.26
C VAL B 211 -14.06 -24.75 42.31
N ASP B 212 -14.47 -25.41 41.24
CA ASP B 212 -14.36 -26.87 41.19
C ASP B 212 -12.89 -27.18 41.19
N SER B 213 -12.50 -28.34 41.67
CA SER B 213 -11.09 -28.61 41.91
C SER B 213 -10.35 -29.01 40.64
N ASN B 214 -11.09 -29.36 39.59
CA ASN B 214 -10.43 -29.63 38.31
C ASN B 214 -9.81 -28.34 37.83
N GLU B 215 -10.50 -27.24 38.08
CA GLU B 215 -10.04 -25.94 37.63
C GLU B 215 -8.79 -25.54 38.38
N LEU B 216 -8.76 -25.82 39.69
CA LEU B 216 -7.58 -25.43 40.46
C LEU B 216 -6.38 -26.27 40.05
N ALA B 217 -6.61 -27.56 39.80
CA ALA B 217 -5.55 -28.45 39.39
C ALA B 217 -4.91 -27.97 38.09
N MET B 218 -5.74 -27.77 37.08
CA MET B 218 -5.27 -27.40 35.77
C MET B 218 -4.49 -26.09 35.77
N ASN B 219 -4.91 -25.14 36.63
CA ASN B 219 -4.45 -23.76 36.55
C ASN B 219 -3.45 -23.36 37.64
N GLN B 220 -3.39 -24.16 38.71
CA GLN B 220 -2.55 -23.86 39.86
C GLN B 220 -1.18 -23.36 39.44
N VAL B 221 -0.52 -24.08 38.55
CA VAL B 221 0.88 -23.79 38.27
C VAL B 221 1.09 -22.39 37.66
N TYR B 222 0.04 -21.85 37.05
CA TYR B 222 0.10 -20.51 36.46
C TYR B 222 -0.33 -19.43 37.46
N PHE B 223 -0.47 -19.82 38.72
CA PHE B 223 -0.88 -18.90 39.76
C PHE B 223 -0.23 -19.27 41.10
N PRO B 224 1.08 -18.96 41.22
CA PRO B 224 1.95 -19.27 42.36
C PRO B 224 1.34 -19.07 43.76
N ASN B 225 0.68 -17.94 44.01
CA ASN B 225 0.26 -17.58 45.37
C ASN B 225 -1.08 -18.15 45.83
N VAL B 226 -1.84 -18.78 44.93
CA VAL B 226 -3.15 -19.30 45.32
C VAL B 226 -2.98 -20.64 46.02
N ARG B 227 -3.86 -20.89 46.97
CA ARG B 227 -3.74 -22.04 47.85
C ARG B 227 -5.13 -22.62 48.16
N VAL B 228 -5.17 -23.91 48.45
CA VAL B 228 -6.41 -24.57 48.84
C VAL B 228 -6.69 -24.43 50.33
N ALA B 229 -7.79 -23.76 50.66
CA ALA B 229 -8.18 -23.57 52.05
C ALA B 229 -8.82 -24.83 52.64
N PHE B 230 -9.89 -25.28 52.01
CA PHE B 230 -10.57 -26.54 52.37
C PHE B 230 -11.63 -26.93 51.34
N ASP B 231 -11.95 -28.20 51.30
CA ASP B 231 -12.98 -28.67 50.38
C ASP B 231 -14.35 -28.19 50.89
N PHE B 232 -15.28 -27.96 49.95
CA PHE B 232 -16.57 -27.36 50.28
C PHE B 232 -17.57 -27.60 49.15
N GLY B 233 -18.48 -28.55 49.34
CA GLY B 233 -18.53 -29.30 50.56
C GLY B 233 -18.03 -30.72 50.36
N GLU B 234 -18.38 -31.31 49.23
CA GLU B 234 -18.03 -32.71 49.00
C GLU B 234 -18.12 -33.12 47.54
N ALA B 235 -17.53 -34.27 47.22
CA ALA B 235 -17.35 -34.68 45.82
C ALA B 235 -18.66 -34.90 45.05
N ARG B 236 -18.57 -34.75 43.74
CA ARG B 236 -19.72 -34.68 42.85
C ARG B 236 -19.19 -34.90 41.44
N GLY B 237 -20.07 -35.33 40.54
CA GLY B 237 -19.64 -35.57 39.18
C GLY B 237 -20.17 -34.55 38.19
N LEU B 238 -19.30 -34.12 37.28
CA LEU B 238 -19.68 -33.21 36.22
C LEU B 238 -20.48 -33.95 35.15
N ALA B 239 -21.56 -33.34 34.69
CA ALA B 239 -22.40 -33.94 33.68
C ALA B 239 -22.64 -32.98 32.53
N TRP B 240 -23.19 -33.50 31.44
CA TRP B 240 -23.64 -32.67 30.33
C TRP B 240 -25.08 -32.30 30.59
N ALA B 241 -25.54 -31.19 30.01
CA ALA B 241 -26.92 -30.79 30.23
C ALA B 241 -27.69 -30.84 28.92
N LEU B 242 -28.94 -31.30 29.01
CA LEU B 242 -29.81 -31.32 27.85
C LEU B 242 -31.15 -30.73 28.24
N PRO B 243 -31.87 -30.18 27.25
CA PRO B 243 -33.16 -29.50 27.48
C PRO B 243 -34.25 -30.50 27.82
N GLY B 244 -34.93 -30.32 28.95
CA GLY B 244 -36.02 -31.22 29.31
C GLY B 244 -37.11 -31.10 28.27
N GLY B 245 -37.86 -32.17 28.02
CA GLY B 245 -37.74 -33.46 28.68
C GLY B 245 -38.59 -34.48 27.92
N ASP B 246 -39.02 -35.53 28.60
CA ASP B 246 -39.79 -36.61 27.99
C ASP B 246 -38.88 -37.47 27.13
N ASP B 247 -39.03 -37.42 25.82
CA ASP B 247 -38.03 -38.07 24.95
C ASP B 247 -36.79 -37.20 24.86
N ASP B 248 -35.56 -37.70 25.07
CA ASP B 248 -35.11 -38.97 25.68
C ASP B 248 -34.29 -39.86 24.74
N SER B 249 -34.37 -39.62 23.44
CA SER B 249 -33.56 -40.37 22.47
C SER B 249 -32.10 -39.96 22.53
N LEU B 250 -31.84 -38.67 22.36
CA LEU B 250 -30.47 -38.19 22.39
C LEU B 250 -29.80 -38.50 23.72
N MET B 251 -30.56 -38.43 24.82
CA MET B 251 -29.96 -38.63 26.13
C MET B 251 -29.39 -40.03 26.27
N ASN B 252 -30.01 -41.00 25.59
CA ASN B 252 -29.61 -42.40 25.71
C ASN B 252 -28.36 -42.69 24.90
N GLU B 253 -28.20 -41.94 23.81
CA GLU B 253 -26.98 -41.99 23.02
C GLU B 253 -25.85 -41.43 23.85
N VAL B 254 -26.06 -40.22 24.34
CA VAL B 254 -25.09 -39.54 25.17
C VAL B 254 -24.62 -40.42 26.31
N ASN B 255 -25.57 -41.03 27.03
CA ASN B 255 -25.18 -41.80 28.19
C ASN B 255 -24.54 -43.11 27.74
N ALA B 256 -24.98 -43.61 26.59
CA ALA B 256 -24.33 -44.75 25.95
C ALA B 256 -22.86 -44.44 25.68
N PHE B 257 -22.63 -43.36 24.95
CA PHE B 257 -21.29 -42.86 24.70
C PHE B 257 -20.46 -42.64 25.97
N LEU B 258 -21.08 -42.12 27.01
CA LEU B 258 -20.34 -41.85 28.24
C LEU B 258 -20.04 -43.13 28.98
N ASP B 259 -20.95 -44.08 28.90
CA ASP B 259 -20.78 -45.38 29.53
C ASP B 259 -19.62 -46.11 28.90
N GLN B 260 -19.51 -46.01 27.58
CA GLN B 260 -18.46 -46.73 26.88
C GLN B 260 -17.17 -45.93 26.79
N ALA B 261 -17.28 -44.62 26.78
CA ALA B 261 -16.08 -43.80 26.86
C ALA B 261 -15.34 -44.07 28.17
N LYS B 262 -16.05 -44.56 29.18
CA LYS B 262 -15.43 -44.85 30.47
C LYS B 262 -14.85 -46.27 30.53
N LYS B 263 -15.59 -47.26 30.04
CA LYS B 263 -15.09 -48.64 30.03
C LYS B 263 -13.93 -48.78 29.04
N GLU B 264 -13.90 -47.92 28.03
CA GLU B 264 -12.78 -47.84 27.07
C GLU B 264 -11.57 -47.11 27.66
N GLY B 265 -11.76 -46.44 28.79
CA GLY B 265 -10.72 -45.63 29.39
C GLY B 265 -10.44 -44.33 28.65
N LEU B 266 -11.30 -43.98 27.70
CA LEU B 266 -11.16 -42.74 26.95
C LEU B 266 -11.38 -41.53 27.84
N LEU B 267 -12.17 -41.68 28.89
CA LEU B 267 -12.30 -40.61 29.87
C LEU B 267 -10.97 -40.39 30.59
N GLN B 268 -10.35 -41.48 31.05
CA GLN B 268 -9.10 -41.39 31.79
C GLN B 268 -8.04 -40.72 30.93
N ARG B 269 -7.98 -41.11 29.67
CA ARG B 269 -7.05 -40.53 28.70
C ARG B 269 -7.21 -39.01 28.63
N LEU B 270 -8.44 -38.52 28.75
CA LEU B 270 -8.69 -37.08 28.72
C LEU B 270 -8.33 -36.43 30.04
N LYS B 271 -8.70 -37.07 31.15
CA LYS B 271 -8.37 -36.56 32.48
C LYS B 271 -6.85 -36.37 32.62
N ASP B 272 -6.09 -37.31 32.05
CA ASP B 272 -4.62 -37.25 32.09
C ASP B 272 -4.07 -36.18 31.15
N ARG B 273 -4.66 -36.06 29.96
CA ARG B 273 -4.13 -35.16 28.95
C ARG B 273 -4.27 -33.68 29.28
N TYR B 274 -5.18 -33.37 30.21
CA TYR B 274 -5.47 -31.98 30.50
C TYR B 274 -5.15 -31.58 31.94
N TYR B 275 -4.82 -32.56 32.78
CA TYR B 275 -4.59 -32.28 34.21
C TYR B 275 -3.35 -32.98 34.84
N GLY B 276 -2.33 -32.19 35.19
CA GLY B 276 -1.33 -32.64 36.15
C GLY B 276 0.15 -32.68 35.81
N HIS B 277 0.74 -31.53 35.50
CA HIS B 277 2.18 -31.48 35.25
C HIS B 277 2.94 -31.60 36.58
N LEU B 281 8.04 -23.98 33.27
CA LEU B 281 9.29 -23.53 33.85
C LEU B 281 10.10 -22.68 32.86
N GLY B 282 10.81 -21.69 33.38
CA GLY B 282 11.66 -20.84 32.56
C GLY B 282 12.63 -19.93 33.31
N TYR B 283 13.86 -20.39 33.49
CA TYR B 283 14.91 -19.62 34.16
C TYR B 283 16.23 -20.40 34.17
N VAL B 284 16.10 -21.73 34.26
CA VAL B 284 17.22 -22.66 34.43
C VAL B 284 18.33 -22.17 35.39
N GLY B 285 18.80 -20.93 35.21
CA GLY B 285 19.87 -20.45 36.05
C GLY B 285 21.18 -20.54 35.30
N ALA B 286 22.04 -19.54 35.50
CA ALA B 286 23.18 -19.35 34.62
C ALA B 286 24.09 -20.57 34.61
N TYR B 287 24.28 -21.22 35.75
CA TYR B 287 25.18 -22.36 35.76
C TYR B 287 24.57 -23.58 35.09
N THR B 288 23.26 -23.75 35.21
CA THR B 288 22.59 -24.88 34.59
C THR B 288 22.71 -24.78 33.07
N PHE B 289 22.42 -23.60 32.54
CA PHE B 289 22.80 -23.21 31.17
C PHE B 289 24.31 -23.35 31.17
N THR B 290 24.94 -23.50 30.02
CA THR B 290 26.42 -23.69 29.99
C THR B 290 26.81 -25.13 30.29
N GLN B 291 26.43 -25.63 31.46
CA GLN B 291 26.47 -27.05 31.63
C GLN B 291 25.79 -27.58 30.39
N HIS B 292 24.58 -27.11 30.13
CA HIS B 292 23.85 -27.53 28.94
C HIS B 292 24.49 -26.99 27.67
N LEU B 293 25.15 -25.85 27.79
CA LEU B 293 25.86 -25.26 26.66
C LEU B 293 27.03 -26.13 26.18
N GLN B 294 27.79 -26.67 27.12
CA GLN B 294 28.94 -27.47 26.75
C GLN B 294 28.57 -28.93 26.58
N GLN B 295 27.64 -29.41 27.40
CA GLN B 295 27.19 -30.78 27.29
C GLN B 295 26.36 -31.08 26.04
N ARG B 296 25.48 -30.15 25.66
CA ARG B 296 24.42 -30.47 24.70
C ARG B 296 24.51 -29.76 23.36
N LEU B 297 24.77 -28.46 23.39
CA LEU B 297 24.73 -27.65 22.18
C LEU B 297 25.71 -28.09 21.08
N PRO B 298 26.91 -28.57 21.44
CA PRO B 298 27.80 -28.95 20.33
C PRO B 298 27.28 -30.12 19.50
N ARG B 299 26.51 -31.00 20.11
CA ARG B 299 25.81 -32.03 19.34
C ARG B 299 25.03 -31.46 18.15
N TYR B 300 24.48 -30.25 18.31
CA TYR B 300 23.50 -29.71 17.37
C TYR B 300 23.90 -28.40 16.69
N GLU B 301 25.02 -27.81 17.11
CA GLU B 301 25.41 -26.51 16.58
C GLU B 301 25.52 -26.50 15.06
N SER B 302 26.04 -27.58 14.49
CA SER B 302 26.17 -27.68 13.05
C SER B 302 24.79 -27.60 12.37
N HIS B 303 23.86 -28.40 12.85
CA HIS B 303 22.51 -28.38 12.34
C HIS B 303 21.88 -26.99 12.46
N PHE B 304 21.95 -26.41 13.66
CA PHE B 304 21.46 -25.05 13.85
C PHE B 304 22.10 -24.12 12.84
N LYS B 305 23.39 -24.33 12.60
CA LYS B 305 24.15 -23.46 11.73
C LYS B 305 23.74 -23.61 10.28
N GLN B 306 23.54 -24.86 9.87
CA GLN B 306 23.22 -25.16 8.48
C GLN B 306 21.77 -24.78 8.15
N SER B 307 20.91 -24.77 9.17
CA SER B 307 19.54 -24.30 9.02
C SER B 307 19.46 -22.78 8.94
N GLY B 308 20.23 -22.12 9.79
CA GLY B 308 20.32 -20.67 9.72
C GLY B 308 20.85 -20.24 8.36
N LYS B 309 21.82 -20.96 7.86
CA LYS B 309 22.38 -20.60 6.57
C LYS B 309 21.30 -20.79 5.49
N GLN B 310 20.64 -21.94 5.50
CA GLN B 310 19.68 -22.28 4.45
C GLN B 310 18.47 -21.34 4.41
N LYS B 311 18.31 -20.53 5.45
CA LYS B 311 17.13 -19.67 5.52
C LYS B 311 17.45 -18.29 6.07
N ASP B 312 18.63 -17.79 5.72
CA ASP B 312 19.10 -16.45 6.02
C ASP B 312 18.54 -15.92 7.33
N THR B 313 18.70 -16.72 8.39
CA THR B 313 18.34 -16.26 9.72
C THR B 313 19.44 -16.62 10.71
N ASP B 314 19.48 -15.90 11.82
CA ASP B 314 20.51 -16.02 12.84
C ASP B 314 20.38 -17.35 13.55
N TRP B 315 21.41 -18.18 13.43
CA TRP B 315 21.36 -19.54 13.98
C TRP B 315 21.26 -19.57 15.52
N ARG B 316 21.68 -18.49 16.17
CA ARG B 316 21.62 -18.46 17.62
C ARG B 316 20.20 -18.21 18.11
N LEU B 317 19.37 -17.57 17.30
CA LEU B 317 17.97 -17.42 17.67
C LEU B 317 17.26 -18.77 17.65
N LEU B 318 17.55 -19.54 16.61
CA LEU B 318 17.00 -20.89 16.47
C LEU B 318 17.41 -21.78 17.63
N ALA B 319 18.69 -21.72 17.96
CA ALA B 319 19.24 -22.55 19.02
C ALA B 319 18.60 -22.14 20.34
N ALA B 320 18.33 -20.85 20.48
CA ALA B 320 17.62 -20.34 21.66
C ALA B 320 16.19 -20.82 21.69
N ILE B 321 15.48 -20.76 20.56
CA ILE B 321 14.16 -21.40 20.48
C ILE B 321 14.24 -22.84 20.96
N GLY B 322 15.27 -23.55 20.49
CA GLY B 322 15.46 -24.94 20.82
C GLY B 322 15.74 -25.18 22.28
N TYR B 323 16.40 -24.23 22.94
CA TYR B 323 16.66 -24.42 24.36
C TYR B 323 15.37 -24.28 25.17
N GLN B 324 14.60 -23.24 24.88
CA GLN B 324 13.35 -23.01 25.57
C GLN B 324 12.35 -24.15 25.38
N GLU B 325 12.44 -24.85 24.24
CA GLU B 325 11.48 -25.92 23.95
C GLU B 325 11.83 -27.26 24.61
N SER B 326 13.10 -27.64 24.59
CA SER B 326 13.45 -29.00 25.03
C SER B 326 14.75 -29.06 25.80
N LEU B 327 15.37 -27.91 26.01
CA LEU B 327 16.68 -27.81 26.66
C LEU B 327 17.73 -28.59 25.87
N TRP B 328 17.51 -28.71 24.56
CA TRP B 328 18.40 -29.40 23.64
C TRP B 328 18.42 -30.90 23.92
N GLN B 329 17.22 -31.47 24.00
CA GLN B 329 17.04 -32.90 24.13
C GLN B 329 16.13 -33.39 22.98
N PRO B 330 16.73 -34.03 21.98
CA PRO B 330 16.05 -34.52 20.78
C PRO B 330 14.95 -35.50 21.10
N GLY B 331 15.03 -36.11 22.28
CA GLY B 331 14.08 -37.12 22.69
C GLY B 331 12.99 -36.60 23.60
N ALA B 332 12.94 -35.29 23.78
CA ALA B 332 11.95 -34.68 24.66
C ALA B 332 10.55 -34.88 24.12
N THR B 333 9.56 -35.02 25.01
CA THR B 333 8.17 -35.14 24.57
C THR B 333 7.23 -34.58 25.60
N SER B 334 6.00 -34.29 25.19
CA SER B 334 4.98 -33.81 26.12
C SER B 334 3.66 -34.54 25.92
N LYS B 335 2.85 -34.58 26.99
CA LYS B 335 1.50 -35.11 26.92
C LYS B 335 0.65 -34.33 25.92
N THR B 336 1.09 -33.12 25.61
CA THR B 336 0.32 -32.18 24.79
C THR B 336 0.37 -32.43 23.30
N GLY B 337 1.21 -33.38 22.87
CA GLY B 337 1.33 -33.68 21.46
C GLY B 337 2.62 -33.26 20.77
N VAL B 338 3.42 -32.43 21.42
CA VAL B 338 4.66 -31.95 20.82
C VAL B 338 5.81 -32.90 21.11
N ARG B 339 6.88 -32.81 20.33
CA ARG B 339 7.95 -33.79 20.44
C ARG B 339 9.20 -33.43 19.62
N GLY B 340 10.37 -33.67 20.21
CA GLY B 340 11.62 -33.42 19.54
C GLY B 340 12.28 -32.11 19.96
N LEU B 341 13.53 -31.97 19.56
CA LEU B 341 14.36 -30.80 19.86
C LEU B 341 13.60 -29.47 19.76
N MET B 342 12.75 -29.32 18.75
CA MET B 342 12.00 -28.06 18.57
C MET B 342 10.51 -28.20 18.94
N MET B 343 10.16 -29.33 19.58
CA MET B 343 8.80 -29.65 20.10
C MET B 343 7.68 -29.30 19.14
N LEU B 344 7.54 -30.16 18.14
CA LEU B 344 6.60 -29.99 17.05
C LEU B 344 5.37 -30.87 17.18
N THR B 345 4.24 -30.36 16.70
CA THR B 345 3.04 -31.20 16.59
C THR B 345 3.22 -32.16 15.42
N ASN B 346 2.42 -33.22 15.37
CA ASN B 346 2.52 -34.11 14.22
C ASN B 346 2.15 -33.39 12.93
N ARG B 347 1.14 -32.53 13.00
CA ARG B 347 0.70 -31.81 11.82
C ARG B 347 1.80 -30.93 11.25
N THR B 348 2.46 -30.18 12.11
CA THR B 348 3.46 -29.23 11.64
C THR B 348 4.70 -29.94 11.14
N ALA B 349 5.00 -31.11 11.71
CA ALA B 349 6.15 -31.89 11.28
C ALA B 349 5.95 -32.37 9.86
N GLN B 350 4.78 -32.93 9.58
CA GLN B 350 4.45 -33.35 8.23
C GLN B 350 4.49 -32.17 7.27
N ALA B 351 4.01 -31.01 7.73
CA ALA B 351 3.92 -29.83 6.86
C ALA B 351 5.30 -29.29 6.49
N MET B 352 6.27 -29.48 7.39
CA MET B 352 7.59 -28.93 7.18
C MET B 352 8.54 -29.92 6.50
N GLY B 353 8.07 -31.16 6.29
CA GLY B 353 8.87 -32.16 5.61
C GLY B 353 9.61 -33.04 6.60
N VAL B 354 9.17 -32.98 7.85
CA VAL B 354 9.70 -33.80 8.93
C VAL B 354 9.06 -35.20 8.90
N SER B 355 9.89 -36.23 8.79
CA SER B 355 9.37 -37.60 8.73
C SER B 355 9.66 -38.36 10.01
N ASN B 356 10.52 -37.77 10.84
CA ASN B 356 10.82 -38.33 12.16
C ASN B 356 11.15 -37.22 13.15
N ARG B 357 10.19 -36.86 13.98
CA ARG B 357 10.34 -35.77 14.92
C ARG B 357 11.49 -35.97 15.92
N LEU B 358 11.96 -37.21 16.03
CA LEU B 358 12.96 -37.53 17.05
C LEU B 358 14.39 -37.44 16.52
N ASP B 359 14.55 -37.17 15.23
CA ASP B 359 15.84 -36.84 14.64
C ASP B 359 16.06 -35.33 14.72
N PRO B 360 17.17 -34.94 15.34
CA PRO B 360 17.41 -33.52 15.64
C PRO B 360 17.77 -32.70 14.41
N LYS B 361 18.33 -33.33 13.38
CA LYS B 361 18.61 -32.61 12.15
C LYS B 361 17.28 -32.17 11.54
N GLN B 362 16.33 -33.09 11.56
CA GLN B 362 14.99 -32.88 11.01
C GLN B 362 14.19 -31.90 11.85
N SER B 363 14.12 -32.18 13.15
CA SER B 363 13.39 -31.30 14.07
C SER B 363 13.88 -29.88 13.94
N ILE B 364 15.18 -29.68 14.11
CA ILE B 364 15.80 -28.36 14.04
C ILE B 364 15.47 -27.69 12.73
N GLN B 365 15.63 -28.43 11.64
CA GLN B 365 15.34 -27.90 10.32
C GLN B 365 13.85 -27.58 10.18
N GLY B 366 13.00 -28.49 10.65
CA GLY B 366 11.57 -28.31 10.55
C GLY B 366 11.02 -27.16 11.39
N GLY B 367 11.36 -27.17 12.67
CA GLY B 367 10.91 -26.13 13.57
C GLY B 367 11.52 -24.77 13.23
N SER B 368 12.64 -24.78 12.53
CA SER B 368 13.26 -23.54 12.08
C SER B 368 12.53 -22.97 10.87
N LYS B 369 12.18 -23.86 9.96
CA LYS B 369 11.42 -23.47 8.80
C LYS B 369 10.06 -22.97 9.27
N TYR B 370 9.45 -23.67 10.23
CA TYR B 370 8.18 -23.24 10.79
C TYR B 370 8.29 -21.81 11.25
N PHE B 371 9.21 -21.57 12.19
CA PHE B 371 9.43 -20.24 12.70
C PHE B 371 9.66 -19.20 11.60
N VAL B 372 10.54 -19.51 10.67
CA VAL B 372 10.88 -18.54 9.64
C VAL B 372 9.68 -18.19 8.75
N GLN B 373 8.90 -19.20 8.40
CA GLN B 373 7.73 -18.97 7.58
C GLN B 373 6.70 -18.13 8.33
N ILE B 374 6.49 -18.45 9.60
CA ILE B 374 5.62 -17.64 10.44
C ILE B 374 6.07 -16.18 10.47
N ARG B 375 7.37 -15.95 10.45
CA ARG B 375 7.86 -14.59 10.49
C ARG B 375 7.55 -13.87 9.19
N SER B 376 7.39 -14.64 8.12
CA SER B 376 7.11 -14.06 6.83
C SER B 376 5.62 -13.71 6.69
N GLU B 377 4.74 -14.56 7.22
CA GLU B 377 3.30 -14.32 7.18
C GLU B 377 2.86 -13.13 8.01
N LEU B 378 3.79 -12.57 8.78
CA LEU B 378 3.49 -11.41 9.62
C LEU B 378 3.19 -10.20 8.75
N PRO B 379 2.21 -9.39 9.16
CA PRO B 379 1.83 -8.20 8.41
C PRO B 379 3.05 -7.37 8.05
N GLU B 380 3.07 -6.85 6.83
CA GLU B 380 4.23 -6.13 6.30
C GLU B 380 4.60 -4.93 7.15
N SER B 381 3.62 -4.39 7.87
CA SER B 381 3.80 -3.19 8.67
C SER B 381 4.70 -3.41 9.89
N ILE B 382 4.91 -4.66 10.28
CA ILE B 382 5.76 -5.00 11.41
C ILE B 382 7.21 -5.19 10.98
N LYS B 383 8.13 -4.41 11.55
CA LYS B 383 9.51 -4.40 11.08
C LYS B 383 10.49 -5.03 12.08
N GLU B 384 11.66 -5.43 11.61
CA GLU B 384 12.66 -5.99 12.52
C GLU B 384 13.18 -4.88 13.42
N PRO B 385 13.64 -5.22 14.63
CA PRO B 385 13.71 -6.55 15.22
C PRO B 385 12.41 -6.99 15.85
N ASP B 386 11.44 -6.09 15.94
CA ASP B 386 10.16 -6.42 16.53
C ASP B 386 9.53 -7.61 15.80
N ARG B 387 9.85 -7.73 14.52
CA ARG B 387 9.22 -8.73 13.67
C ARG B 387 9.54 -10.13 14.17
N SER B 388 10.76 -10.28 14.65
CA SER B 388 11.20 -11.56 15.17
C SER B 388 10.56 -11.87 16.50
N TRP B 389 10.37 -10.85 17.33
CA TRP B 389 9.68 -11.09 18.60
C TRP B 389 8.23 -11.47 18.36
N PHE B 390 7.54 -10.73 17.49
CA PHE B 390 6.20 -11.13 17.04
C PHE B 390 6.17 -12.56 16.52
N ALA B 391 7.15 -12.93 15.72
CA ALA B 391 7.21 -14.30 15.21
C ALA B 391 7.28 -15.32 16.36
N LEU B 392 8.12 -15.05 17.35
CA LEU B 392 8.23 -15.96 18.50
C LEU B 392 6.90 -16.11 19.20
N ALA B 393 6.22 -14.99 19.37
CA ALA B 393 4.92 -14.95 19.98
C ALA B 393 3.99 -15.88 19.25
N ALA B 394 3.89 -15.69 17.93
CA ALA B 394 2.98 -16.49 17.12
C ALA B 394 3.41 -17.96 17.11
N TYR B 395 4.71 -18.18 17.14
CA TYR B 395 5.24 -19.54 17.27
C TYR B 395 4.59 -20.22 18.45
N ASN B 396 4.40 -19.45 19.51
CA ASN B 396 3.84 -19.97 20.74
C ASN B 396 2.31 -19.99 20.76
N ILE B 397 1.69 -18.84 20.53
CA ILE B 397 0.25 -18.66 20.72
C ILE B 397 -0.56 -18.77 19.41
N GLY B 398 0.14 -18.82 18.28
CA GLY B 398 -0.49 -18.87 16.97
C GLY B 398 -0.86 -17.48 16.46
N GLY B 399 -0.93 -17.34 15.14
CA GLY B 399 -1.17 -16.06 14.50
C GLY B 399 -2.44 -15.37 14.93
N ALA B 400 -3.54 -16.13 14.98
CA ALA B 400 -4.83 -15.51 15.23
C ALA B 400 -4.88 -14.80 16.60
N HIS B 401 -4.53 -15.48 17.67
CA HIS B 401 -4.51 -14.76 18.94
C HIS B 401 -3.60 -13.53 18.88
N LEU B 402 -2.48 -13.65 18.20
CA LEU B 402 -1.55 -12.53 18.06
C LEU B 402 -2.18 -11.39 17.27
N GLU B 403 -2.97 -11.70 16.24
CA GLU B 403 -3.69 -10.64 15.55
C GLU B 403 -4.70 -10.00 16.51
N ASP B 404 -5.43 -10.84 17.24
CA ASP B 404 -6.40 -10.37 18.21
C ASP B 404 -5.77 -9.36 19.14
N ALA B 405 -4.51 -9.61 19.48
CA ALA B 405 -3.81 -8.76 20.42
C ALA B 405 -3.38 -7.47 19.75
N ARG B 406 -2.92 -7.56 18.51
CA ARG B 406 -2.51 -6.36 17.81
C ARG B 406 -3.70 -5.39 17.65
N LYS B 407 -4.86 -5.94 17.32
CA LYS B 407 -6.04 -5.11 17.17
C LYS B 407 -6.37 -4.44 18.49
N MET B 408 -6.26 -5.22 19.57
CA MET B 408 -6.49 -4.70 20.93
C MET B 408 -5.55 -3.54 21.24
N ALA B 409 -4.26 -3.74 20.96
CA ALA B 409 -3.26 -2.68 21.11
C ALA B 409 -3.65 -1.41 20.33
N GLU B 410 -4.09 -1.56 19.09
CA GLU B 410 -4.48 -0.41 18.27
C GLU B 410 -5.69 0.33 18.84
N LYS B 411 -6.72 -0.41 19.23
CA LYS B 411 -7.87 0.18 19.89
C LYS B 411 -7.45 0.92 21.14
N GLU B 412 -6.37 0.48 21.78
CA GLU B 412 -5.94 1.09 23.04
C GLU B 412 -5.04 2.30 22.84
N GLY B 413 -4.78 2.64 21.58
CA GLY B 413 -3.96 3.79 21.26
C GLY B 413 -2.49 3.45 21.29
N LEU B 414 -2.21 2.15 21.24
CA LEU B 414 -0.86 1.68 21.12
C LEU B 414 -0.49 1.44 19.64
N ASN B 415 0.79 1.15 19.45
CA ASN B 415 1.33 0.79 18.15
C ASN B 415 1.34 -0.73 17.98
N PRO B 416 0.53 -1.24 17.07
CA PRO B 416 0.44 -2.70 16.88
C PRO B 416 1.68 -3.29 16.22
N ASN B 417 2.66 -2.44 15.90
CA ASN B 417 3.84 -2.89 15.20
C ASN B 417 5.07 -2.84 16.09
N LYS B 418 4.84 -2.45 17.33
CA LYS B 418 5.86 -2.52 18.36
C LYS B 418 5.59 -3.66 19.32
N TRP B 419 6.57 -4.54 19.44
CA TRP B 419 6.48 -5.70 20.32
C TRP B 419 6.26 -5.26 21.77
N LEU B 420 6.94 -4.19 22.18
CA LEU B 420 6.86 -3.66 23.54
C LEU B 420 5.43 -3.25 23.90
N ASP B 421 4.60 -3.05 22.90
CA ASP B 421 3.20 -2.70 23.13
C ASP B 421 2.26 -3.89 23.06
N VAL B 422 2.45 -4.77 22.08
CA VAL B 422 1.53 -5.89 21.92
C VAL B 422 1.79 -6.90 23.02
N LYS B 423 3.02 -6.90 23.51
CA LYS B 423 3.41 -7.69 24.67
C LYS B 423 2.51 -7.39 25.88
N LYS B 424 2.13 -6.12 26.05
CA LYS B 424 1.28 -5.74 27.18
C LYS B 424 -0.22 -6.08 26.95
N MET B 425 -0.63 -6.34 25.71
CA MET B 425 -2.00 -6.72 25.48
C MET B 425 -2.20 -8.22 25.65
N LEU B 426 -1.15 -9.01 25.47
CA LEU B 426 -1.28 -10.48 25.45
C LEU B 426 -1.85 -11.12 26.73
N PRO B 427 -1.39 -10.71 27.92
CA PRO B 427 -1.93 -11.25 29.18
C PRO B 427 -3.45 -11.05 29.29
N ARG B 428 -3.96 -10.07 28.55
CA ARG B 428 -5.37 -9.75 28.60
C ARG B 428 -6.24 -10.82 27.97
N LEU B 429 -5.65 -11.61 27.08
CA LEU B 429 -6.39 -12.66 26.39
C LEU B 429 -6.76 -13.77 27.36
N ALA B 430 -6.24 -13.68 28.59
CA ALA B 430 -6.63 -14.59 29.66
C ALA B 430 -7.70 -13.98 30.57
N GLN B 431 -8.19 -12.78 30.25
CA GLN B 431 -9.22 -12.13 31.06
C GLN B 431 -10.54 -12.04 30.30
N LYS B 432 -11.59 -12.67 30.82
CA LYS B 432 -12.83 -12.75 30.08
C LYS B 432 -13.37 -11.39 29.66
N GLN B 433 -13.25 -10.38 30.52
CA GLN B 433 -13.77 -9.06 30.20
C GLN B 433 -13.14 -8.52 28.93
N TRP B 434 -11.89 -8.91 28.69
CA TRP B 434 -11.18 -8.52 27.48
C TRP B 434 -11.29 -9.50 26.32
N TYR B 435 -11.07 -10.79 26.58
CA TYR B 435 -11.00 -11.76 25.50
C TYR B 435 -12.35 -12.09 24.92
N ALA B 436 -13.42 -11.73 25.63
CA ALA B 436 -14.77 -11.95 25.12
C ALA B 436 -15.12 -10.96 24.02
N LYS B 437 -14.27 -9.96 23.80
CA LYS B 437 -14.45 -8.98 22.73
C LYS B 437 -13.55 -9.28 21.52
N THR B 438 -12.62 -10.22 21.69
CA THR B 438 -11.75 -10.67 20.60
C THR B 438 -12.49 -11.66 19.71
N ARG B 439 -12.01 -11.83 18.49
CA ARG B 439 -12.64 -12.77 17.58
C ARG B 439 -12.35 -14.22 17.96
N TYR B 440 -11.19 -14.48 18.56
CA TYR B 440 -10.78 -15.85 18.85
C TYR B 440 -10.73 -16.16 20.35
N GLY B 441 -10.95 -15.16 21.20
CA GLY B 441 -11.21 -15.40 22.61
C GLY B 441 -10.02 -15.72 23.49
N TYR B 442 -10.27 -16.54 24.51
CA TYR B 442 -9.27 -16.91 25.52
C TYR B 442 -7.95 -17.48 24.96
N ALA B 443 -6.86 -17.03 25.56
CA ALA B 443 -5.50 -17.53 25.31
C ALA B 443 -4.68 -17.24 26.55
N ARG B 444 -3.81 -18.16 26.96
CA ARG B 444 -2.99 -17.77 28.09
C ARG B 444 -1.86 -16.90 27.57
N GLY B 445 -2.17 -15.62 27.41
CA GLY B 445 -1.24 -14.71 26.78
C GLY B 445 -0.05 -14.49 27.67
N GLY B 446 -0.29 -14.61 28.97
CA GLY B 446 0.75 -14.49 29.95
C GLY B 446 1.89 -15.43 29.63
N GLU B 447 1.56 -16.69 29.33
CA GLU B 447 2.61 -17.66 29.06
C GLU B 447 3.33 -17.38 27.74
N THR B 448 2.63 -16.82 26.76
CA THR B 448 3.30 -16.44 25.53
C THR B 448 4.37 -15.39 25.79
N VAL B 449 4.05 -14.39 26.61
CA VAL B 449 5.03 -13.38 26.99
C VAL B 449 6.26 -14.02 27.65
N HIS B 450 6.03 -14.87 28.64
CA HIS B 450 7.13 -15.63 29.22
C HIS B 450 7.90 -16.38 28.15
N PHE B 451 7.18 -17.00 27.22
CA PHE B 451 7.87 -17.72 26.16
C PHE B 451 8.82 -16.80 25.42
N VAL B 452 8.32 -15.65 25.00
CA VAL B 452 9.14 -14.78 24.17
C VAL B 452 10.30 -14.25 25.00
N GLN B 453 9.99 -13.84 26.22
CA GLN B 453 11.02 -13.24 27.08
C GLN B 453 12.19 -14.20 27.31
N ASN B 454 11.89 -15.48 27.54
CA ASN B 454 12.96 -16.44 27.79
C ASN B 454 13.82 -16.72 26.57
N VAL B 455 13.19 -16.96 25.44
CA VAL B 455 13.95 -17.22 24.23
C VAL B 455 14.90 -16.08 23.96
N ARG B 456 14.48 -14.85 24.22
CA ARG B 456 15.38 -13.72 24.03
C ARG B 456 16.49 -13.68 25.09
N ARG B 457 16.16 -14.00 26.33
CA ARG B 457 17.18 -14.18 27.36
C ARG B 457 18.23 -15.10 26.74
N TYR B 458 17.83 -16.31 26.38
CA TYR B 458 18.77 -17.31 25.90
C TYR B 458 19.53 -16.86 24.67
N TYR B 459 18.85 -16.14 23.79
CA TYR B 459 19.45 -15.62 22.57
C TYR B 459 20.57 -14.66 22.90
N ASP B 460 20.32 -13.79 23.87
CA ASP B 460 21.31 -12.79 24.19
C ASP B 460 22.53 -13.49 24.76
N ILE B 461 22.29 -14.41 25.70
CA ILE B 461 23.36 -15.22 26.26
C ILE B 461 24.22 -15.88 25.17
N LEU B 462 23.59 -16.54 24.21
CA LEU B 462 24.36 -17.20 23.15
C LEU B 462 25.14 -16.18 22.34
N THR B 463 24.52 -15.04 22.11
CA THR B 463 25.14 -14.01 21.31
C THR B 463 26.36 -13.44 22.03
N TRP B 464 26.21 -13.20 23.32
CA TRP B 464 27.29 -12.71 24.17
C TRP B 464 28.46 -13.72 24.31
N VAL B 465 28.18 -15.00 24.13
CA VAL B 465 29.21 -16.04 24.11
C VAL B 465 29.86 -16.16 22.71
N THR B 466 29.90 -15.07 21.95
CA THR B 466 30.59 -15.01 20.65
C THR B 466 30.48 -13.64 19.94
N GLN B 467 31.28 -12.64 20.34
CA GLN B 467 32.23 -12.74 21.43
C GLN B 467 31.81 -11.82 22.59
N LYS C 50 -9.07 16.30 -76.42
CA LYS C 50 -8.90 16.99 -77.69
C LYS C 50 -7.97 18.20 -77.55
N GLU C 51 -6.83 18.18 -78.25
CA GLU C 51 -6.42 17.03 -79.05
C GLU C 51 -4.88 16.86 -78.99
N GLY C 52 -4.14 17.96 -79.01
CA GLY C 52 -2.71 17.92 -78.69
C GLY C 52 -2.56 17.72 -77.19
N VAL C 53 -1.37 17.35 -76.72
CA VAL C 53 -1.23 17.03 -75.30
C VAL C 53 0.04 17.56 -74.61
N LEU C 54 -0.13 18.15 -73.43
CA LEU C 54 1.00 18.62 -72.62
C LEU C 54 1.30 17.70 -71.43
N ARG C 55 2.43 17.01 -71.47
CA ARG C 55 2.83 16.12 -70.40
C ARG C 55 3.58 16.85 -69.28
N VAL C 56 2.96 16.92 -68.10
CA VAL C 56 3.56 17.57 -66.93
C VAL C 56 3.88 16.54 -65.85
N ILE C 57 5.14 16.45 -65.45
CA ILE C 57 5.46 15.55 -64.36
C ILE C 57 5.55 16.32 -63.03
N THR C 58 5.11 15.68 -61.96
CA THR C 58 5.06 16.36 -60.67
C THR C 58 5.12 15.38 -59.50
N ARG C 59 4.88 15.91 -58.31
CA ARG C 59 4.91 15.17 -57.07
C ARG C 59 3.49 14.93 -56.58
N ASN C 60 3.21 13.74 -56.09
CA ASN C 60 1.95 13.50 -55.40
C ASN C 60 2.10 14.02 -53.98
N SER C 61 1.54 15.19 -53.75
CA SER C 61 1.81 15.93 -52.52
C SER C 61 0.80 17.06 -52.39
N PRO C 62 0.46 17.43 -51.16
CA PRO C 62 -0.51 18.52 -50.97
C PRO C 62 -0.07 19.85 -51.59
N ALA C 63 1.23 20.17 -51.55
CA ALA C 63 1.72 21.43 -52.10
C ALA C 63 1.70 21.52 -53.63
N THR C 64 1.47 20.39 -54.31
CA THR C 64 1.64 20.32 -55.75
C THR C 64 0.44 19.73 -56.50
N TYR C 65 0.10 18.48 -56.17
CA TYR C 65 -0.90 17.72 -56.92
C TYR C 65 -1.40 16.51 -56.16
N PHE C 66 -2.74 16.38 -56.07
CA PHE C 66 -3.35 15.20 -55.45
C PHE C 66 -4.82 15.12 -55.77
N GLN C 67 -5.43 14.01 -55.37
CA GLN C 67 -6.87 13.78 -55.46
C GLN C 67 -7.64 14.19 -54.16
N ASP C 68 -8.65 15.04 -54.30
CA ASP C 68 -9.60 15.24 -53.21
C ASP C 68 -10.94 14.63 -53.66
N ARG C 69 -11.99 14.91 -52.92
CA ARG C 69 -13.26 14.26 -53.19
C ARG C 69 -13.93 14.79 -54.46
N ASN C 70 -13.35 15.85 -55.03
CA ASN C 70 -13.87 16.45 -56.27
C ASN C 70 -12.92 16.26 -57.45
N GLY C 71 -12.06 15.25 -57.37
CA GLY C 71 -11.10 14.96 -58.43
C GLY C 71 -9.75 15.59 -58.21
N GLU C 72 -9.09 15.97 -59.30
CA GLU C 72 -7.72 16.50 -59.22
C GLU C 72 -7.69 17.92 -58.70
N THR C 73 -6.69 18.22 -57.89
CA THR C 73 -6.51 19.54 -57.30
C THR C 73 -5.04 19.72 -56.99
N GLY C 74 -4.69 20.89 -56.44
CA GLY C 74 -3.32 21.19 -56.04
C GLY C 74 -2.85 22.45 -56.74
N PHE C 75 -2.00 23.23 -56.07
CA PHE C 75 -1.46 24.46 -56.65
C PHE C 75 -0.79 24.24 -58.02
N GLU C 76 0.18 23.34 -58.05
CA GLU C 76 0.86 23.02 -59.30
C GLU C 76 -0.13 22.54 -60.32
N TYR C 77 -1.10 21.75 -59.89
CA TYR C 77 -2.09 21.23 -60.82
C TYR C 77 -2.94 22.33 -61.47
N GLU C 78 -3.46 23.26 -60.68
CA GLU C 78 -4.31 24.32 -61.20
C GLU C 78 -3.57 25.26 -62.14
N LEU C 79 -2.34 25.59 -61.76
CA LEU C 79 -1.46 26.41 -62.60
C LEU C 79 -1.09 25.68 -63.89
N ALA C 80 -0.70 24.41 -63.79
CA ALA C 80 -0.38 23.62 -64.99
C ALA C 80 -1.61 23.39 -65.88
N LYS C 81 -2.79 23.31 -65.28
CA LYS C 81 -4.00 23.06 -66.05
C LYS C 81 -4.38 24.30 -66.87
N ARG C 82 -4.06 25.48 -66.35
CA ARG C 82 -4.50 26.71 -67.00
C ARG C 82 -3.53 27.09 -68.10
N PHE C 83 -2.28 26.76 -67.91
CA PHE C 83 -1.31 26.83 -68.96
C PHE C 83 -1.75 25.94 -70.10
N ALA C 84 -2.29 24.78 -69.76
CA ALA C 84 -2.71 23.83 -70.78
C ALA C 84 -3.87 24.43 -71.59
N GLU C 85 -4.79 25.08 -70.89
CA GLU C 85 -5.94 25.69 -71.53
C GLU C 85 -5.54 26.89 -72.39
N ARG C 86 -4.46 27.57 -72.02
CA ARG C 86 -3.93 28.67 -72.83
C ARG C 86 -3.33 28.17 -74.15
N LEU C 87 -2.66 27.02 -74.08
CA LEU C 87 -2.12 26.37 -75.26
C LEU C 87 -3.23 25.65 -76.03
N GLY C 88 -4.36 25.47 -75.37
CA GLY C 88 -5.43 24.65 -75.92
C GLY C 88 -5.00 23.21 -76.16
N VAL C 89 -4.60 22.53 -75.09
CA VAL C 89 -4.14 21.15 -75.18
C VAL C 89 -4.57 20.38 -73.95
N GLU C 90 -4.82 19.08 -74.11
CA GLU C 90 -5.14 18.26 -72.96
C GLU C 90 -3.93 18.19 -72.05
N LEU C 91 -4.19 18.32 -70.75
CA LEU C 91 -3.18 18.13 -69.72
C LEU C 91 -3.14 16.68 -69.32
N LYS C 92 -1.94 16.10 -69.26
CA LYS C 92 -1.78 14.73 -68.80
C LYS C 92 -0.73 14.73 -67.72
N ILE C 93 -1.17 14.74 -66.47
CA ILE C 93 -0.24 14.78 -65.34
C ILE C 93 0.38 13.42 -65.02
N GLU C 94 1.69 13.39 -64.79
CA GLU C 94 2.37 12.16 -64.40
C GLU C 94 3.08 12.40 -63.07
N THR C 95 3.11 11.39 -62.21
CA THR C 95 3.73 11.55 -60.90
C THR C 95 5.08 10.82 -60.82
N ALA C 96 6.08 11.54 -60.35
CA ALA C 96 7.39 10.97 -60.16
C ALA C 96 7.36 10.13 -58.91
N ASP C 97 8.16 9.08 -58.87
CA ASP C 97 8.22 8.20 -57.70
C ASP C 97 9.03 8.88 -56.61
N ASN C 98 9.94 9.73 -57.03
CA ASN C 98 10.78 10.48 -56.12
C ASN C 98 11.46 11.53 -56.94
N LEU C 99 12.25 12.38 -56.30
CA LEU C 99 12.84 13.52 -56.99
C LEU C 99 13.80 13.08 -58.06
N ASP C 100 14.59 12.05 -57.80
CA ASP C 100 15.54 11.60 -58.81
C ASP C 100 14.83 11.04 -60.03
N ASP C 101 13.70 10.39 -59.79
CA ASP C 101 12.92 9.85 -60.88
C ASP C 101 12.35 10.97 -61.72
N LEU C 102 12.00 12.07 -61.07
CA LEU C 102 11.38 13.20 -61.75
C LEU C 102 12.36 13.80 -62.74
N TYR C 103 13.58 14.02 -62.29
CA TYR C 103 14.60 14.60 -63.13
C TYR C 103 15.06 13.62 -64.22
N ALA C 104 15.08 12.34 -63.90
CA ALA C 104 15.49 11.32 -64.86
C ALA C 104 14.53 11.23 -66.03
N GLN C 105 13.22 11.32 -65.74
CA GLN C 105 12.18 11.30 -66.76
C GLN C 105 12.28 12.51 -67.64
N LEU C 106 12.36 13.64 -66.97
CA LEU C 106 12.42 14.94 -67.60
C LEU C 106 13.55 15.02 -68.60
N SER C 107 14.52 14.11 -68.49
CA SER C 107 15.71 14.13 -69.32
C SER C 107 15.70 13.08 -70.41
N ARG C 108 15.04 11.95 -70.16
CA ARG C 108 14.85 10.94 -71.19
C ARG C 108 14.18 11.61 -72.40
N GLU C 109 14.68 11.31 -73.61
CA GLU C 109 14.34 12.07 -74.79
C GLU C 109 12.83 12.14 -75.08
N GLY C 110 12.11 11.07 -74.79
CA GLY C 110 10.68 11.07 -75.02
C GLY C 110 9.88 11.19 -73.73
N GLY C 111 10.20 12.22 -72.97
CA GLY C 111 9.67 12.38 -71.64
C GLY C 111 8.72 13.55 -71.54
N PRO C 112 8.29 13.87 -70.30
CA PRO C 112 7.35 14.96 -70.05
C PRO C 112 7.89 16.30 -70.52
N ALA C 113 6.98 17.19 -70.92
CA ALA C 113 7.36 18.47 -71.47
C ALA C 113 7.97 19.38 -70.40
N LEU C 114 7.48 19.30 -69.17
CA LEU C 114 7.98 20.11 -68.07
C LEU C 114 7.63 19.52 -66.71
N ALA C 115 8.40 19.87 -65.67
CA ALA C 115 8.08 19.48 -64.29
C ALA C 115 7.51 20.66 -63.50
N ALA C 116 6.38 20.44 -62.83
CA ALA C 116 5.77 21.44 -61.92
C ALA C 116 5.68 20.87 -60.53
N ALA C 117 6.69 21.11 -59.68
CA ALA C 117 6.86 20.35 -58.44
C ALA C 117 7.41 21.15 -57.30
N GLY C 118 7.22 22.46 -57.35
CA GLY C 118 7.83 23.35 -56.38
C GLY C 118 9.32 23.17 -56.37
N LEU C 119 9.90 23.28 -57.56
CA LEU C 119 11.33 23.12 -57.72
C LEU C 119 12.12 24.44 -57.59
N THR C 120 13.24 24.35 -56.90
CA THR C 120 14.25 25.41 -56.85
C THR C 120 15.21 25.25 -58.04
N PRO C 121 15.43 26.32 -58.80
CA PRO C 121 16.41 26.24 -59.89
C PRO C 121 17.79 25.86 -59.38
N GLY C 122 18.50 25.03 -60.15
CA GLY C 122 19.85 24.64 -59.83
C GLY C 122 20.95 25.61 -60.25
N ARG C 123 22.18 25.14 -60.19
CA ARG C 123 23.34 25.98 -60.45
C ARG C 123 23.29 26.62 -61.83
N GLU C 124 23.74 27.87 -61.91
CA GLU C 124 23.89 28.60 -63.17
C GLU C 124 24.70 27.88 -64.24
N ASP C 125 25.74 27.15 -63.83
CA ASP C 125 26.62 26.51 -64.80
C ASP C 125 26.21 25.06 -65.17
N ASP C 126 24.97 24.67 -64.86
CA ASP C 126 24.38 23.46 -65.44
C ASP C 126 23.21 23.75 -66.41
N ALA C 127 23.27 23.13 -67.58
CA ALA C 127 22.25 23.32 -68.61
C ALA C 127 21.39 22.06 -68.81
N SER C 128 21.74 20.99 -68.11
CA SER C 128 20.94 19.75 -68.08
C SER C 128 19.45 19.99 -67.89
N VAL C 129 19.13 20.97 -67.06
CA VAL C 129 17.77 21.39 -66.84
C VAL C 129 17.65 22.90 -67.03
N ARG C 130 16.55 23.31 -67.65
CA ARG C 130 16.18 24.71 -67.70
C ARG C 130 15.03 25.03 -66.75
N TYR C 131 15.19 26.09 -66.00
CA TYR C 131 14.12 26.59 -65.14
C TYR C 131 13.40 27.79 -65.74
N SER C 132 12.13 27.93 -65.41
CA SER C 132 11.34 29.05 -65.87
C SER C 132 11.50 30.28 -64.98
N HIS C 133 10.74 31.31 -65.30
CA HIS C 133 10.60 32.45 -64.40
C HIS C 133 9.96 31.91 -63.14
N THR C 134 10.20 32.56 -62.00
CA THR C 134 9.69 32.01 -60.75
C THR C 134 8.26 32.47 -60.51
N TYR C 135 7.50 31.71 -59.73
CA TYR C 135 6.07 31.93 -59.56
C TYR C 135 5.65 31.85 -58.11
N LEU C 136 6.63 31.70 -57.22
CA LEU C 136 6.36 31.71 -55.78
C LEU C 136 7.66 31.81 -54.95
N ASP C 137 7.76 32.82 -54.09
CA ASP C 137 8.91 32.99 -53.21
C ASP C 137 8.81 32.15 -51.95
N VAL C 138 9.87 31.44 -51.62
CA VAL C 138 9.93 30.66 -50.40
C VAL C 138 11.33 30.78 -49.84
N THR C 139 11.47 30.41 -48.57
CA THR C 139 12.75 30.41 -47.90
C THR C 139 12.88 29.07 -47.21
N PRO C 140 14.03 28.39 -47.36
CA PRO C 140 14.11 27.09 -46.72
C PRO C 140 14.40 27.23 -45.22
N GLN C 141 13.65 26.53 -44.39
CA GLN C 141 13.88 26.68 -42.96
C GLN C 141 14.06 25.33 -42.26
N ILE C 142 14.75 25.37 -41.13
CA ILE C 142 14.99 24.20 -40.33
C ILE C 142 13.87 24.03 -39.31
N ILE C 143 13.35 22.82 -39.20
CA ILE C 143 12.21 22.55 -38.35
C ILE C 143 12.60 21.69 -37.18
N TYR C 144 12.16 22.05 -35.98
CA TYR C 144 12.49 21.28 -34.79
C TYR C 144 11.22 21.03 -34.04
N ARG C 145 11.31 20.25 -32.97
CA ARG C 145 10.12 19.83 -32.27
C ARG C 145 9.94 20.56 -30.95
N ASN C 146 8.76 21.13 -30.73
CA ASN C 146 8.56 21.88 -29.49
C ASN C 146 8.82 21.00 -28.27
N GLY C 147 9.44 21.59 -27.27
CA GLY C 147 9.84 20.83 -26.10
C GLY C 147 11.33 20.56 -26.13
N GLN C 148 11.96 20.79 -27.26
CA GLN C 148 13.38 20.52 -27.40
C GLN C 148 14.11 21.82 -27.52
N GLN C 149 15.43 21.75 -27.50
CA GLN C 149 16.25 22.94 -27.62
C GLN C 149 16.20 23.42 -29.07
N ARG C 150 15.81 24.67 -29.23
CA ARG C 150 15.82 25.34 -30.52
C ARG C 150 17.24 25.54 -31.02
N PRO C 151 17.59 24.88 -32.15
CA PRO C 151 18.86 25.21 -32.81
C PRO C 151 18.80 26.64 -33.33
N THR C 152 19.95 27.33 -33.31
CA THR C 152 20.05 28.71 -33.81
C THR C 152 21.26 28.83 -34.70
N ARG C 153 22.35 28.20 -34.27
CA ARG C 153 23.55 28.05 -35.07
C ARG C 153 23.32 26.97 -36.11
N PRO C 154 23.71 27.23 -37.36
CA PRO C 154 23.80 26.12 -38.30
C PRO C 154 24.69 24.97 -37.81
N GLU C 155 25.72 25.25 -37.01
CA GLU C 155 26.53 24.16 -36.46
C GLU C 155 25.72 23.22 -35.56
N ASP C 156 24.61 23.74 -35.01
CA ASP C 156 23.81 22.98 -34.03
C ASP C 156 23.14 21.72 -34.57
N LEU C 157 23.23 21.49 -35.88
CA LEU C 157 22.55 20.34 -36.46
C LEU C 157 23.36 19.05 -36.32
N VAL C 158 24.49 19.12 -35.63
CA VAL C 158 25.44 18.03 -35.70
C VAL C 158 25.08 16.78 -34.88
N GLY C 159 24.48 16.95 -33.71
CA GLY C 159 24.13 15.79 -32.91
C GLY C 159 22.82 15.13 -33.29
N LYS C 160 21.96 15.88 -33.96
CA LYS C 160 20.57 15.47 -34.10
C LYS C 160 20.37 14.43 -35.22
N ARG C 161 19.20 13.79 -35.23
CA ARG C 161 18.81 12.93 -36.34
C ARG C 161 18.06 13.74 -37.36
N ILE C 162 18.51 13.69 -38.62
CA ILE C 162 17.96 14.57 -39.63
C ILE C 162 17.56 13.82 -40.86
N MET C 163 16.44 14.20 -41.44
CA MET C 163 16.02 13.55 -42.66
C MET C 163 15.45 14.55 -43.64
N VAL C 164 15.88 14.45 -44.88
CA VAL C 164 15.36 15.28 -45.96
C VAL C 164 15.02 14.37 -47.11
N LEU C 165 14.29 14.90 -48.09
CA LEU C 165 14.06 14.15 -49.35
C LEU C 165 15.36 13.89 -50.12
N LYS C 166 15.50 12.66 -50.64
CA LYS C 166 16.79 12.18 -51.15
C LYS C 166 17.36 12.92 -52.36
N GLY C 167 16.52 13.40 -53.26
CA GLY C 167 17.14 14.02 -54.43
C GLY C 167 17.06 15.52 -54.44
N SER C 168 16.89 16.10 -53.27
CA SER C 168 16.38 17.46 -53.17
C SER C 168 17.49 18.47 -53.03
N SER C 169 17.09 19.73 -53.19
CA SER C 169 18.02 20.82 -53.03
C SER C 169 18.27 21.08 -51.53
N HIS C 170 17.34 20.67 -50.68
CA HIS C 170 17.60 20.75 -49.25
C HIS C 170 18.69 19.77 -48.84
N ALA C 171 18.71 18.58 -49.45
CA ALA C 171 19.81 17.65 -49.21
C ALA C 171 21.12 18.26 -49.71
N GLU C 172 21.06 19.03 -50.79
CA GLU C 172 22.29 19.61 -51.34
C GLU C 172 22.79 20.73 -50.45
N GLN C 173 21.86 21.48 -49.84
CA GLN C 173 22.21 22.44 -48.81
C GLN C 173 23.02 21.79 -47.67
N LEU C 174 22.45 20.72 -47.11
CA LEU C 174 23.10 19.94 -46.07
C LEU C 174 24.43 19.38 -46.52
N ALA C 175 24.44 18.82 -47.73
CA ALA C 175 25.69 18.40 -48.34
C ALA C 175 26.75 19.50 -48.24
N GLU C 176 26.37 20.71 -48.63
CA GLU C 176 27.30 21.83 -48.60
C GLU C 176 27.71 22.12 -47.15
N LEU C 177 26.74 22.01 -46.23
CA LEU C 177 26.99 22.33 -44.83
C LEU C 177 28.01 21.36 -44.21
N LYS C 178 27.98 20.12 -44.68
CA LYS C 178 28.90 19.09 -44.22
C LYS C 178 30.35 19.33 -44.69
N LYS C 179 30.51 20.02 -45.83
CA LYS C 179 31.81 20.47 -46.33
C LYS C 179 32.34 21.62 -45.48
N GLN C 180 32.35 21.46 -44.18
CA GLN C 180 32.50 22.61 -43.29
C GLN C 180 32.50 22.06 -41.87
N TYR C 181 31.31 21.63 -41.44
CA TYR C 181 31.17 20.81 -40.24
C TYR C 181 31.03 19.35 -40.62
N PRO C 182 32.16 18.65 -40.85
CA PRO C 182 31.97 17.29 -41.36
C PRO C 182 31.49 16.28 -40.32
N GLU C 183 31.36 16.67 -39.05
CA GLU C 183 30.83 15.75 -38.04
C GLU C 183 29.32 15.59 -38.21
N LEU C 184 28.75 16.43 -39.06
CA LEU C 184 27.31 16.42 -39.38
C LEU C 184 26.85 15.15 -40.09
N LYS C 185 25.79 14.52 -39.57
CA LYS C 185 25.17 13.35 -40.21
C LYS C 185 23.72 13.68 -40.57
N TYR C 186 23.22 13.20 -41.71
CA TYR C 186 21.81 13.33 -42.10
C TYR C 186 21.37 12.20 -43.05
N GLU C 187 20.07 11.87 -42.98
CA GLU C 187 19.49 10.83 -43.83
C GLU C 187 18.67 11.42 -44.97
N GLU C 188 18.75 10.77 -46.13
CA GLU C 188 17.84 11.10 -47.22
C GLU C 188 17.14 9.81 -47.67
N SER C 189 15.86 9.95 -47.99
CA SER C 189 15.06 8.81 -48.42
C SER C 189 14.22 9.14 -49.65
N ASP C 190 13.97 8.12 -50.47
CA ASP C 190 13.00 8.23 -51.56
C ASP C 190 11.59 7.92 -51.05
N ALA C 191 11.46 7.53 -49.79
CA ALA C 191 10.20 6.98 -49.29
C ALA C 191 9.41 8.00 -48.47
N VAL C 192 9.93 9.21 -48.42
CA VAL C 192 9.24 10.28 -47.74
C VAL C 192 8.91 11.42 -48.70
N GLU C 193 7.80 12.08 -48.42
CA GLU C 193 7.44 13.32 -49.05
C GLU C 193 7.42 14.32 -47.88
N VAL C 194 7.33 15.61 -48.15
CA VAL C 194 7.48 16.59 -47.08
C VAL C 194 6.47 16.47 -45.92
N VAL C 195 5.23 16.06 -46.20
CA VAL C 195 4.28 15.81 -45.11
C VAL C 195 4.81 14.77 -44.13
N ASP C 196 5.48 13.73 -44.66
CA ASP C 196 6.15 12.72 -43.85
C ASP C 196 7.26 13.28 -42.94
N LEU C 197 7.99 14.27 -43.42
CA LEU C 197 9.10 14.79 -42.65
C LEU C 197 8.54 15.60 -41.49
N LEU C 198 7.38 16.22 -41.72
CA LEU C 198 6.79 17.07 -40.71
C LEU C 198 6.09 16.22 -39.69
N ARG C 199 5.55 15.10 -40.13
CA ARG C 199 4.97 14.11 -39.21
C ARG C 199 6.06 13.56 -38.32
N MET C 200 7.20 13.22 -38.93
CA MET C 200 8.28 12.60 -38.19
C MET C 200 8.87 13.55 -37.11
N VAL C 201 8.92 14.85 -37.37
CA VAL C 201 9.39 15.78 -36.37
C VAL C 201 8.32 15.99 -35.31
N ASP C 202 7.07 15.93 -35.76
CA ASP C 202 5.93 16.25 -34.92
C ASP C 202 5.78 15.23 -33.80
N VAL C 203 6.06 13.96 -34.13
CA VAL C 203 5.90 12.86 -33.18
C VAL C 203 7.19 12.48 -32.50
N GLY C 204 8.31 12.96 -33.04
CA GLY C 204 9.61 12.75 -32.42
C GLY C 204 10.41 11.62 -33.04
N ASP C 205 9.96 11.11 -34.18
CA ASP C 205 10.69 10.05 -34.88
C ASP C 205 12.00 10.56 -35.48
N ILE C 206 12.10 11.87 -35.71
CA ILE C 206 13.37 12.50 -35.99
C ILE C 206 13.39 13.84 -35.29
N ASP C 207 14.53 14.50 -35.31
CA ASP C 207 14.70 15.72 -34.51
C ASP C 207 14.58 16.97 -35.37
N LEU C 208 15.12 16.91 -36.58
CA LEU C 208 15.11 18.07 -37.47
C LEU C 208 14.84 17.68 -38.92
N THR C 209 14.36 18.65 -39.68
CA THR C 209 14.24 18.47 -41.11
C THR C 209 14.49 19.82 -41.77
N LEU C 210 14.54 19.83 -43.10
CA LEU C 210 14.72 21.08 -43.87
C LEU C 210 13.72 21.13 -45.04
N VAL C 211 12.97 22.21 -45.11
CA VAL C 211 11.83 22.32 -46.02
C VAL C 211 11.60 23.77 -46.38
N ASP C 212 10.99 23.98 -47.54
CA ASP C 212 10.67 25.33 -47.96
C ASP C 212 9.54 25.86 -47.10
N SER C 213 9.62 27.13 -46.78
CA SER C 213 8.65 27.77 -45.90
C SER C 213 7.20 27.58 -46.34
N ASN C 214 6.97 27.41 -47.63
CA ASN C 214 5.60 27.24 -48.13
C ASN C 214 4.99 25.95 -47.64
N GLU C 215 5.82 24.95 -47.44
CA GLU C 215 5.36 23.66 -46.96
C GLU C 215 5.00 23.75 -45.48
N LEU C 216 5.69 24.61 -44.75
CA LEU C 216 5.34 24.76 -43.36
C LEU C 216 4.05 25.58 -43.26
N ALA C 217 3.91 26.60 -44.11
CA ALA C 217 2.68 27.39 -44.13
C ALA C 217 1.45 26.51 -44.33
N MET C 218 1.59 25.55 -45.24
CA MET C 218 0.49 24.76 -45.73
C MET C 218 0.11 23.69 -44.76
N ASN C 219 1.12 23.15 -44.08
CA ASN C 219 0.96 21.97 -43.24
C ASN C 219 1.06 22.22 -41.73
N GLN C 220 1.76 23.29 -41.36
CA GLN C 220 1.91 23.75 -39.97
C GLN C 220 0.80 23.30 -39.03
N VAL C 221 -0.45 23.63 -39.35
CA VAL C 221 -1.55 23.47 -38.40
C VAL C 221 -1.94 22.02 -38.18
N TYR C 222 -1.57 21.15 -39.11
CA TYR C 222 -1.78 19.71 -38.98
C TYR C 222 -0.65 19.04 -38.20
N PHE C 223 0.30 19.86 -37.73
CA PHE C 223 1.43 19.38 -36.96
C PHE C 223 1.74 20.37 -35.82
N PRO C 224 1.01 20.24 -34.71
CA PRO C 224 1.02 21.12 -33.55
C PRO C 224 2.41 21.40 -32.94
N ASN C 225 3.34 20.45 -33.05
CA ASN C 225 4.58 20.52 -32.29
C ASN C 225 5.79 21.04 -33.07
N VAL C 226 5.64 21.15 -34.38
CA VAL C 226 6.75 21.60 -35.20
C VAL C 226 6.86 23.12 -35.19
N ARG C 227 8.09 23.57 -35.11
CA ARG C 227 8.45 24.98 -35.01
C ARG C 227 9.57 25.33 -35.99
N VAL C 228 9.70 26.61 -36.32
CA VAL C 228 10.80 27.07 -37.15
C VAL C 228 11.99 27.49 -36.30
N ALA C 229 13.09 26.77 -36.41
CA ALA C 229 14.31 27.17 -35.72
C ALA C 229 14.84 28.49 -36.30
N PHE C 230 15.34 28.41 -37.53
CA PHE C 230 15.87 29.57 -38.23
C PHE C 230 15.82 29.35 -39.74
N ASP C 231 16.03 30.41 -40.51
CA ASP C 231 16.07 30.29 -41.96
C ASP C 231 17.47 29.97 -42.44
N PHE C 232 17.54 29.03 -43.37
CA PHE C 232 18.79 28.48 -43.88
C PHE C 232 18.81 28.66 -45.40
N GLY C 233 19.46 29.73 -45.84
CA GLY C 233 19.45 30.12 -47.24
C GLY C 233 18.68 31.42 -47.42
N GLU C 234 19.01 32.20 -48.44
CA GLU C 234 18.21 33.37 -48.72
C GLU C 234 16.89 32.91 -49.32
N ALA C 235 15.88 33.78 -49.37
CA ALA C 235 14.67 33.45 -50.11
C ALA C 235 15.02 33.25 -51.59
N ARG C 236 14.28 32.38 -52.25
CA ARG C 236 14.49 32.15 -53.67
C ARG C 236 13.16 31.87 -54.36
N GLY C 237 13.14 31.91 -55.70
CA GLY C 237 11.90 31.68 -56.42
C GLY C 237 11.78 30.25 -56.93
N LEU C 238 10.60 29.66 -56.77
CA LEU C 238 10.28 28.34 -57.30
C LEU C 238 9.97 28.41 -58.79
N ALA C 239 10.32 27.36 -59.52
CA ALA C 239 10.25 27.42 -60.98
C ALA C 239 9.97 26.09 -61.65
N TRP C 240 9.29 26.17 -62.79
CA TRP C 240 9.06 25.00 -63.64
C TRP C 240 10.34 24.55 -64.36
N ALA C 241 10.55 23.25 -64.42
CA ALA C 241 11.79 22.71 -65.00
C ALA C 241 11.53 22.11 -66.36
N LEU C 242 12.35 22.49 -67.33
CA LEU C 242 12.25 21.87 -68.65
C LEU C 242 13.55 21.15 -68.95
N PRO C 243 13.50 20.18 -69.85
CA PRO C 243 14.75 19.54 -70.29
C PRO C 243 15.66 20.52 -71.04
N GLY C 244 16.99 20.36 -70.96
CA GLY C 244 17.88 21.13 -71.82
C GLY C 244 17.73 20.73 -73.29
N GLY C 245 17.84 21.66 -74.24
CA GLY C 245 18.02 23.07 -73.97
C GLY C 245 17.99 24.08 -75.12
N ASP C 246 18.18 23.68 -76.37
CA ASP C 246 18.46 24.71 -77.36
C ASP C 246 17.23 25.25 -78.10
N ASP C 247 16.09 24.58 -77.93
CA ASP C 247 14.84 25.04 -78.52
C ASP C 247 14.04 25.83 -77.47
N ASP C 248 13.71 27.08 -77.77
CA ASP C 248 13.06 27.91 -76.78
C ASP C 248 11.55 28.05 -77.00
N SER C 249 11.01 27.37 -77.99
CA SER C 249 9.61 27.57 -78.34
C SER C 249 8.70 27.34 -77.14
N LEU C 250 8.94 26.27 -76.38
CA LEU C 250 8.05 25.96 -75.26
C LEU C 250 8.39 26.77 -73.99
N MET C 251 9.66 27.08 -73.74
CA MET C 251 10.03 27.92 -72.59
C MET C 251 9.47 29.34 -72.77
N ASN C 252 9.40 29.79 -74.01
CA ASN C 252 8.92 31.14 -74.28
C ASN C 252 7.43 31.27 -73.96
N GLU C 253 6.67 30.20 -74.21
CA GLU C 253 5.25 30.15 -73.85
C GLU C 253 5.03 30.00 -72.34
N VAL C 254 5.79 29.14 -71.70
CA VAL C 254 5.75 29.07 -70.25
C VAL C 254 6.04 30.44 -69.63
N ASN C 255 7.07 31.11 -70.13
CA ASN C 255 7.45 32.36 -69.47
C ASN C 255 6.39 33.41 -69.73
N ALA C 256 5.89 33.47 -70.95
CA ALA C 256 4.80 34.39 -71.27
C ALA C 256 3.61 34.18 -70.33
N PHE C 257 3.25 32.91 -70.14
CA PHE C 257 2.14 32.52 -69.28
C PHE C 257 2.39 32.93 -67.85
N LEU C 258 3.51 32.52 -67.28
CA LEU C 258 3.79 32.81 -65.88
C LEU C 258 3.83 34.31 -65.63
N ASP C 259 4.30 35.07 -66.61
CA ASP C 259 4.39 36.52 -66.47
C ASP C 259 3.03 37.18 -66.50
N GLN C 260 2.15 36.72 -67.37
CA GLN C 260 0.78 37.23 -67.42
C GLN C 260 0.09 36.87 -66.12
N ALA C 261 0.17 35.58 -65.80
CA ALA C 261 -0.34 35.03 -64.56
C ALA C 261 -0.01 35.91 -63.36
N LYS C 262 1.17 36.52 -63.36
CA LYS C 262 1.58 37.28 -62.19
C LYS C 262 0.74 38.55 -62.06
N LYS C 263 0.77 39.41 -63.07
CA LYS C 263 0.09 40.68 -62.92
C LYS C 263 -1.41 40.56 -63.19
N GLU C 264 -1.81 39.53 -63.94
CA GLU C 264 -3.23 39.20 -64.06
C GLU C 264 -3.85 38.92 -62.69
N GLY C 265 -3.00 38.64 -61.70
CA GLY C 265 -3.43 38.30 -60.36
C GLY C 265 -3.59 36.80 -60.07
N LEU C 266 -3.38 35.95 -61.07
CA LEU C 266 -3.65 34.52 -60.93
C LEU C 266 -2.71 33.80 -59.96
N LEU C 267 -1.46 34.26 -59.83
CA LEU C 267 -0.56 33.63 -58.88
C LEU C 267 -0.96 33.99 -57.47
N GLN C 268 -1.37 35.23 -57.28
CA GLN C 268 -1.83 35.65 -55.96
C GLN C 268 -3.07 34.87 -55.51
N ARG C 269 -4.07 34.75 -56.37
CA ARG C 269 -5.28 34.00 -56.00
C ARG C 269 -4.95 32.54 -55.62
N LEU C 270 -3.90 31.97 -56.22
CA LEU C 270 -3.47 30.62 -55.89
C LEU C 270 -2.69 30.59 -54.58
N LYS C 271 -1.73 31.50 -54.41
CA LYS C 271 -1.04 31.65 -53.13
C LYS C 271 -2.04 31.92 -52.01
N ASP C 272 -3.25 32.34 -52.38
CA ASP C 272 -4.31 32.57 -51.38
C ASP C 272 -5.16 31.30 -51.14
N ARG C 273 -5.62 30.66 -52.21
CA ARG C 273 -6.43 29.44 -52.09
C ARG C 273 -5.73 28.30 -51.33
N TYR C 274 -4.40 28.31 -51.33
CA TYR C 274 -3.64 27.14 -50.85
C TYR C 274 -2.74 27.41 -49.64
N TYR C 275 -2.15 28.59 -49.57
CA TYR C 275 -1.28 28.90 -48.45
C TYR C 275 -1.90 30.02 -47.60
N GLY C 276 -3.20 29.90 -47.36
CA GLY C 276 -3.93 30.92 -46.65
C GLY C 276 -4.09 30.70 -45.15
N HIS C 277 -5.24 31.12 -44.64
CA HIS C 277 -5.47 31.20 -43.20
C HIS C 277 -6.44 30.13 -42.69
N VAL C 278 -5.94 28.92 -42.52
CA VAL C 278 -6.73 27.87 -41.87
C VAL C 278 -6.33 27.76 -40.40
N ASP C 279 -7.33 27.83 -39.53
CA ASP C 279 -7.16 27.64 -38.09
C ASP C 279 -7.66 26.25 -37.72
N VAL C 280 -8.84 25.92 -38.23
CA VAL C 280 -9.45 24.60 -38.11
C VAL C 280 -9.65 24.20 -36.64
N LEU C 281 -10.85 24.48 -36.11
CA LEU C 281 -11.21 24.09 -34.75
C LEU C 281 -11.42 22.57 -34.64
N GLY C 282 -10.66 21.92 -33.77
CA GLY C 282 -10.83 20.50 -33.51
C GLY C 282 -12.15 20.23 -32.82
N TYR C 283 -12.11 19.90 -31.53
CA TYR C 283 -13.34 19.82 -30.75
C TYR C 283 -13.60 21.16 -30.04
N VAL C 284 -14.89 21.48 -29.86
CA VAL C 284 -15.32 22.81 -29.48
C VAL C 284 -15.46 23.06 -27.97
N GLY C 285 -15.63 22.01 -27.18
CA GLY C 285 -15.76 22.18 -25.74
C GLY C 285 -17.21 22.34 -25.31
N ALA C 286 -17.61 21.63 -24.26
CA ALA C 286 -19.02 21.47 -23.91
C ALA C 286 -19.76 22.81 -23.78
N TYR C 287 -19.41 23.53 -22.72
CA TYR C 287 -19.79 24.93 -22.52
C TYR C 287 -20.19 25.69 -23.80
N THR C 288 -19.33 25.65 -24.81
CA THR C 288 -19.60 26.35 -26.07
C THR C 288 -20.71 25.70 -26.87
N PHE C 289 -20.73 24.38 -26.87
CA PHE C 289 -21.71 23.61 -27.62
C PHE C 289 -23.10 23.83 -27.04
N THR C 290 -23.17 23.94 -25.72
CA THR C 290 -24.41 24.30 -25.04
C THR C 290 -24.91 25.65 -25.48
N GLN C 291 -24.02 26.64 -25.52
CA GLN C 291 -24.39 27.97 -26.00
C GLN C 291 -24.96 27.86 -27.41
N HIS C 292 -24.30 27.08 -28.25
CA HIS C 292 -24.73 26.91 -29.63
C HIS C 292 -25.99 26.08 -29.76
N LEU C 293 -26.19 25.18 -28.81
CA LEU C 293 -27.40 24.36 -28.78
C LEU C 293 -28.64 25.22 -28.52
N GLN C 294 -28.47 26.25 -27.69
CA GLN C 294 -29.54 27.18 -27.37
C GLN C 294 -29.73 28.21 -28.46
N GLN C 295 -28.64 28.86 -28.87
CA GLN C 295 -28.71 29.96 -29.84
C GLN C 295 -29.02 29.52 -31.26
N ARG C 296 -28.26 28.55 -31.75
CA ARG C 296 -28.24 28.26 -33.18
C ARG C 296 -29.13 27.09 -33.61
N LEU C 297 -29.15 26.02 -32.82
CA LEU C 297 -29.85 24.82 -33.27
C LEU C 297 -31.33 25.05 -33.57
N PRO C 298 -32.04 25.80 -32.69
CA PRO C 298 -33.49 25.98 -32.89
C PRO C 298 -33.90 26.53 -34.25
N ARG C 299 -33.17 27.52 -34.76
CA ARG C 299 -33.39 28.03 -36.12
C ARG C 299 -33.55 26.90 -37.11
N TYR C 300 -32.86 25.80 -36.82
CA TYR C 300 -32.66 24.75 -37.81
C TYR C 300 -33.20 23.38 -37.37
N GLU C 301 -33.38 23.17 -36.06
CA GLU C 301 -33.90 21.89 -35.53
C GLU C 301 -35.10 21.36 -36.30
N SER C 302 -35.90 22.26 -36.85
CA SER C 302 -37.12 21.88 -37.56
C SER C 302 -36.81 21.20 -38.90
N HIS C 303 -35.86 21.75 -39.64
CA HIS C 303 -35.53 21.23 -40.96
C HIS C 303 -34.79 19.90 -40.84
N PHE C 304 -33.82 19.87 -39.94
CA PHE C 304 -33.14 18.66 -39.55
C PHE C 304 -34.13 17.53 -39.24
N LYS C 305 -35.11 17.82 -38.38
CA LYS C 305 -36.14 16.85 -38.01
C LYS C 305 -36.84 16.37 -39.27
N GLN C 306 -37.08 17.30 -40.19
CA GLN C 306 -37.85 17.04 -41.40
C GLN C 306 -37.04 16.30 -42.48
N SER C 307 -35.83 16.76 -42.76
CA SER C 307 -34.94 16.07 -43.69
C SER C 307 -34.70 14.62 -43.25
N GLY C 308 -34.56 14.43 -41.94
CA GLY C 308 -34.47 13.12 -41.34
C GLY C 308 -35.68 12.23 -41.61
N LYS C 309 -36.88 12.78 -41.43
CA LYS C 309 -38.10 12.10 -41.81
C LYS C 309 -38.05 11.67 -43.26
N GLN C 310 -37.90 12.64 -44.16
CA GLN C 310 -38.04 12.38 -45.59
C GLN C 310 -37.00 11.43 -46.15
N LYS C 311 -36.17 10.85 -45.26
CA LYS C 311 -35.16 9.89 -45.70
C LYS C 311 -34.75 8.83 -44.68
N ASP C 312 -35.65 8.50 -43.76
CA ASP C 312 -35.48 7.34 -42.88
C ASP C 312 -34.10 7.30 -42.22
N THR C 313 -33.67 8.42 -41.66
CA THR C 313 -32.43 8.45 -40.88
C THR C 313 -32.54 9.44 -39.72
N ASP C 314 -31.75 9.20 -38.68
CA ASP C 314 -31.72 10.03 -37.46
C ASP C 314 -31.34 11.47 -37.77
N TRP C 315 -32.17 12.43 -37.36
CA TRP C 315 -31.89 13.84 -37.64
C TRP C 315 -30.69 14.31 -36.83
N ARG C 316 -30.50 13.74 -35.65
CA ARG C 316 -29.43 14.17 -34.76
C ARG C 316 -28.06 13.85 -35.36
N LEU C 317 -28.02 12.91 -36.30
CA LEU C 317 -26.78 12.65 -36.99
C LEU C 317 -26.54 13.78 -37.99
N LEU C 318 -27.59 14.13 -38.72
CA LEU C 318 -27.51 15.24 -39.68
C LEU C 318 -27.19 16.52 -38.95
N ALA C 319 -27.76 16.65 -37.76
CA ALA C 319 -27.54 17.80 -36.91
C ALA C 319 -26.07 17.92 -36.59
N ALA C 320 -25.47 16.78 -36.22
CA ALA C 320 -24.06 16.70 -35.87
C ALA C 320 -23.16 16.99 -37.06
N ILE C 321 -23.55 16.50 -38.25
CA ILE C 321 -22.82 16.80 -39.47
C ILE C 321 -22.74 18.31 -39.66
N GLY C 322 -23.91 18.93 -39.74
CA GLY C 322 -24.00 20.38 -39.81
C GLY C 322 -23.25 21.15 -38.73
N TYR C 323 -23.06 20.57 -37.55
CA TYR C 323 -22.30 21.29 -36.53
C TYR C 323 -20.82 21.17 -36.78
N GLN C 324 -20.38 20.04 -37.33
CA GLN C 324 -18.97 19.87 -37.67
C GLN C 324 -18.61 20.70 -38.88
N GLU C 325 -19.59 21.00 -39.72
CA GLU C 325 -19.28 21.67 -40.98
C GLU C 325 -19.27 23.19 -40.83
N SER C 326 -20.16 23.72 -40.01
CA SER C 326 -20.30 25.18 -39.93
C SER C 326 -20.77 25.68 -38.58
N LEU C 327 -20.87 24.79 -37.61
CA LEU C 327 -21.33 25.16 -36.27
C LEU C 327 -22.72 25.80 -36.32
N TRP C 328 -23.59 25.21 -37.14
CA TRP C 328 -24.96 25.69 -37.36
C TRP C 328 -24.96 27.18 -37.68
N GLN C 329 -24.02 27.59 -38.53
CA GLN C 329 -24.01 28.92 -39.11
C GLN C 329 -24.33 28.80 -40.59
N PRO C 330 -25.47 29.35 -41.00
CA PRO C 330 -26.06 29.06 -42.30
C PRO C 330 -25.30 29.69 -43.45
N GLY C 331 -24.47 30.68 -43.14
CA GLY C 331 -23.79 31.44 -44.16
C GLY C 331 -22.28 31.39 -44.13
N ALA C 332 -21.71 30.49 -43.34
CA ALA C 332 -20.25 30.36 -43.26
C ALA C 332 -19.65 29.85 -44.57
N THR C 333 -18.38 30.16 -44.79
CA THR C 333 -17.75 29.90 -46.07
C THR C 333 -16.30 29.48 -45.89
N SER C 334 -15.78 28.74 -46.86
CA SER C 334 -14.36 28.44 -46.92
C SER C 334 -13.80 28.92 -48.25
N LYS C 335 -12.49 28.84 -48.39
CA LYS C 335 -11.83 29.23 -49.64
C LYS C 335 -11.72 28.02 -50.55
N THR C 336 -12.02 26.84 -49.99
CA THR C 336 -12.00 25.59 -50.72
C THR C 336 -13.21 25.41 -51.64
N GLY C 337 -14.13 26.37 -51.59
CA GLY C 337 -15.30 26.36 -52.46
C GLY C 337 -16.51 25.71 -51.82
N VAL C 338 -16.45 25.47 -50.51
CA VAL C 338 -17.60 24.96 -49.76
C VAL C 338 -18.34 26.09 -49.09
N ARG C 339 -19.66 25.97 -49.03
CA ARG C 339 -20.48 27.06 -48.53
C ARG C 339 -21.69 26.52 -47.80
N GLY C 340 -22.09 27.22 -46.76
CA GLY C 340 -23.36 26.95 -46.12
C GLY C 340 -23.29 26.06 -44.90
N LEU C 341 -24.47 25.75 -44.39
CA LEU C 341 -24.60 25.08 -43.12
C LEU C 341 -24.09 23.65 -43.18
N MET C 342 -24.11 23.03 -44.37
CA MET C 342 -23.57 21.68 -44.53
C MET C 342 -22.32 21.66 -45.41
N MET C 343 -21.80 22.86 -45.70
CA MET C 343 -20.57 23.08 -46.46
C MET C 343 -20.45 22.24 -47.73
N LEU C 344 -21.32 22.56 -48.69
CA LEU C 344 -21.32 21.91 -50.00
C LEU C 344 -20.37 22.58 -50.98
N THR C 345 -19.87 21.80 -51.92
CA THR C 345 -19.21 22.33 -53.11
C THR C 345 -20.28 22.76 -54.11
N ASN C 346 -19.90 23.59 -55.08
CA ASN C 346 -20.85 23.99 -56.11
C ASN C 346 -21.40 22.77 -56.82
N ARG C 347 -20.56 21.78 -57.03
CA ARG C 347 -20.94 20.63 -57.83
C ARG C 347 -21.96 19.75 -57.11
N THR C 348 -21.66 19.40 -55.87
CA THR C 348 -22.56 18.56 -55.08
C THR C 348 -23.91 19.23 -54.92
N ALA C 349 -23.88 20.56 -54.87
CA ALA C 349 -25.06 21.38 -54.67
C ALA C 349 -26.01 21.31 -55.87
N GLN C 350 -25.48 21.57 -57.06
CA GLN C 350 -26.25 21.38 -58.29
C GLN C 350 -26.86 19.97 -58.37
N ALA C 351 -26.09 18.94 -58.02
CA ALA C 351 -26.54 17.56 -58.14
C ALA C 351 -27.68 17.24 -57.20
N MET C 352 -27.62 17.80 -55.99
CA MET C 352 -28.65 17.55 -55.00
C MET C 352 -29.86 18.47 -55.18
N GLY C 353 -29.74 19.47 -56.03
CA GLY C 353 -30.85 20.33 -56.40
C GLY C 353 -30.86 21.64 -55.64
N VAL C 354 -29.72 21.98 -55.05
CA VAL C 354 -29.59 23.21 -54.30
C VAL C 354 -29.26 24.38 -55.23
N SER C 355 -30.12 25.39 -55.21
CA SER C 355 -29.98 26.54 -56.08
C SER C 355 -29.41 27.76 -55.32
N ASN C 356 -29.53 27.73 -54.00
CA ASN C 356 -28.84 28.71 -53.17
C ASN C 356 -28.23 28.06 -51.94
N ARG C 357 -26.92 27.87 -51.98
CA ARG C 357 -26.18 27.20 -50.90
C ARG C 357 -26.28 27.93 -49.57
N LEU C 358 -26.74 29.19 -49.59
CA LEU C 358 -26.76 29.99 -48.38
C LEU C 358 -28.12 29.90 -47.68
N ASP C 359 -29.08 29.21 -48.31
CA ASP C 359 -30.39 28.97 -47.70
C ASP C 359 -30.37 27.70 -46.87
N PRO C 360 -30.50 27.86 -45.54
CA PRO C 360 -30.35 26.76 -44.58
C PRO C 360 -31.23 25.53 -44.86
N LYS C 361 -32.47 25.70 -45.31
CA LYS C 361 -33.32 24.55 -45.60
C LYS C 361 -32.85 23.84 -46.87
N GLN C 362 -32.04 24.54 -47.65
CA GLN C 362 -31.51 23.96 -48.86
C GLN C 362 -30.17 23.28 -48.59
N SER C 363 -29.35 23.89 -47.74
CA SER C 363 -28.06 23.31 -47.36
C SER C 363 -28.32 21.98 -46.64
N ILE C 364 -29.07 22.02 -45.54
CA ILE C 364 -29.72 20.83 -45.00
C ILE C 364 -30.62 20.29 -46.12
N GLN C 365 -31.06 19.04 -46.00
CA GLN C 365 -31.73 18.35 -47.12
C GLN C 365 -30.71 18.07 -48.23
N GLY C 366 -30.07 19.12 -48.75
CA GLY C 366 -29.01 18.93 -49.74
C GLY C 366 -27.88 18.09 -49.17
N GLY C 367 -27.23 18.62 -48.14
CA GLY C 367 -26.18 17.88 -47.46
C GLY C 367 -26.71 16.58 -46.91
N SER C 368 -27.97 16.59 -46.53
CA SER C 368 -28.58 15.39 -45.99
C SER C 368 -28.85 14.35 -47.06
N LYS C 369 -29.48 14.77 -48.16
CA LYS C 369 -29.69 13.87 -49.28
C LYS C 369 -28.35 13.27 -49.73
N TYR C 370 -27.31 14.11 -49.83
CA TYR C 370 -26.00 13.67 -50.29
C TYR C 370 -25.38 12.59 -49.36
N PHE C 371 -25.30 12.88 -48.07
CA PHE C 371 -24.77 11.94 -47.10
C PHE C 371 -25.50 10.61 -47.12
N VAL C 372 -26.82 10.66 -47.23
CA VAL C 372 -27.62 9.44 -47.25
C VAL C 372 -27.39 8.66 -48.54
N GLN C 373 -27.14 9.37 -49.62
CA GLN C 373 -26.87 8.74 -50.90
C GLN C 373 -25.54 8.02 -50.82
N ILE C 374 -24.52 8.74 -50.35
CA ILE C 374 -23.19 8.16 -50.14
C ILE C 374 -23.24 6.91 -49.30
N ARG C 375 -24.03 6.94 -48.24
CA ARG C 375 -24.18 5.79 -47.36
C ARG C 375 -24.83 4.64 -48.08
N SER C 376 -25.88 4.95 -48.84
CA SER C 376 -26.67 3.90 -49.48
C SER C 376 -25.87 3.22 -50.61
N GLU C 377 -24.86 3.91 -51.15
CA GLU C 377 -24.03 3.38 -52.23
C GLU C 377 -22.83 2.60 -51.74
N LEU C 378 -22.53 2.68 -50.45
CA LEU C 378 -21.43 1.89 -49.87
C LEU C 378 -21.64 0.41 -50.14
N PRO C 379 -20.55 -0.33 -50.38
CA PRO C 379 -20.51 -1.78 -50.53
C PRO C 379 -21.51 -2.49 -49.61
N GLU C 380 -22.19 -3.52 -50.10
CA GLU C 380 -23.30 -4.12 -49.36
C GLU C 380 -22.82 -4.85 -48.10
N SER C 381 -21.53 -5.16 -48.05
CA SER C 381 -20.98 -5.93 -46.93
C SER C 381 -20.74 -5.12 -45.65
N ILE C 382 -20.94 -3.81 -45.72
CA ILE C 382 -20.74 -2.89 -44.61
C ILE C 382 -22.02 -2.62 -43.82
N LYS C 383 -22.13 -3.22 -42.65
CA LYS C 383 -23.38 -3.15 -41.91
C LYS C 383 -23.37 -1.98 -40.91
N GLU C 384 -24.55 -1.54 -40.49
CA GLU C 384 -24.66 -0.51 -39.46
C GLU C 384 -24.20 -1.03 -38.10
N PRO C 385 -23.71 -0.13 -37.24
CA PRO C 385 -23.61 1.32 -37.46
C PRO C 385 -22.36 1.74 -38.24
N ASP C 386 -21.36 0.88 -38.33
CA ASP C 386 -20.13 1.15 -39.07
C ASP C 386 -20.40 1.90 -40.36
N ARG C 387 -21.43 1.45 -41.07
CA ARG C 387 -21.80 1.96 -42.37
C ARG C 387 -22.01 3.46 -42.35
N SER C 388 -22.57 3.96 -41.26
CA SER C 388 -22.75 5.39 -41.13
C SER C 388 -21.40 6.10 -40.98
N TRP C 389 -20.56 5.54 -40.12
CA TRP C 389 -19.21 6.07 -39.96
C TRP C 389 -18.49 6.10 -41.32
N PHE C 390 -18.55 5.00 -42.07
CA PHE C 390 -17.92 4.96 -43.39
C PHE C 390 -18.50 6.04 -44.26
N ALA C 391 -19.81 6.22 -44.16
CA ALA C 391 -20.46 7.27 -44.93
C ALA C 391 -19.88 8.64 -44.58
N LEU C 392 -19.79 8.93 -43.28
CA LEU C 392 -19.22 10.21 -42.85
C LEU C 392 -17.83 10.38 -43.43
N ALA C 393 -17.05 9.30 -43.46
CA ALA C 393 -15.68 9.32 -43.96
C ALA C 393 -15.64 9.74 -45.41
N ALA C 394 -16.33 8.97 -46.25
CA ALA C 394 -16.51 9.30 -47.65
C ALA C 394 -17.01 10.74 -47.85
N TYR C 395 -18.00 11.15 -47.08
CA TYR C 395 -18.54 12.50 -47.16
C TYR C 395 -17.44 13.56 -47.13
N ASN C 396 -16.42 13.29 -46.33
CA ASN C 396 -15.30 14.17 -46.11
C ASN C 396 -14.11 13.97 -47.06
N ILE C 397 -13.76 12.71 -47.34
CA ILE C 397 -12.52 12.39 -48.04
C ILE C 397 -12.73 11.86 -49.45
N GLY C 398 -13.93 11.40 -49.74
CA GLY C 398 -14.22 10.81 -51.05
C GLY C 398 -14.19 9.30 -51.09
N GLY C 399 -15.07 8.73 -51.89
CA GLY C 399 -15.18 7.29 -52.00
C GLY C 399 -13.93 6.60 -52.45
N ALA C 400 -13.12 7.24 -53.29
CA ALA C 400 -11.96 6.55 -53.85
C ALA C 400 -10.90 6.33 -52.78
N HIS C 401 -10.57 7.39 -52.07
CA HIS C 401 -9.64 7.28 -50.97
C HIS C 401 -10.11 6.30 -49.91
N LEU C 402 -11.42 6.27 -49.67
CA LEU C 402 -11.96 5.39 -48.67
C LEU C 402 -11.79 3.95 -49.11
N GLU C 403 -12.11 3.64 -50.36
CA GLU C 403 -11.90 2.28 -50.84
C GLU C 403 -10.42 1.87 -50.77
N ASP C 404 -9.53 2.81 -51.00
CA ASP C 404 -8.10 2.55 -50.87
C ASP C 404 -7.74 2.19 -49.46
N ALA C 405 -8.46 2.78 -48.51
CA ALA C 405 -8.20 2.50 -47.10
C ALA C 405 -8.74 1.13 -46.75
N ARG C 406 -9.87 0.76 -47.33
CA ARG C 406 -10.41 -0.58 -47.16
C ARG C 406 -9.52 -1.67 -47.79
N LYS C 407 -9.01 -1.40 -48.99
CA LYS C 407 -8.14 -2.38 -49.63
C LYS C 407 -6.87 -2.53 -48.82
N MET C 408 -6.39 -1.43 -48.27
CA MET C 408 -5.16 -1.47 -47.48
C MET C 408 -5.42 -2.23 -46.17
N ALA C 409 -6.62 -2.04 -45.61
CA ALA C 409 -7.00 -2.77 -44.40
C ALA C 409 -7.06 -4.28 -44.64
N GLU C 410 -7.63 -4.70 -45.77
CA GLU C 410 -7.77 -6.11 -46.03
C GLU C 410 -6.40 -6.76 -46.18
N LYS C 411 -5.49 -6.08 -46.90
CA LYS C 411 -4.13 -6.61 -47.10
C LYS C 411 -3.33 -6.71 -45.79
N GLU C 412 -3.79 -6.00 -44.76
CA GLU C 412 -3.16 -6.09 -43.43
C GLU C 412 -3.87 -7.11 -42.56
N GLY C 413 -4.74 -7.90 -43.16
CA GLY C 413 -5.49 -8.90 -42.42
C GLY C 413 -6.44 -8.29 -41.41
N LEU C 414 -6.85 -7.06 -41.68
CA LEU C 414 -7.94 -6.48 -40.90
C LEU C 414 -9.26 -6.69 -41.64
N ASN C 415 -10.32 -6.23 -41.02
CA ASN C 415 -11.65 -6.35 -41.55
C ASN C 415 -12.05 -5.03 -42.21
N PRO C 416 -12.12 -5.02 -43.55
CA PRO C 416 -12.46 -3.85 -44.37
C PRO C 416 -13.90 -3.38 -44.17
N ASN C 417 -14.69 -4.12 -43.41
CA ASN C 417 -16.06 -3.75 -43.12
C ASN C 417 -16.25 -3.25 -41.70
N LYS C 418 -15.15 -3.07 -40.95
CA LYS C 418 -15.24 -2.48 -39.61
C LYS C 418 -14.57 -1.13 -39.55
N TRP C 419 -15.35 -0.09 -39.26
CA TRP C 419 -14.81 1.25 -39.11
C TRP C 419 -13.58 1.27 -38.20
N LEU C 420 -13.57 0.38 -37.21
CA LEU C 420 -12.50 0.36 -36.24
C LEU C 420 -11.16 -0.08 -36.86
N ASP C 421 -11.24 -0.86 -37.93
CA ASP C 421 -10.02 -1.30 -38.58
C ASP C 421 -9.65 -0.36 -39.72
N VAL C 422 -10.62 0.03 -40.55
CA VAL C 422 -10.31 0.94 -41.64
C VAL C 422 -9.82 2.28 -41.10
N LYS C 423 -10.30 2.67 -39.92
CA LYS C 423 -9.95 3.96 -39.31
C LYS C 423 -8.46 4.05 -39.01
N LYS C 424 -7.84 2.90 -38.77
CA LYS C 424 -6.40 2.81 -38.52
C LYS C 424 -5.58 3.04 -39.78
N MET C 425 -6.13 2.66 -40.93
CA MET C 425 -5.45 2.72 -42.21
C MET C 425 -5.49 4.12 -42.82
N LEU C 426 -6.56 4.86 -42.54
CA LEU C 426 -6.77 6.17 -43.15
C LEU C 426 -5.60 7.14 -43.05
N PRO C 427 -4.96 7.22 -41.88
CA PRO C 427 -3.85 8.17 -41.74
C PRO C 427 -2.64 7.79 -42.58
N ARG C 428 -2.54 6.53 -42.98
CA ARG C 428 -1.38 6.12 -43.72
C ARG C 428 -1.42 6.71 -45.12
N LEU C 429 -2.61 7.14 -45.54
CA LEU C 429 -2.77 7.87 -46.79
C LEU C 429 -2.04 9.21 -46.80
N ALA C 430 -1.47 9.58 -45.65
CA ALA C 430 -0.66 10.79 -45.59
C ALA C 430 0.83 10.45 -45.55
N GLN C 431 1.15 9.14 -45.54
CA GLN C 431 2.55 8.73 -45.55
C GLN C 431 2.91 8.11 -46.89
N LYS C 432 3.98 8.60 -47.50
CA LYS C 432 4.33 8.18 -48.84
C LYS C 432 4.61 6.69 -49.00
N GLN C 433 5.33 6.10 -48.05
CA GLN C 433 5.58 4.66 -48.12
C GLN C 433 4.31 3.89 -48.36
N TRP C 434 3.22 4.37 -47.75
CA TRP C 434 1.92 3.73 -47.87
C TRP C 434 1.05 4.27 -49.00
N TYR C 435 0.94 5.59 -49.15
CA TYR C 435 -0.02 6.07 -50.13
C TYR C 435 0.47 5.88 -51.56
N ALA C 436 1.77 5.74 -51.74
CA ALA C 436 2.34 5.52 -53.08
C ALA C 436 1.94 4.15 -53.62
N LYS C 437 1.55 3.25 -52.72
CA LYS C 437 1.09 1.93 -53.13
C LYS C 437 -0.44 1.87 -53.30
N THR C 438 -1.10 3.02 -53.26
CA THR C 438 -2.54 3.05 -53.46
C THR C 438 -2.87 3.59 -54.83
N ARG C 439 -4.09 3.32 -55.29
CA ARG C 439 -4.55 3.74 -56.60
C ARG C 439 -4.70 5.26 -56.68
N TYR C 440 -5.10 5.90 -55.59
CA TYR C 440 -5.40 7.32 -55.65
C TYR C 440 -4.45 8.19 -54.83
N GLY C 441 -3.45 7.58 -54.22
CA GLY C 441 -2.36 8.34 -53.62
C GLY C 441 -2.70 9.14 -52.39
N TYR C 442 -1.96 10.22 -52.17
CA TYR C 442 -2.01 11.01 -50.94
C TYR C 442 -3.40 11.51 -50.59
N ALA C 443 -3.67 11.62 -49.30
CA ALA C 443 -4.91 12.21 -48.79
C ALA C 443 -4.71 12.48 -47.32
N ARG C 444 -5.17 13.63 -46.85
CA ARG C 444 -5.00 13.98 -45.45
C ARG C 444 -5.91 13.12 -44.58
N GLY C 445 -5.67 11.81 -44.63
CA GLY C 445 -6.57 10.84 -44.03
C GLY C 445 -6.81 11.02 -42.53
N GLY C 446 -5.82 11.55 -41.84
CA GLY C 446 -5.96 11.79 -40.43
C GLY C 446 -7.06 12.77 -40.14
N GLU C 447 -7.27 13.73 -41.03
CA GLU C 447 -8.33 14.72 -40.81
C GLU C 447 -9.68 14.07 -40.88
N THR C 448 -9.81 13.16 -41.82
CA THR C 448 -11.06 12.46 -42.05
C THR C 448 -11.42 11.65 -40.81
N VAL C 449 -10.40 11.25 -40.05
CA VAL C 449 -10.67 10.50 -38.84
C VAL C 449 -11.18 11.44 -37.74
N HIS C 450 -10.57 12.61 -37.59
CA HIS C 450 -11.03 13.53 -36.57
C HIS C 450 -12.40 14.03 -36.98
N PHE C 451 -12.68 14.04 -38.27
CA PHE C 451 -13.98 14.47 -38.72
C PHE C 451 -15.07 13.51 -38.23
N VAL C 452 -14.90 12.24 -38.55
CA VAL C 452 -15.82 11.21 -38.11
C VAL C 452 -15.99 11.19 -36.58
N GLN C 453 -14.87 11.25 -35.86
CA GLN C 453 -14.87 11.18 -34.41
C GLN C 453 -15.65 12.34 -33.81
N ASN C 454 -15.55 13.50 -34.45
CA ASN C 454 -16.20 14.69 -33.95
C ASN C 454 -17.69 14.63 -34.18
N VAL C 455 -18.07 14.25 -35.39
CA VAL C 455 -19.49 14.17 -35.71
C VAL C 455 -20.13 13.20 -34.73
N ARG C 456 -19.51 12.04 -34.54
CA ARG C 456 -20.01 11.06 -33.58
C ARG C 456 -20.08 11.62 -32.17
N ARG C 457 -19.04 12.33 -31.75
CA ARG C 457 -19.07 13.07 -30.48
C ARG C 457 -20.33 13.93 -30.39
N TYR C 458 -20.53 14.80 -31.38
CA TYR C 458 -21.66 15.71 -31.41
C TYR C 458 -22.99 14.97 -31.49
N TYR C 459 -22.99 13.89 -32.24
CA TYR C 459 -24.17 13.07 -32.37
C TYR C 459 -24.52 12.45 -31.02
N ASP C 460 -23.53 11.83 -30.37
CA ASP C 460 -23.74 11.20 -29.06
C ASP C 460 -24.22 12.20 -28.00
N ILE C 461 -23.89 13.46 -28.18
CA ILE C 461 -24.34 14.50 -27.27
C ILE C 461 -25.78 14.90 -27.50
N LEU C 462 -26.16 15.14 -28.76
CA LEU C 462 -27.53 15.52 -29.08
C LEU C 462 -28.48 14.42 -28.60
N THR C 463 -28.05 13.19 -28.79
CA THR C 463 -28.84 12.02 -28.41
C THR C 463 -29.08 11.98 -26.91
N TRP C 464 -28.08 12.43 -26.16
CA TRP C 464 -28.16 12.42 -24.71
C TRP C 464 -28.99 13.58 -24.16
N VAL C 465 -29.30 14.57 -24.99
CA VAL C 465 -30.33 15.55 -24.63
C VAL C 465 -31.64 15.22 -25.37
N THR C 466 -32.50 14.46 -24.69
CA THR C 466 -33.87 14.20 -25.12
C THR C 466 -34.75 13.84 -23.90
N GLN C 467 -34.12 13.47 -22.79
CA GLN C 467 -34.80 13.31 -21.49
C GLN C 467 -33.99 13.95 -20.36
N GLY D 52 -18.23 17.36 74.59
CA GLY D 52 -16.92 17.93 74.40
C GLY D 52 -16.15 17.39 73.19
N VAL D 53 -16.77 16.49 72.44
CA VAL D 53 -16.12 15.92 71.25
C VAL D 53 -17.12 15.44 70.19
N LEU D 54 -17.03 16.03 69.01
CA LEU D 54 -17.93 15.69 67.90
C LEU D 54 -17.44 14.54 67.02
N ARG D 55 -18.08 13.38 67.14
CA ARG D 55 -17.75 12.25 66.29
C ARG D 55 -18.37 12.44 64.91
N VAL D 56 -17.60 12.15 63.87
CA VAL D 56 -18.09 12.34 62.50
C VAL D 56 -17.60 11.20 61.61
N ILE D 57 -18.52 10.31 61.26
CA ILE D 57 -18.22 9.18 60.39
C ILE D 57 -18.19 9.68 58.93
N THR D 58 -17.31 9.11 58.12
CA THR D 58 -17.24 9.45 56.70
C THR D 58 -16.54 8.33 55.90
N ARG D 59 -16.34 8.56 54.62
CA ARG D 59 -15.57 7.59 53.86
C ARG D 59 -14.22 8.17 53.46
N ASN D 60 -13.20 7.31 53.51
CA ASN D 60 -11.88 7.62 52.98
C ASN D 60 -11.98 7.77 51.46
N SER D 61 -11.94 9.01 51.00
CA SER D 61 -12.17 9.33 49.60
C SER D 61 -11.59 10.70 49.31
N PRO D 62 -11.04 10.88 48.11
CA PRO D 62 -10.58 12.23 47.73
C PRO D 62 -11.67 13.28 47.89
N ALA D 63 -12.92 12.90 47.71
CA ALA D 63 -14.04 13.85 47.70
C ALA D 63 -14.55 14.18 49.08
N THR D 64 -14.13 13.40 50.08
CA THR D 64 -14.62 13.56 51.43
C THR D 64 -13.48 13.81 52.40
N TYR D 65 -12.68 12.80 52.65
CA TYR D 65 -11.65 12.91 53.69
C TYR D 65 -10.50 11.95 53.46
N PHE D 66 -9.30 12.45 53.64
CA PHE D 66 -8.12 11.60 53.48
C PHE D 66 -6.89 12.32 53.98
N GLN D 67 -5.82 11.56 54.17
CA GLN D 67 -4.60 12.14 54.70
C GLN D 67 -3.62 12.44 53.57
N ASP D 68 -3.26 13.71 53.41
CA ASP D 68 -2.20 14.04 52.47
C ASP D 68 -0.90 14.23 53.26
N ARG D 69 -0.03 15.07 52.74
CA ARG D 69 1.34 15.20 53.20
C ARG D 69 1.50 16.15 54.37
N ASN D 70 0.56 17.08 54.53
CA ASN D 70 0.56 17.96 55.69
C ASN D 70 -0.59 17.62 56.66
N GLY D 71 -1.12 16.41 56.54
CA GLY D 71 -2.11 15.93 57.48
C GLY D 71 -3.49 15.66 56.92
N GLU D 72 -4.50 15.79 57.77
CA GLU D 72 -5.88 15.49 57.37
C GLU D 72 -6.41 16.59 56.46
N THR D 73 -7.27 16.19 55.53
CA THR D 73 -7.88 17.13 54.58
C THR D 73 -9.08 16.50 53.88
N GLY D 74 -9.73 17.31 53.04
CA GLY D 74 -10.94 16.86 52.35
C GLY D 74 -12.11 17.81 52.58
N PHE D 75 -12.97 17.90 51.58
CA PHE D 75 -14.16 18.75 51.62
C PHE D 75 -15.00 18.51 52.88
N GLU D 76 -15.54 17.31 53.01
CA GLU D 76 -16.31 16.95 54.18
C GLU D 76 -15.51 17.21 55.44
N TYR D 77 -14.22 16.89 55.43
CA TYR D 77 -13.44 17.07 56.63
C TYR D 77 -13.33 18.55 57.02
N GLU D 78 -13.07 19.43 56.06
CA GLU D 78 -12.91 20.86 56.36
C GLU D 78 -14.19 21.43 56.97
N LEU D 79 -15.30 21.18 56.29
CA LEU D 79 -16.61 21.57 56.76
C LEU D 79 -16.88 21.01 58.16
N ALA D 80 -16.67 19.73 58.35
CA ALA D 80 -16.94 19.12 59.65
C ALA D 80 -15.96 19.63 60.70
N LYS D 81 -14.86 20.24 60.28
CA LYS D 81 -13.93 20.83 61.23
C LYS D 81 -14.38 22.26 61.56
N ARG D 82 -14.77 23.01 60.52
CA ARG D 82 -15.33 24.35 60.70
C ARG D 82 -16.64 24.31 61.47
N PHE D 83 -17.10 23.11 61.80
CA PHE D 83 -18.30 22.94 62.61
C PHE D 83 -17.94 22.67 64.06
N ALA D 84 -16.93 21.82 64.28
CA ALA D 84 -16.39 21.61 65.62
C ALA D 84 -16.01 22.96 66.26
N GLU D 85 -15.08 23.67 65.65
CA GLU D 85 -14.89 25.08 65.94
C GLU D 85 -16.11 25.81 65.34
N ARG D 86 -16.44 26.98 65.87
CA ARG D 86 -17.77 27.56 65.65
C ARG D 86 -18.79 26.58 66.22
N LEU D 87 -18.38 25.92 67.29
CA LEU D 87 -19.28 25.16 68.15
C LEU D 87 -18.54 24.83 69.42
N GLY D 88 -17.21 24.94 69.38
CA GLY D 88 -16.39 24.81 70.56
C GLY D 88 -16.06 23.39 70.94
N VAL D 89 -16.11 22.49 69.97
CA VAL D 89 -15.88 21.09 70.25
C VAL D 89 -14.67 20.57 69.46
N GLU D 90 -14.09 19.47 69.93
CA GLU D 90 -12.93 18.86 69.29
C GLU D 90 -13.36 17.71 68.40
N LEU D 91 -13.03 17.80 67.12
CA LEU D 91 -13.53 16.86 66.12
C LEU D 91 -12.71 15.58 65.98
N LYS D 92 -13.39 14.45 65.99
CA LYS D 92 -12.74 13.14 65.80
C LYS D 92 -13.34 12.41 64.61
N ILE D 93 -12.52 12.14 63.59
CA ILE D 93 -13.01 11.44 62.41
C ILE D 93 -12.98 9.92 62.59
N GLU D 94 -13.98 9.26 62.01
CA GLU D 94 -14.03 7.80 61.96
C GLU D 94 -14.39 7.41 60.53
N THR D 95 -13.68 6.45 59.95
CA THR D 95 -13.98 6.04 58.59
C THR D 95 -14.75 4.71 58.57
N ALA D 96 -15.73 4.60 57.66
CA ALA D 96 -16.50 3.36 57.50
C ALA D 96 -15.95 2.48 56.37
N ASP D 97 -16.11 1.17 56.50
CA ASP D 97 -15.66 0.23 55.47
C ASP D 97 -16.36 0.52 54.14
N ASN D 98 -17.66 0.77 54.22
CA ASN D 98 -18.52 0.97 53.07
C ASN D 98 -19.79 1.70 53.48
N LEU D 99 -20.62 2.03 52.50
CA LEU D 99 -21.86 2.74 52.80
C LEU D 99 -22.82 1.99 53.73
N ASP D 100 -23.00 0.69 53.53
CA ASP D 100 -23.84 -0.09 54.44
C ASP D 100 -23.35 0.06 55.88
N ASP D 101 -22.03 0.01 56.05
CA ASP D 101 -21.44 0.16 57.37
C ASP D 101 -21.74 1.56 57.89
N LEU D 102 -21.53 2.55 57.03
CA LEU D 102 -21.61 3.95 57.44
C LEU D 102 -23.00 4.26 58.02
N TYR D 103 -24.04 3.74 57.40
CA TYR D 103 -25.40 4.00 57.87
C TYR D 103 -25.71 3.17 59.13
N ALA D 104 -25.11 2.00 59.22
CA ALA D 104 -25.32 1.09 60.34
C ALA D 104 -24.72 1.65 61.62
N GLN D 105 -23.55 2.27 61.48
CA GLN D 105 -22.85 2.87 62.61
C GLN D 105 -23.54 4.14 63.07
N LEU D 106 -24.33 4.73 62.17
CA LEU D 106 -25.06 5.97 62.45
C LEU D 106 -26.37 5.70 63.21
N SER D 107 -27.11 4.69 62.78
CA SER D 107 -28.38 4.36 63.41
C SER D 107 -28.20 3.38 64.56
N ARG D 108 -26.97 3.24 65.04
CA ARG D 108 -26.71 2.40 66.20
C ARG D 108 -26.38 3.27 67.40
N GLU D 109 -26.78 2.81 68.58
CA GLU D 109 -26.63 3.58 69.82
C GLU D 109 -25.17 3.87 70.13
N GLY D 110 -24.91 5.03 70.73
CA GLY D 110 -23.55 5.41 71.08
C GLY D 110 -22.59 5.51 69.90
N GLY D 111 -23.11 5.37 68.69
CA GLY D 111 -22.30 5.56 67.49
C GLY D 111 -21.95 7.04 67.33
N PRO D 112 -21.42 7.41 66.16
CA PRO D 112 -21.10 8.82 65.90
C PRO D 112 -22.35 9.72 65.86
N ALA D 113 -22.15 11.01 66.10
CA ALA D 113 -23.27 11.95 66.11
C ALA D 113 -23.80 12.24 64.71
N LEU D 114 -22.91 12.36 63.73
CA LEU D 114 -23.33 12.65 62.36
C LEU D 114 -22.41 12.06 61.27
N ALA D 115 -22.94 11.97 60.06
CA ALA D 115 -22.21 11.41 58.94
C ALA D 115 -22.06 12.42 57.83
N ALA D 116 -20.81 12.75 57.48
CA ALA D 116 -20.55 13.75 56.45
C ALA D 116 -19.70 13.14 55.34
N ALA D 117 -20.33 12.83 54.22
CA ALA D 117 -19.61 12.08 53.20
C ALA D 117 -20.35 12.01 51.89
N GLY D 118 -20.70 13.16 51.35
CA GLY D 118 -21.39 13.25 50.07
C GLY D 118 -22.64 12.41 49.92
N LEU D 119 -23.46 12.31 50.96
CA LEU D 119 -24.65 11.48 50.88
C LEU D 119 -25.79 12.24 50.23
N THR D 120 -26.56 11.56 49.39
CA THR D 120 -27.80 12.11 48.84
C THR D 120 -28.93 11.86 49.82
N PRO D 121 -29.69 12.91 50.17
CA PRO D 121 -30.88 12.76 51.02
C PRO D 121 -31.66 11.50 50.66
N GLY D 122 -31.61 10.53 51.56
CA GLY D 122 -32.16 9.20 51.32
C GLY D 122 -33.66 9.17 51.14
N ARG D 123 -34.40 9.55 52.18
CA ARG D 123 -35.85 9.43 52.15
C ARG D 123 -36.51 10.02 53.39
N ASP D 124 -37.60 10.76 53.19
CA ASP D 124 -38.47 11.11 54.31
C ASP D 124 -39.39 9.93 54.55
N ASP D 125 -40.42 10.09 55.38
CA ASP D 125 -41.25 8.96 55.81
C ASP D 125 -40.39 7.96 56.58
N ASP D 126 -39.16 7.77 56.11
CA ASP D 126 -38.25 6.77 56.66
C ASP D 126 -37.69 7.25 57.99
N ALA D 127 -37.69 8.56 58.21
CA ALA D 127 -37.33 9.22 59.47
C ALA D 127 -36.31 8.52 60.40
N SER D 128 -35.89 7.30 60.05
CA SER D 128 -34.93 6.51 60.81
C SER D 128 -33.51 7.06 60.60
N VAL D 129 -33.31 7.62 59.41
CA VAL D 129 -32.14 8.45 59.12
C VAL D 129 -32.62 9.86 58.78
N ARG D 130 -32.12 10.83 59.54
CA ARG D 130 -32.52 12.24 59.39
C ARG D 130 -31.44 13.03 58.64
N TYR D 131 -31.85 13.83 57.65
CA TYR D 131 -30.90 14.60 56.84
C TYR D 131 -30.94 16.11 57.08
N SER D 132 -29.87 16.78 56.67
CA SER D 132 -29.71 18.21 56.87
C SER D 132 -30.10 18.98 55.62
N HIS D 133 -29.86 20.30 55.64
CA HIS D 133 -30.09 21.14 54.47
C HIS D 133 -28.95 20.87 53.47
N THR D 134 -29.24 21.06 52.20
CA THR D 134 -28.31 20.69 51.13
C THR D 134 -27.17 21.70 50.95
N TYR D 135 -25.92 21.20 50.97
CA TYR D 135 -24.77 22.08 50.93
C TYR D 135 -24.00 22.07 49.62
N LEU D 136 -24.45 21.26 48.66
CA LEU D 136 -23.77 21.18 47.36
C LEU D 136 -24.62 20.45 46.34
N ASP D 137 -24.78 21.06 45.18
CA ASP D 137 -25.65 20.48 44.15
C ASP D 137 -24.87 19.66 43.13
N VAL D 138 -25.28 18.41 42.99
CA VAL D 138 -24.61 17.46 42.10
C VAL D 138 -25.63 16.74 41.23
N THR D 139 -25.15 16.12 40.16
CA THR D 139 -26.01 15.36 39.29
C THR D 139 -25.37 14.01 38.96
N PRO D 140 -26.16 12.93 39.08
CA PRO D 140 -25.70 11.59 38.68
C PRO D 140 -25.39 11.58 37.18
N GLN D 141 -24.25 11.05 36.80
CA GLN D 141 -23.94 10.95 35.39
C GLN D 141 -23.49 9.53 35.07
N ILE D 142 -23.86 9.04 33.88
CA ILE D 142 -23.33 7.79 33.38
C ILE D 142 -21.98 8.11 32.78
N ILE D 143 -20.97 7.32 33.16
CA ILE D 143 -19.61 7.50 32.66
C ILE D 143 -19.30 6.39 31.68
N TYR D 144 -18.67 6.72 30.56
CA TYR D 144 -18.28 5.67 29.63
C TYR D 144 -16.83 5.85 29.22
N ARG D 145 -16.29 4.91 28.46
CA ARG D 145 -14.90 5.01 28.06
C ARG D 145 -14.78 5.59 26.67
N ASN D 146 -13.96 6.63 26.53
CA ASN D 146 -13.73 7.26 25.25
C ASN D 146 -13.24 6.24 24.25
N GLY D 147 -13.88 6.19 23.08
CA GLY D 147 -13.51 5.21 22.07
C GLY D 147 -14.46 4.04 22.11
N GLN D 148 -15.64 4.28 22.69
CA GLN D 148 -16.68 3.27 22.81
C GLN D 148 -18.01 3.84 22.39
N GLN D 149 -19.04 3.01 22.50
CA GLN D 149 -20.40 3.44 22.19
C GLN D 149 -20.94 4.36 23.28
N ARG D 150 -20.98 5.67 23.02
CA ARG D 150 -21.60 6.58 23.98
C ARG D 150 -23.09 6.31 24.09
N PRO D 151 -23.51 5.69 25.21
CA PRO D 151 -24.92 5.43 25.41
C PRO D 151 -25.68 6.75 25.52
N THR D 152 -26.79 6.87 24.77
CA THR D 152 -27.52 8.14 24.67
C THR D 152 -28.69 8.26 25.64
N ARG D 153 -29.23 7.11 26.03
CA ARG D 153 -30.41 7.02 26.87
C ARG D 153 -30.26 5.81 27.79
N PRO D 154 -30.98 5.80 28.93
CA PRO D 154 -30.88 4.69 29.88
C PRO D 154 -30.90 3.31 29.23
N GLU D 155 -31.81 3.08 28.27
CA GLU D 155 -31.92 1.81 27.56
C GLU D 155 -30.58 1.23 27.07
N ASP D 156 -29.59 2.10 26.88
CA ASP D 156 -28.33 1.67 26.32
C ASP D 156 -27.46 0.93 27.35
N LEU D 157 -27.86 0.96 28.62
CA LEU D 157 -27.07 0.33 29.69
C LEU D 157 -27.15 -1.19 29.69
N VAL D 158 -28.05 -1.73 28.88
CA VAL D 158 -28.22 -3.17 28.79
C VAL D 158 -27.05 -3.79 28.04
N GLY D 159 -26.59 -4.94 28.53
CA GLY D 159 -25.51 -5.67 27.87
C GLY D 159 -24.10 -5.21 28.19
N LYS D 160 -23.95 -4.18 29.01
CA LYS D 160 -22.63 -3.67 29.33
C LYS D 160 -22.28 -3.90 30.81
N ARG D 161 -21.01 -4.23 31.08
CA ARG D 161 -20.54 -4.42 32.44
C ARG D 161 -20.57 -3.10 33.18
N ILE D 162 -21.54 -2.96 34.08
CA ILE D 162 -21.67 -1.77 34.90
C ILE D 162 -21.29 -2.12 36.33
N MET D 163 -20.55 -1.24 37.00
CA MET D 163 -20.25 -1.41 38.42
C MET D 163 -20.52 -0.11 39.19
N VAL D 164 -21.19 -0.23 40.33
CA VAL D 164 -21.47 0.89 41.23
C VAL D 164 -21.07 0.57 42.69
N LEU D 165 -21.10 1.56 43.56
CA LEU D 165 -20.87 1.31 44.99
C LEU D 165 -22.05 0.56 45.62
N LYS D 166 -21.77 -0.51 46.37
CA LYS D 166 -22.86 -1.20 47.07
C LYS D 166 -23.39 -0.36 48.22
N GLY D 167 -24.71 -0.34 48.35
CA GLY D 167 -25.35 0.42 49.40
C GLY D 167 -25.48 1.88 49.02
N SER D 168 -25.53 2.12 47.73
CA SER D 168 -25.43 3.47 47.20
C SER D 168 -26.75 3.94 46.63
N SER D 169 -26.96 5.26 46.62
CA SER D 169 -28.13 5.84 45.98
C SER D 169 -28.10 5.49 44.49
N HIS D 170 -26.87 5.42 43.96
CA HIS D 170 -26.64 5.06 42.56
C HIS D 170 -26.96 3.59 42.26
N ALA D 171 -26.64 2.71 43.20
CA ALA D 171 -27.16 1.36 43.13
C ALA D 171 -28.67 1.43 43.06
N GLU D 172 -29.28 2.01 44.09
CA GLU D 172 -30.73 2.08 44.19
C GLU D 172 -31.33 2.63 42.92
N GLN D 173 -30.63 3.55 42.27
CA GLN D 173 -31.09 4.09 41.00
C GLN D 173 -31.24 2.99 39.96
N LEU D 174 -30.20 2.17 39.83
CA LEU D 174 -30.18 1.10 38.84
C LEU D 174 -31.17 0.01 39.20
N ALA D 175 -31.42 -0.15 40.49
CA ALA D 175 -32.42 -1.11 40.94
C ALA D 175 -33.79 -0.74 40.35
N GLU D 176 -34.13 0.55 40.42
CA GLU D 176 -35.36 1.04 39.83
C GLU D 176 -35.33 0.90 38.30
N LEU D 177 -34.21 1.26 37.69
CA LEU D 177 -34.07 1.14 36.24
C LEU D 177 -34.27 -0.32 35.82
N LYS D 178 -33.78 -1.26 36.62
CA LYS D 178 -33.88 -2.67 36.28
C LYS D 178 -35.34 -3.12 36.25
N LYS D 179 -36.20 -2.43 37.01
CA LYS D 179 -37.60 -2.83 37.04
C LYS D 179 -38.38 -2.21 35.88
N GLN D 180 -37.66 -1.56 34.98
CA GLN D 180 -38.24 -1.05 33.73
C GLN D 180 -37.75 -1.94 32.56
N TYR D 181 -36.43 -2.09 32.45
CA TYR D 181 -35.84 -3.06 31.53
C TYR D 181 -35.20 -4.14 32.36
N PRO D 182 -35.94 -5.24 32.60
CA PRO D 182 -35.40 -6.31 33.45
C PRO D 182 -34.08 -6.87 32.88
N GLU D 183 -33.87 -6.64 31.58
CA GLU D 183 -32.64 -7.07 30.90
C GLU D 183 -31.38 -6.52 31.56
N LEU D 184 -31.47 -5.32 32.11
CA LEU D 184 -30.32 -4.63 32.66
C LEU D 184 -29.63 -5.42 33.75
N LYS D 185 -28.31 -5.41 33.73
CA LYS D 185 -27.49 -6.08 34.73
C LYS D 185 -26.43 -5.10 35.19
N TYR D 186 -26.05 -5.22 36.46
CA TYR D 186 -25.03 -4.36 37.05
C TYR D 186 -24.46 -5.01 38.30
N GLU D 187 -23.26 -4.60 38.68
CA GLU D 187 -22.60 -5.13 39.88
C GLU D 187 -22.49 -4.09 41.02
N GLU D 188 -22.57 -4.57 42.25
CA GLU D 188 -22.35 -3.74 43.44
C GLU D 188 -21.19 -4.34 44.22
N SER D 189 -20.35 -3.51 44.79
CA SER D 189 -19.18 -3.96 45.54
C SER D 189 -18.91 -3.08 46.74
N ASP D 190 -18.32 -3.66 47.77
CA ASP D 190 -17.92 -2.93 48.97
C ASP D 190 -16.43 -2.65 48.97
N ALA D 191 -15.69 -3.31 48.08
CA ALA D 191 -14.25 -3.14 48.02
C ALA D 191 -13.84 -2.20 46.90
N VAL D 192 -14.75 -1.29 46.55
CA VAL D 192 -14.44 -0.21 45.63
C VAL D 192 -14.97 1.11 46.15
N GLU D 193 -14.29 2.18 45.78
CA GLU D 193 -14.75 3.52 46.05
C GLU D 193 -15.00 4.18 44.71
N VAL D 194 -15.43 5.43 44.68
CA VAL D 194 -15.82 6.03 43.42
C VAL D 194 -14.61 6.16 42.50
N VAL D 195 -13.47 6.44 43.13
CA VAL D 195 -12.19 6.60 42.42
C VAL D 195 -11.76 5.26 41.78
N ASP D 196 -12.24 4.15 42.35
CA ASP D 196 -11.98 2.81 41.82
C ASP D 196 -12.82 2.54 40.58
N LEU D 197 -14.00 3.15 40.52
CA LEU D 197 -14.89 2.93 39.38
C LEU D 197 -14.37 3.70 38.18
N LEU D 198 -13.97 4.95 38.42
CA LEU D 198 -13.43 5.77 37.34
C LEU D 198 -12.17 5.14 36.79
N ARG D 199 -11.38 4.56 37.68
CA ARG D 199 -10.18 3.82 37.29
C ARG D 199 -10.56 2.69 36.35
N MET D 200 -11.67 2.03 36.66
CA MET D 200 -12.05 0.84 35.90
C MET D 200 -12.60 1.19 34.52
N VAL D 201 -13.49 2.18 34.45
CA VAL D 201 -14.02 2.62 33.18
C VAL D 201 -12.90 3.10 32.27
N ASP D 202 -12.07 3.99 32.80
CA ASP D 202 -10.91 4.56 32.10
C ASP D 202 -9.97 3.50 31.50
N VAL D 203 -9.55 2.55 32.34
CA VAL D 203 -8.62 1.51 31.96
C VAL D 203 -9.26 0.46 31.03
N GLY D 204 -10.58 0.29 31.13
CA GLY D 204 -11.32 -0.66 30.31
C GLY D 204 -11.87 -1.93 30.99
N ASP D 205 -11.63 -2.04 32.31
CA ASP D 205 -12.10 -3.20 33.11
C ASP D 205 -13.63 -3.32 33.26
N ILE D 206 -14.31 -2.18 33.19
CA ILE D 206 -15.76 -2.19 33.19
C ILE D 206 -16.17 -1.19 32.13
N ASP D 207 -17.41 -1.29 31.67
CA ASP D 207 -17.84 -0.52 30.50
C ASP D 207 -18.33 0.84 30.90
N LEU D 208 -19.20 0.85 31.91
CA LEU D 208 -19.86 2.07 32.38
C LEU D 208 -19.86 2.13 33.89
N THR D 209 -20.20 3.30 34.42
CA THR D 209 -20.55 3.41 35.82
C THR D 209 -21.55 4.54 36.01
N LEU D 210 -21.97 4.73 37.26
CA LEU D 210 -22.85 5.82 37.64
C LEU D 210 -22.32 6.49 38.90
N VAL D 211 -22.06 7.79 38.82
CA VAL D 211 -21.52 8.55 39.94
C VAL D 211 -22.00 10.00 39.98
N ASP D 212 -21.87 10.63 41.15
CA ASP D 212 -22.28 12.03 41.30
C ASP D 212 -21.37 12.98 40.53
N SER D 213 -21.95 14.03 39.95
CA SER D 213 -21.25 15.00 39.13
C SER D 213 -19.98 15.55 39.78
N ASN D 214 -20.06 15.86 41.06
CA ASN D 214 -18.91 16.40 41.78
C ASN D 214 -17.71 15.46 41.77
N GLU D 215 -17.96 14.17 41.90
CA GLU D 215 -16.88 13.20 41.97
C GLU D 215 -16.19 13.19 40.63
N LEU D 216 -16.95 13.47 39.59
CA LEU D 216 -16.38 13.54 38.25
C LEU D 216 -15.48 14.75 38.12
N ALA D 217 -15.95 15.89 38.60
CA ALA D 217 -15.16 17.12 38.63
C ALA D 217 -13.84 16.87 39.32
N MET D 218 -13.93 16.44 40.57
CA MET D 218 -12.76 16.14 41.37
C MET D 218 -11.71 15.30 40.64
N ASN D 219 -12.12 14.37 39.78
CA ASN D 219 -11.18 13.35 39.31
C ASN D 219 -11.00 13.14 37.80
N GLN D 220 -11.78 13.82 36.96
CA GLN D 220 -11.73 13.49 35.53
C GLN D 220 -10.38 13.83 34.93
N VAL D 221 -9.68 14.79 35.54
CA VAL D 221 -8.38 15.19 35.01
C VAL D 221 -7.37 14.05 35.18
N TYR D 222 -7.68 13.14 36.09
CA TYR D 222 -6.77 12.03 36.42
C TYR D 222 -7.11 10.75 35.69
N PHE D 223 -8.20 10.78 34.92
CA PHE D 223 -8.60 9.65 34.11
C PHE D 223 -8.95 10.16 32.73
N PRO D 224 -7.94 10.20 31.85
CA PRO D 224 -8.03 10.75 30.49
C PRO D 224 -9.22 10.19 29.67
N ASN D 225 -9.49 8.90 29.79
CA ASN D 225 -10.40 8.21 28.87
C ASN D 225 -11.87 8.19 29.23
N VAL D 226 -12.23 8.78 30.36
CA VAL D 226 -13.62 8.77 30.79
C VAL D 226 -14.38 10.00 30.30
N ARG D 227 -15.63 9.76 29.93
CA ARG D 227 -16.48 10.78 29.35
C ARG D 227 -17.86 10.72 29.98
N VAL D 228 -18.46 11.88 30.22
CA VAL D 228 -19.85 11.89 30.62
C VAL D 228 -20.68 11.51 29.41
N ALA D 229 -21.63 10.62 29.61
CA ALA D 229 -22.50 10.20 28.52
C ALA D 229 -23.81 10.98 28.57
N PHE D 230 -24.43 11.00 29.74
CA PHE D 230 -25.64 11.77 29.94
C PHE D 230 -25.98 11.88 31.42
N ASP D 231 -26.71 12.93 31.76
CA ASP D 231 -27.23 13.09 33.12
C ASP D 231 -28.30 12.03 33.36
N PHE D 232 -28.29 11.44 34.55
CA PHE D 232 -29.21 10.38 34.87
C PHE D 232 -29.89 10.72 36.16
N GLY D 233 -30.98 11.47 36.05
CA GLY D 233 -31.68 11.98 37.22
C GLY D 233 -31.58 13.49 37.27
N GLU D 234 -32.54 14.12 37.94
CA GLU D 234 -32.51 15.56 38.14
C GLU D 234 -31.39 15.86 39.12
N ALA D 235 -30.93 17.11 39.15
CA ALA D 235 -29.85 17.48 40.06
C ALA D 235 -30.33 17.65 41.50
N ARG D 236 -30.08 16.63 42.34
CA ARG D 236 -30.35 16.71 43.77
C ARG D 236 -29.27 17.53 44.45
N GLY D 237 -29.19 17.44 45.77
CA GLY D 237 -28.15 18.15 46.52
C GLY D 237 -27.66 17.35 47.71
N LEU D 238 -26.35 17.36 47.93
CA LEU D 238 -25.77 16.60 49.03
C LEU D 238 -26.20 17.13 50.41
N ALA D 239 -26.13 16.27 51.43
CA ALA D 239 -26.47 16.69 52.79
C ALA D 239 -25.89 15.75 53.85
N TRP D 240 -25.81 16.25 55.07
CA TRP D 240 -25.36 15.44 56.19
C TRP D 240 -26.45 14.52 56.72
N ALA D 241 -26.05 13.41 57.33
CA ALA D 241 -26.99 12.42 57.87
C ALA D 241 -26.82 12.21 59.38
N LEU D 242 -27.91 12.39 60.11
CA LEU D 242 -27.91 12.17 61.55
C LEU D 242 -28.89 11.08 61.91
N PRO D 243 -28.62 10.38 63.02
CA PRO D 243 -29.50 9.31 63.50
C PRO D 243 -30.91 9.81 63.86
N GLY D 244 -31.87 8.89 63.87
CA GLY D 244 -33.17 9.18 64.47
C GLY D 244 -33.00 9.13 65.97
N GLY D 245 -33.63 10.06 66.68
CA GLY D 245 -34.52 11.03 66.07
C GLY D 245 -35.61 11.42 67.07
N ASP D 246 -35.22 12.21 68.06
CA ASP D 246 -36.16 12.74 69.04
C ASP D 246 -35.61 14.08 69.50
N ASP D 247 -34.29 14.14 69.51
CA ASP D 247 -33.56 15.34 69.89
C ASP D 247 -33.16 16.13 68.64
N ASP D 248 -33.82 17.27 68.44
CA ASP D 248 -33.52 18.17 67.33
C ASP D 248 -32.37 19.12 67.69
N SER D 249 -31.61 18.76 68.71
CA SER D 249 -30.53 19.62 69.20
C SER D 249 -29.39 19.68 68.20
N LEU D 250 -28.72 18.55 68.04
CA LEU D 250 -27.57 18.47 67.13
C LEU D 250 -27.97 18.89 65.72
N MET D 251 -29.06 18.32 65.21
CA MET D 251 -29.49 18.58 63.84
C MET D 251 -29.92 20.01 63.63
N ASN D 252 -30.23 20.73 64.70
CA ASN D 252 -30.66 22.10 64.52
C ASN D 252 -29.50 23.07 64.58
N GLU D 253 -28.50 22.75 65.38
CA GLU D 253 -27.27 23.51 65.36
C GLU D 253 -26.61 23.31 63.99
N VAL D 254 -26.61 22.06 63.53
CA VAL D 254 -26.04 21.72 62.23
C VAL D 254 -26.71 22.50 61.12
N ASN D 255 -28.04 22.40 61.04
CA ASN D 255 -28.77 23.08 59.97
C ASN D 255 -28.59 24.60 60.02
N ALA D 256 -28.17 25.13 61.17
CA ALA D 256 -27.91 26.57 61.30
C ALA D 256 -26.53 26.92 60.76
N PHE D 257 -25.57 26.04 61.01
CA PHE D 257 -24.20 26.20 60.54
C PHE D 257 -24.13 26.14 59.00
N LEU D 258 -24.83 25.18 58.42
CA LEU D 258 -24.98 25.11 56.97
C LEU D 258 -26.02 26.12 56.49
N ASP D 259 -26.00 27.32 57.06
CA ASP D 259 -26.86 28.39 56.59
C ASP D 259 -26.05 29.68 56.54
N GLN D 260 -25.41 30.02 57.66
CA GLN D 260 -24.51 31.17 57.69
C GLN D 260 -23.31 30.87 56.83
N ALA D 261 -22.85 29.62 56.86
CA ALA D 261 -21.66 29.19 56.13
C ALA D 261 -21.82 29.27 54.61
N LYS D 262 -22.93 29.84 54.16
CA LYS D 262 -23.19 29.96 52.73
C LYS D 262 -23.98 31.21 52.40
N LYS D 263 -23.84 32.25 53.22
CA LYS D 263 -24.23 33.58 52.77
C LYS D 263 -23.54 33.79 51.42
N GLU D 264 -22.20 33.90 51.34
CA GLU D 264 -21.24 34.17 52.42
C GLU D 264 -19.82 34.25 51.82
N GLY D 265 -19.30 33.14 51.31
CA GLY D 265 -19.97 31.85 51.26
C GLY D 265 -18.96 30.72 51.38
N LEU D 266 -18.74 30.29 52.62
CA LEU D 266 -17.72 29.28 52.93
C LEU D 266 -17.85 28.02 52.09
N LEU D 267 -19.09 27.72 51.70
CA LEU D 267 -19.33 26.61 50.78
C LEU D 267 -18.66 26.89 49.45
N GLN D 268 -18.93 28.07 48.89
CA GLN D 268 -18.40 28.37 47.57
C GLN D 268 -16.88 28.30 47.56
N ARG D 269 -16.24 28.87 48.59
CA ARG D 269 -14.79 28.81 48.74
C ARG D 269 -14.27 27.36 48.77
N LEU D 270 -15.05 26.46 49.37
CA LEU D 270 -14.71 25.03 49.39
C LEU D 270 -14.94 24.38 48.02
N LYS D 271 -16.02 24.76 47.35
CA LYS D 271 -16.36 24.18 46.06
C LYS D 271 -15.21 24.30 45.06
N ASP D 272 -14.51 25.44 45.07
CA ASP D 272 -13.38 25.59 44.16
C ASP D 272 -12.05 25.62 44.92
N ARG D 273 -12.04 25.09 46.13
CA ARG D 273 -10.79 24.81 46.82
C ARG D 273 -10.41 23.34 46.58
N TYR D 274 -11.36 22.57 46.04
CA TYR D 274 -11.13 21.15 45.78
C TYR D 274 -11.48 20.72 44.36
N TYR D 275 -12.33 21.48 43.67
CA TYR D 275 -12.92 20.95 42.45
C TYR D 275 -12.36 21.55 41.16
N GLY D 276 -11.80 20.66 40.36
CA GLY D 276 -10.98 20.99 39.20
C GLY D 276 -9.57 20.52 39.52
N HIS D 277 -8.62 21.43 39.37
CA HIS D 277 -7.26 21.28 39.90
C HIS D 277 -6.41 20.20 39.23
N VAL D 278 -5.10 20.43 39.22
CA VAL D 278 -4.15 19.54 38.53
C VAL D 278 -3.20 18.81 39.47
N ASP D 279 -2.81 19.47 40.56
CA ASP D 279 -1.91 18.89 41.57
C ASP D 279 -0.45 18.80 41.07
N VAL D 280 -0.12 17.64 40.50
CA VAL D 280 1.22 17.36 39.94
C VAL D 280 1.31 17.75 38.47
N LEU D 281 2.13 18.75 38.16
CA LEU D 281 2.22 19.28 36.79
C LEU D 281 2.69 18.24 35.76
N GLY D 282 2.06 18.22 34.58
CA GLY D 282 2.40 17.27 33.53
C GLY D 282 3.68 17.60 32.75
N TYR D 283 4.40 16.57 32.30
CA TYR D 283 5.74 16.74 31.70
C TYR D 283 5.66 17.59 30.43
N VAL D 284 6.53 18.59 30.36
CA VAL D 284 6.40 19.66 29.36
C VAL D 284 7.00 19.34 28.01
N GLY D 285 8.01 18.46 27.97
CA GLY D 285 8.71 18.11 26.74
C GLY D 285 9.98 18.89 26.41
N ALA D 286 10.83 18.32 25.57
CA ALA D 286 12.08 18.96 25.18
C ALA D 286 11.95 20.44 24.81
N TYR D 287 10.99 20.79 23.96
CA TYR D 287 10.90 22.17 23.51
C TYR D 287 10.66 23.16 24.65
N THR D 288 9.65 22.90 25.48
CA THR D 288 9.31 23.87 26.52
C THR D 288 10.42 23.96 27.56
N PHE D 289 10.98 22.81 27.93
CA PHE D 289 12.17 22.81 28.77
C PHE D 289 13.26 23.43 27.91
N THR D 290 14.39 23.84 28.48
CA THR D 290 15.48 24.38 27.64
C THR D 290 15.15 25.77 27.08
N GLN D 291 14.01 25.87 26.41
CA GLN D 291 13.38 27.16 26.21
C GLN D 291 13.37 27.89 27.56
N HIS D 292 13.12 27.14 28.63
CA HIS D 292 13.22 27.69 29.98
C HIS D 292 14.63 27.64 30.56
N LEU D 293 15.42 26.64 30.19
CA LEU D 293 16.84 26.66 30.49
C LEU D 293 17.46 27.99 30.10
N GLN D 294 16.95 28.58 29.02
CA GLN D 294 17.51 29.84 28.50
C GLN D 294 16.82 31.07 29.09
N GLN D 295 15.51 31.00 29.30
CA GLN D 295 14.77 32.17 29.79
C GLN D 295 14.78 32.36 31.31
N ARG D 296 14.76 31.25 32.05
CA ARG D 296 14.49 31.32 33.48
C ARG D 296 15.65 30.84 34.36
N LEU D 297 16.24 29.70 34.00
CA LEU D 297 17.25 29.08 34.85
C LEU D 297 18.43 30.01 35.22
N PRO D 298 18.90 30.85 34.28
CA PRO D 298 19.99 31.78 34.62
C PRO D 298 19.69 32.70 35.80
N ARG D 299 18.45 33.15 35.94
CA ARG D 299 18.09 33.99 37.08
C ARG D 299 18.30 33.25 38.40
N TYR D 300 18.07 31.94 38.39
CA TYR D 300 18.04 31.19 39.63
C TYR D 300 19.20 30.18 39.78
N GLU D 301 19.95 29.96 38.70
CA GLU D 301 21.08 29.03 38.72
C GLU D 301 22.07 29.34 39.83
N SER D 302 22.37 30.63 40.02
CA SER D 302 23.19 31.07 41.15
C SER D 302 22.73 30.45 42.47
N HIS D 303 21.46 30.66 42.80
CA HIS D 303 20.89 30.22 44.07
C HIS D 303 20.87 28.70 44.25
N PHE D 304 20.63 27.96 43.17
CA PHE D 304 20.64 26.49 43.26
C PHE D 304 22.04 25.98 43.60
N LYS D 305 23.04 26.56 42.95
CA LYS D 305 24.41 26.12 43.14
C LYS D 305 24.93 26.33 44.56
N GLN D 306 24.64 27.49 45.16
CA GLN D 306 25.14 27.77 46.50
C GLN D 306 24.32 27.04 47.56
N SER D 307 23.07 26.72 47.25
CA SER D 307 22.27 25.87 48.14
C SER D 307 22.75 24.43 48.06
N GLY D 308 23.21 24.03 46.87
CA GLY D 308 23.70 22.69 46.66
C GLY D 308 25.05 22.39 47.30
N LYS D 309 25.90 23.39 47.42
CA LYS D 309 27.17 23.21 48.12
C LYS D 309 26.92 23.35 49.62
N GLN D 310 26.01 24.25 50.00
CA GLN D 310 25.65 24.44 51.39
C GLN D 310 25.04 23.18 52.01
N LYS D 311 24.72 22.20 51.17
CA LYS D 311 24.09 20.98 51.67
C LYS D 311 24.61 19.71 51.02
N ASP D 312 25.72 19.85 50.29
CA ASP D 312 26.46 18.69 49.76
C ASP D 312 25.63 17.85 48.78
N THR D 313 24.49 18.35 48.34
CA THR D 313 23.69 17.65 47.33
C THR D 313 23.96 18.25 45.95
N ASP D 314 23.72 17.43 44.92
CA ASP D 314 23.78 17.84 43.51
C ASP D 314 22.80 18.97 43.22
N TRP D 315 23.31 20.11 42.77
CA TRP D 315 22.48 21.29 42.56
C TRP D 315 21.46 21.08 41.46
N ARG D 316 21.70 20.07 40.63
CA ARG D 316 20.86 19.85 39.47
C ARG D 316 19.62 19.05 39.83
N LEU D 317 19.69 18.29 40.91
CA LEU D 317 18.51 17.61 41.38
C LEU D 317 17.59 18.65 42.04
N LEU D 318 18.20 19.59 42.74
CA LEU D 318 17.46 20.68 43.38
C LEU D 318 16.72 21.47 42.34
N ALA D 319 17.38 21.68 41.20
CA ALA D 319 16.83 22.49 40.14
C ALA D 319 15.65 21.78 39.44
N ALA D 320 15.73 20.47 39.30
CA ALA D 320 14.65 19.72 38.67
C ALA D 320 13.40 19.74 39.56
N ILE D 321 13.59 19.57 40.87
CA ILE D 321 12.50 19.76 41.82
C ILE D 321 11.80 21.09 41.59
N GLY D 322 12.57 22.18 41.64
CA GLY D 322 12.06 23.50 41.38
C GLY D 322 11.29 23.62 40.09
N TYR D 323 11.83 23.08 39.01
CA TYR D 323 11.13 23.18 37.74
C TYR D 323 9.84 22.40 37.75
N GLN D 324 9.84 21.23 38.38
CA GLN D 324 8.63 20.41 38.44
C GLN D 324 7.57 21.06 39.30
N GLU D 325 7.99 21.86 40.27
CA GLU D 325 7.02 22.51 41.16
C GLU D 325 6.40 23.75 40.53
N SER D 326 7.25 24.64 40.01
CA SER D 326 6.80 25.97 39.59
C SER D 326 7.25 26.35 38.17
N LEU D 327 7.96 25.45 37.51
CA LEU D 327 8.56 25.71 36.21
C LEU D 327 9.50 26.90 36.33
N TRP D 328 10.14 27.00 37.50
CA TRP D 328 11.10 28.05 37.82
C TRP D 328 10.43 29.41 37.80
N GLN D 329 9.25 29.47 38.38
CA GLN D 329 8.52 30.72 38.50
C GLN D 329 8.37 31.01 39.98
N PRO D 330 8.96 32.12 40.44
CA PRO D 330 9.04 32.38 41.87
C PRO D 330 7.72 32.88 42.48
N GLY D 331 6.79 33.32 41.64
CA GLY D 331 5.50 33.79 42.12
C GLY D 331 4.35 32.82 41.94
N ALA D 332 4.67 31.55 41.72
CA ALA D 332 3.67 30.52 41.52
C ALA D 332 2.91 30.19 42.81
N THR D 333 1.62 29.90 42.68
CA THR D 333 0.75 29.54 43.80
C THR D 333 -0.36 28.60 43.33
N SER D 334 -0.80 27.71 44.21
CA SER D 334 -1.99 26.92 43.95
C SER D 334 -3.01 27.18 45.04
N LYS D 335 -4.25 26.76 44.80
CA LYS D 335 -5.31 26.96 45.76
C LYS D 335 -5.17 26.02 46.96
N THR D 336 -3.99 25.42 47.09
CA THR D 336 -3.76 24.41 48.12
C THR D 336 -2.78 24.85 49.20
N GLY D 337 -2.27 26.07 49.12
CA GLY D 337 -1.40 26.58 50.16
C GLY D 337 0.08 26.63 49.83
N VAL D 338 0.51 25.86 48.83
CA VAL D 338 1.90 25.90 48.40
C VAL D 338 2.14 27.11 47.51
N ARG D 339 3.34 27.66 47.59
CA ARG D 339 3.62 28.91 46.94
C ARG D 339 5.11 29.14 46.87
N GLY D 340 5.54 29.84 45.82
CA GLY D 340 6.94 30.11 45.63
C GLY D 340 7.55 29.09 44.68
N LEU D 341 8.84 29.26 44.43
CA LEU D 341 9.56 28.50 43.42
C LEU D 341 9.69 27.00 43.76
N MET D 342 9.75 26.66 45.04
CA MET D 342 9.73 25.25 45.43
C MET D 342 8.35 24.83 45.95
N MET D 343 7.38 25.72 45.81
CA MET D 343 6.01 25.45 46.20
C MET D 343 5.93 24.87 47.61
N LEU D 344 6.34 25.67 48.59
CA LEU D 344 6.26 25.24 49.98
C LEU D 344 4.95 25.68 50.64
N THR D 345 4.45 24.81 51.51
CA THR D 345 3.34 25.15 52.37
C THR D 345 3.71 26.30 53.27
N ASN D 346 2.70 27.02 53.77
CA ASN D 346 2.98 28.10 54.70
C ASN D 346 3.65 27.60 55.97
N ARG D 347 3.24 26.42 56.44
CA ARG D 347 3.79 25.83 57.65
C ARG D 347 5.24 25.38 57.44
N THR D 348 5.51 24.77 56.31
CA THR D 348 6.82 24.19 56.07
C THR D 348 7.87 25.27 55.83
N ALA D 349 7.44 26.40 55.27
CA ALA D 349 8.35 27.52 55.05
C ALA D 349 8.83 28.10 56.37
N GLN D 350 7.92 28.14 57.35
CA GLN D 350 8.27 28.63 58.68
C GLN D 350 9.20 27.68 59.42
N ALA D 351 9.14 26.41 59.08
CA ALA D 351 9.95 25.39 59.73
C ALA D 351 11.32 25.27 59.04
N MET D 352 11.37 25.64 57.77
CA MET D 352 12.63 25.64 57.05
C MET D 352 13.33 26.98 57.22
N GLY D 353 12.59 27.94 57.78
CA GLY D 353 13.14 29.24 58.12
C GLY D 353 13.10 30.27 57.01
N VAL D 354 12.00 30.32 56.27
CA VAL D 354 11.86 31.33 55.22
C VAL D 354 10.68 32.26 55.53
N SER D 355 10.93 33.56 55.42
CA SER D 355 9.92 34.55 55.75
C SER D 355 9.16 34.98 54.51
N ASN D 356 9.87 35.09 53.39
CA ASN D 356 9.22 35.43 52.14
C ASN D 356 9.20 34.24 51.19
N ARG D 357 8.08 33.53 51.17
CA ARG D 357 7.90 32.39 50.29
C ARG D 357 8.12 32.76 48.83
N LEU D 358 8.01 34.06 48.52
CA LEU D 358 8.11 34.54 47.15
C LEU D 358 9.53 34.92 46.74
N ASP D 359 10.45 34.99 47.69
CA ASP D 359 11.86 35.17 47.34
C ASP D 359 12.48 33.85 46.89
N PRO D 360 12.94 33.80 45.65
CA PRO D 360 13.55 32.60 45.10
C PRO D 360 14.67 32.08 45.99
N LYS D 361 15.55 32.95 46.47
CA LYS D 361 16.66 32.50 47.31
C LYS D 361 16.15 31.78 48.55
N GLN D 362 15.36 32.49 49.36
CA GLN D 362 14.75 31.88 50.53
C GLN D 362 14.04 30.60 50.14
N SER D 363 13.29 30.66 49.04
CA SER D 363 12.47 29.54 48.62
C SER D 363 13.31 28.32 48.29
N ILE D 364 14.41 28.53 47.55
CA ILE D 364 15.28 27.44 47.14
C ILE D 364 16.08 26.79 48.29
N GLN D 365 16.54 27.58 49.25
CA GLN D 365 17.21 27.02 50.42
C GLN D 365 16.23 26.26 51.30
N GLY D 366 15.05 26.85 51.51
CA GLY D 366 14.03 26.18 52.30
C GLY D 366 13.63 24.84 51.69
N GLY D 367 13.16 24.88 50.45
CA GLY D 367 12.79 23.68 49.72
C GLY D 367 13.86 22.62 49.63
N SER D 368 15.11 23.02 49.46
CA SER D 368 16.20 22.06 49.35
C SER D 368 16.61 21.52 50.72
N LYS D 369 16.64 22.39 51.73
CA LYS D 369 16.89 21.95 53.10
C LYS D 369 15.85 20.90 53.49
N TYR D 370 14.59 21.14 53.13
CA TYR D 370 13.49 20.22 53.39
C TYR D 370 13.64 18.90 52.63
N PHE D 371 14.06 18.99 51.36
CA PHE D 371 14.30 17.80 50.56
C PHE D 371 15.42 16.97 51.16
N VAL D 372 16.61 17.57 51.28
CA VAL D 372 17.79 16.89 51.81
C VAL D 372 17.56 16.36 53.23
N GLN D 373 16.68 17.02 53.96
CA GLN D 373 16.37 16.61 55.33
C GLN D 373 15.50 15.36 55.34
N ILE D 374 14.44 15.37 54.55
CA ILE D 374 13.62 14.18 54.34
C ILE D 374 14.49 12.98 53.96
N ARG D 375 15.51 13.25 53.15
CA ARG D 375 16.35 12.21 52.57
C ARG D 375 17.38 11.61 53.51
N SER D 376 17.67 12.25 54.63
CA SER D 376 18.54 11.62 55.61
C SER D 376 17.74 11.28 56.86
N GLU D 377 16.42 11.39 56.74
CA GLU D 377 15.52 10.90 57.77
C GLU D 377 14.94 9.56 57.33
N LEU D 378 15.31 9.15 56.11
CA LEU D 378 14.86 7.86 55.58
C LEU D 378 15.55 6.69 56.28
N PRO D 379 14.88 5.54 56.36
CA PRO D 379 15.50 4.36 56.96
C PRO D 379 16.81 4.05 56.25
N GLU D 380 17.83 3.59 56.96
CA GLU D 380 19.14 3.46 56.35
C GLU D 380 19.26 2.27 55.38
N SER D 381 18.27 1.38 55.38
CA SER D 381 18.28 0.25 54.47
C SER D 381 18.26 0.70 53.00
N ILE D 382 17.75 1.91 52.76
CA ILE D 382 17.63 2.46 51.41
C ILE D 382 18.91 3.18 50.96
N LYS D 383 19.60 2.61 49.98
CA LYS D 383 20.86 3.16 49.50
C LYS D 383 20.66 4.06 48.28
N GLU D 384 21.65 4.87 47.96
CA GLU D 384 21.56 5.70 46.75
C GLU D 384 21.74 4.83 45.51
N PRO D 385 21.28 5.32 44.36
CA PRO D 385 20.56 6.59 44.27
C PRO D 385 19.10 6.44 44.72
N ASP D 386 18.66 5.20 44.91
CA ASP D 386 17.29 4.88 45.25
C ASP D 386 16.78 5.78 46.37
N ARG D 387 17.62 6.01 47.37
CA ARG D 387 17.31 6.87 48.51
C ARG D 387 16.84 8.27 48.09
N SER D 388 17.39 8.77 46.99
CA SER D 388 16.99 10.07 46.47
C SER D 388 15.63 10.00 45.80
N TRP D 389 15.37 8.94 45.04
CA TRP D 389 14.05 8.78 44.45
C TRP D 389 12.99 8.64 45.55
N PHE D 390 13.35 7.98 46.65
CA PHE D 390 12.43 7.76 47.75
C PHE D 390 12.13 9.10 48.43
N ALA D 391 13.13 9.96 48.45
CA ALA D 391 12.99 11.27 49.07
C ALA D 391 12.09 12.16 48.22
N LEU D 392 12.30 12.13 46.90
CA LEU D 392 11.40 12.81 45.96
C LEU D 392 9.99 12.32 46.23
N ALA D 393 9.87 11.02 46.37
CA ALA D 393 8.58 10.40 46.61
C ALA D 393 7.91 10.99 47.86
N ALA D 394 8.64 11.05 48.96
CA ALA D 394 8.10 11.60 50.20
C ALA D 394 7.90 13.10 50.11
N TYR D 395 8.73 13.78 49.33
CA TYR D 395 8.56 15.22 49.15
C TYR D 395 7.13 15.53 48.67
N ASN D 396 6.57 14.61 47.90
CA ASN D 396 5.28 14.84 47.27
C ASN D 396 4.09 14.20 48.00
N ILE D 397 4.24 12.96 48.44
CA ILE D 397 3.15 12.19 49.02
C ILE D 397 3.20 12.15 50.55
N GLY D 398 4.33 12.59 51.11
CA GLY D 398 4.56 12.56 52.54
C GLY D 398 5.10 11.21 52.99
N GLY D 399 6.01 11.22 53.96
CA GLY D 399 6.65 10.00 54.43
C GLY D 399 5.71 8.89 54.88
N ALA D 400 4.54 9.26 55.39
CA ALA D 400 3.64 8.31 56.02
C ALA D 400 2.99 7.38 55.00
N HIS D 401 2.48 7.94 53.91
CA HIS D 401 2.00 7.11 52.80
C HIS D 401 3.13 6.29 52.21
N LEU D 402 4.29 6.92 52.09
CA LEU D 402 5.45 6.29 51.49
C LEU D 402 5.82 5.07 52.30
N GLU D 403 5.65 5.16 53.62
CA GLU D 403 5.89 4.01 54.48
C GLU D 403 4.84 2.95 54.22
N ASP D 404 3.58 3.37 54.16
CA ASP D 404 2.50 2.46 53.82
C ASP D 404 2.79 1.70 52.53
N ALA D 405 3.56 2.32 51.65
CA ALA D 405 3.90 1.70 50.36
C ALA D 405 5.06 0.73 50.49
N ARG D 406 6.03 1.07 51.34
CA ARG D 406 7.14 0.19 51.61
C ARG D 406 6.66 -1.05 52.36
N LYS D 407 5.77 -0.85 53.33
CA LYS D 407 5.16 -1.96 54.05
C LYS D 407 4.41 -2.85 53.06
N MET D 408 3.59 -2.23 52.21
CA MET D 408 2.80 -2.98 51.25
C MET D 408 3.71 -3.81 50.36
N ALA D 409 4.78 -3.18 49.88
CA ALA D 409 5.72 -3.87 49.01
C ALA D 409 6.40 -5.07 49.69
N GLU D 410 6.65 -4.99 51.00
CA GLU D 410 7.31 -6.11 51.69
C GLU D 410 6.39 -7.33 51.75
N LYS D 411 5.12 -7.11 52.09
CA LYS D 411 4.15 -8.20 52.17
C LYS D 411 3.99 -8.90 50.82
N GLU D 412 4.17 -8.14 49.75
CA GLU D 412 4.08 -8.72 48.40
C GLU D 412 5.37 -9.41 48.01
N GLY D 413 6.30 -9.53 48.96
CA GLY D 413 7.57 -10.19 48.70
C GLY D 413 8.49 -9.41 47.79
N LEU D 414 8.37 -8.08 47.81
CA LEU D 414 9.26 -7.23 47.04
C LEU D 414 10.28 -6.58 47.97
N ASN D 415 11.30 -5.97 47.39
CA ASN D 415 12.31 -5.27 48.17
C ASN D 415 11.88 -3.83 48.49
N PRO D 416 11.59 -3.53 49.77
CA PRO D 416 11.11 -2.20 50.16
C PRO D 416 12.20 -1.14 50.16
N ASN D 417 13.40 -1.51 49.72
CA ASN D 417 14.49 -0.56 49.55
C ASN D 417 14.77 -0.29 48.08
N LYS D 418 13.94 -0.85 47.21
CA LYS D 418 14.15 -0.69 45.78
C LYS D 418 13.05 0.17 45.20
N TRP D 419 13.42 1.34 44.70
CA TRP D 419 12.45 2.25 44.14
C TRP D 419 11.69 1.64 42.99
N LEU D 420 12.30 0.72 42.26
CA LEU D 420 11.59 0.12 41.12
C LEU D 420 10.45 -0.76 41.62
N ASP D 421 10.62 -1.31 42.81
CA ASP D 421 9.60 -2.14 43.46
C ASP D 421 8.52 -1.31 44.16
N VAL D 422 8.93 -0.45 45.10
CA VAL D 422 8.01 0.43 45.82
C VAL D 422 7.20 1.32 44.88
N LYS D 423 7.83 1.76 43.80
CA LYS D 423 7.14 2.59 42.81
C LYS D 423 5.93 1.87 42.22
N LYS D 424 5.93 0.54 42.27
CA LYS D 424 4.81 -0.27 41.76
C LYS D 424 3.68 -0.41 42.77
N MET D 425 4.01 -0.27 44.05
CA MET D 425 3.00 -0.34 45.10
C MET D 425 2.22 0.97 45.18
N LEU D 426 2.91 2.08 44.93
CA LEU D 426 2.35 3.43 45.15
C LEU D 426 0.94 3.61 44.57
N PRO D 427 0.77 3.29 43.28
CA PRO D 427 -0.53 3.54 42.62
C PRO D 427 -1.67 2.76 43.26
N ARG D 428 -1.33 1.74 44.05
CA ARG D 428 -2.35 0.92 44.69
C ARG D 428 -2.99 1.62 45.87
N LEU D 429 -2.36 2.71 46.34
CA LEU D 429 -2.89 3.49 47.46
C LEU D 429 -4.19 4.14 47.04
N ALA D 430 -4.47 4.12 45.74
CA ALA D 430 -5.68 4.72 45.24
C ALA D 430 -6.73 3.67 44.94
N GLN D 431 -6.38 2.42 45.23
CA GLN D 431 -7.34 1.34 45.06
C GLN D 431 -7.84 0.88 46.43
N LYS D 432 -9.14 0.99 46.66
CA LYS D 432 -9.68 0.73 47.99
C LYS D 432 -9.35 -0.67 48.49
N GLN D 433 -9.50 -1.69 47.66
CA GLN D 433 -9.17 -3.05 48.06
C GLN D 433 -7.76 -3.12 48.61
N TRP D 434 -6.94 -2.15 48.21
CA TRP D 434 -5.56 -2.09 48.66
C TRP D 434 -5.32 -1.09 49.79
N TYR D 435 -5.82 0.14 49.64
CA TYR D 435 -5.50 1.17 50.65
C TYR D 435 -6.28 1.00 51.96
N ALA D 436 -7.38 0.26 51.91
CA ALA D 436 -8.17 0.05 53.10
C ALA D 436 -7.45 -0.90 54.04
N LYS D 437 -6.33 -1.45 53.59
CA LYS D 437 -5.55 -2.31 54.45
C LYS D 437 -4.25 -1.63 54.89
N THR D 438 -4.19 -0.30 54.78
CA THR D 438 -2.99 0.44 55.21
C THR D 438 -3.31 1.41 56.33
N ARG D 439 -2.27 1.87 57.04
CA ARG D 439 -2.43 2.67 58.25
C ARG D 439 -3.05 4.03 57.96
N TYR D 440 -2.72 4.60 56.80
CA TYR D 440 -3.10 5.96 56.44
C TYR D 440 -4.01 6.05 55.22
N GLY D 441 -4.40 4.89 54.71
CA GLY D 441 -5.41 4.80 53.68
C GLY D 441 -5.08 5.54 52.39
N TYR D 442 -6.14 5.98 51.72
CA TYR D 442 -6.05 6.57 50.39
C TYR D 442 -5.01 7.68 50.19
N ALA D 443 -4.24 7.51 49.11
CA ALA D 443 -3.34 8.53 48.57
C ALA D 443 -3.32 8.34 47.06
N ARG D 444 -3.21 9.42 46.30
CA ARG D 444 -3.19 9.29 44.85
C ARG D 444 -1.77 8.98 44.36
N GLY D 445 -1.22 7.88 44.85
CA GLY D 445 0.16 7.52 44.61
C GLY D 445 0.59 7.53 43.17
N GLY D 446 -0.35 7.26 42.27
CA GLY D 446 -0.07 7.31 40.84
C GLY D 446 0.50 8.67 40.46
N GLU D 447 -0.02 9.73 41.06
CA GLU D 447 0.46 11.07 40.74
C GLU D 447 1.79 11.34 41.38
N THR D 448 2.03 10.72 42.52
CA THR D 448 3.34 10.81 43.15
C THR D 448 4.40 10.12 42.29
N VAL D 449 4.01 9.08 41.56
CA VAL D 449 4.96 8.39 40.70
C VAL D 449 5.34 9.23 39.49
N HIS D 450 4.37 9.92 38.90
CA HIS D 450 4.64 10.86 37.81
C HIS D 450 5.55 11.97 38.29
N PHE D 451 5.38 12.35 39.55
CA PHE D 451 6.21 13.39 40.14
C PHE D 451 7.64 12.96 40.03
N VAL D 452 7.97 11.84 40.66
CA VAL D 452 9.35 11.38 40.68
C VAL D 452 9.90 11.20 39.27
N GLN D 453 9.14 10.57 38.38
CA GLN D 453 9.71 10.24 37.08
C GLN D 453 9.90 11.54 36.29
N ASN D 454 9.02 12.49 36.48
CA ASN D 454 9.23 13.82 35.90
C ASN D 454 10.50 14.52 36.41
N VAL D 455 10.70 14.57 37.73
CA VAL D 455 11.88 15.23 38.29
C VAL D 455 13.12 14.53 37.76
N ARG D 456 13.07 13.21 37.70
CA ARG D 456 14.20 12.42 37.23
C ARG D 456 14.55 12.72 35.78
N ARG D 457 13.52 12.94 34.98
CA ARG D 457 13.68 13.22 33.56
C ARG D 457 14.40 14.58 33.39
N TYR D 458 13.87 15.62 34.03
CA TYR D 458 14.48 16.95 34.05
C TYR D 458 15.91 16.90 34.55
N TYR D 459 16.15 16.05 35.56
CA TYR D 459 17.47 15.87 36.11
C TYR D 459 18.44 15.29 35.09
N ASP D 460 18.00 14.28 34.34
CA ASP D 460 18.85 13.72 33.27
C ASP D 460 19.29 14.82 32.28
N ILE D 461 18.37 15.68 31.89
CA ILE D 461 18.66 16.66 30.87
C ILE D 461 19.61 17.73 31.41
N LEU D 462 19.33 18.23 32.60
CA LEU D 462 20.26 19.18 33.23
C LEU D 462 21.65 18.60 33.38
N THR D 463 21.75 17.37 33.86
CA THR D 463 23.07 16.73 33.97
C THR D 463 23.73 16.71 32.60
N TRP D 464 23.00 16.23 31.60
CA TRP D 464 23.55 16.08 30.25
C TRP D 464 24.07 17.39 29.66
N VAL D 465 23.45 18.51 30.03
CA VAL D 465 23.94 19.83 29.64
C VAL D 465 24.86 20.43 30.71
N THR D 466 25.83 19.65 31.19
CA THR D 466 26.90 20.20 32.03
C THR D 466 28.02 19.15 32.16
N GLN D 467 29.17 19.40 31.53
CA GLN D 467 30.33 18.50 31.59
C GLN D 467 31.64 19.16 31.16
O3 AH0 E 1 32.08 -2.45 -40.78
CA AH0 E 1 33.04 -2.82 -41.43
CB AH0 E 1 32.62 -3.40 -42.77
C AH0 E 1 33.89 -3.86 -40.67
O AH0 E 1 35.07 -3.59 -40.49
HA AH0 E 1 33.63 -2.06 -41.62
HB1 AH0 E 1 31.97 -4.12 -42.64
HB2 AH0 E 1 33.42 -3.76 -43.24
HB3 AH0 E 1 32.22 -2.70 -43.32
N ALA E 2 33.40 -5.12 -40.16
CA ALA E 2 32.05 -5.57 -40.31
C ALA E 2 31.21 -5.33 -39.07
N DGL E 3 29.86 -5.84 -39.03
CA DGL E 3 29.05 -5.61 -37.90
C DGL E 3 28.77 -4.15 -37.88
O DGL E 3 29.46 -3.39 -37.18
CB DGL E 3 27.75 -6.39 -38.07
CG DGL E 3 27.36 -6.96 -36.70
CD DGL E 3 25.89 -6.65 -36.38
OE1 DGL E 3 25.40 -5.56 -36.61
OXT DGL E 3 27.86 -3.69 -38.60
H DGL E 3 29.52 -6.28 -39.76
HA DGL E 3 29.51 -5.89 -37.09
HB2 DGL E 3 27.04 -5.78 -38.38
HB3 DGL E 3 27.87 -7.12 -38.72
HG2 DGL E 3 27.49 -7.93 -36.71
HG3 DGL E 3 27.93 -6.58 -36.00
C API E 4 23.21 -8.06 -34.16
CA API E 4 23.73 -7.52 -35.51
C3 API E 4 22.99 -8.11 -36.70
C4 API E 4 22.17 -6.97 -37.36
C5 API E 4 22.51 -6.58 -38.81
C6 API E 4 22.87 -5.10 -38.87
C7 API E 4 22.13 -4.38 -39.96
O API E 4 22.19 -7.53 -33.78
O3 API E 4 21.72 -3.25 -39.81
O4 API E 4 21.95 -4.90 -41.04
N API E 4 25.11 -7.74 -35.80
N6 API E 4 24.27 -4.95 -39.13
HA API E 4 23.58 -6.56 -35.52
H31 API E 4 23.64 -8.46 -37.34
H32 API E 4 22.40 -8.82 -36.40
H41 API E 4 21.22 -7.24 -37.33
H42 API E 4 22.27 -6.17 -36.79
H51 API E 4 23.28 -7.11 -39.12
H52 API E 4 21.75 -6.74 -39.38
H6 API E 4 22.67 -4.68 -38.01
H API E 4 25.50 -8.55 -35.65
HN61 API E 4 24.75 -5.36 -38.45
HN62 API E 4 24.47 -5.36 -39.92
HNAO API E 4 24.48 -4.06 -39.17
N DAL E 5 23.83 -9.06 -33.28
CA DAL E 5 25.07 -9.79 -33.52
CB DAL E 5 24.88 -10.74 -34.68
C DAL E 5 25.38 -10.61 -32.29
O DAL E 5 26.11 -11.57 -32.38
H DAL E 5 23.39 -9.24 -32.51
HA DAL E 5 25.79 -9.16 -33.71
HB1 DAL E 5 24.00 -11.16 -34.62
HB2 DAL E 5 25.57 -11.45 -34.64
HB3 DAL E 5 24.97 -10.25 -35.53
N DAL E 6 24.83 -10.30 -31.00
CA DAL E 6 25.14 -11.12 -29.86
CB DAL E 6 26.62 -11.23 -29.66
C DAL E 6 24.54 -12.51 -30.00
O DAL E 6 24.76 -13.39 -29.15
OXT DAL E 6 23.82 -12.82 -31.00
H DAL E 6 24.27 -9.59 -30.91
HA DAL E 6 24.75 -10.71 -29.08
HB1 DAL E 6 27.05 -10.38 -29.90
HB2 DAL E 6 26.80 -11.42 -28.72
HB3 DAL E 6 26.98 -11.95 -30.21
CL CL F . -7.21 -3.64 -8.28
CL CL G . -19.70 17.95 -49.78
#